data_6V28
#
_entry.id   6V28
#
_cell.length_a   151.342
_cell.length_b   62.538
_cell.length_c   141.299
_cell.angle_alpha   90.000
_cell.angle_beta   117.680
_cell.angle_gamma   90.000
#
_symmetry.space_group_name_H-M   'C 1 2 1'
#
loop_
_entity.id
_entity.type
_entity.pdbx_description
1 polymer 'L-asparaginase 2'
2 non-polymer IMIDAZOLE
3 non-polymer GLYCEROL
4 water water
#
_entity_poly.entity_id   1
_entity_poly.type   'polypeptide(L)'
_entity_poly.pdbx_seq_one_letter_code
;MHHHHHHLPNITILATGG(AEI)IAGGGDSATKSNYTVGKVGVENLVNAVPQLKDIANVKGEQVVNIGSQDMNDNVWLTL
AKKINTDCDKTDGFVITHGVDTMEETAYFLDLTVKCDKPVVMVGAMRPSTSMSADGPFNLYNAVVTAADKASANRGVLVV
MNDTVLDGRDVTTTNTTDVATFKSVNYGPLGYIHNGKIDYQRTPARKHTSDTPFDVSKLNELPKVGIVYNYANASDLPAK
ALVDAGYDGIVSAGVGNGNLYKSVFDTLATAAKTGTAVVRSSRVPTGATTQDAEVDDAKYGFVASGTLNPQKARVLLQLA
LTQTKDPQQIQQIFNQY
;
_entity_poly.pdbx_strand_id   A,B,C,D
#
loop_
_chem_comp.id
_chem_comp.type
_chem_comp.name
_chem_comp.formula
GOL non-polymer GLYCEROL 'C3 H8 O3'
IMD non-polymer IMIDAZOLE 'C3 H5 N2 1'
#
# COMPACT_ATOMS: atom_id res chain seq x y z
N LEU A 8 5.11 4.99 -34.31
CA LEU A 8 5.83 4.98 -32.97
C LEU A 8 6.28 3.59 -32.48
N PRO A 9 7.51 3.46 -31.98
CA PRO A 9 8.02 2.15 -31.59
C PRO A 9 7.34 1.53 -30.37
N ASN A 10 7.36 0.20 -30.33
CA ASN A 10 6.86 -0.63 -29.25
C ASN A 10 7.98 -0.84 -28.26
N ILE A 11 7.74 -0.42 -27.02
CA ILE A 11 8.73 -0.51 -25.93
C ILE A 11 8.15 -1.28 -24.74
N THR A 12 8.91 -2.24 -24.22
CA THR A 12 8.46 -3.09 -23.10
C THR A 12 9.13 -2.62 -21.86
N ILE A 13 8.35 -2.38 -20.81
CA ILE A 13 8.91 -2.05 -19.51
C ILE A 13 8.88 -3.34 -18.71
N LEU A 14 10.06 -3.79 -18.29
CA LEU A 14 10.17 -4.88 -17.32
C LEU A 14 10.48 -4.23 -15.99
N ALA A 15 9.50 -4.31 -15.07
CA ALA A 15 9.64 -3.68 -13.74
C ALA A 15 10.13 -4.67 -12.67
N THR A 16 11.08 -4.22 -11.84
CA THR A 16 11.62 -5.05 -10.78
C THR A 16 11.48 -4.45 -9.38
N GLY A 17 10.86 -3.27 -9.25
CA GLY A 17 10.69 -2.59 -7.95
C GLY A 17 11.54 -1.32 -7.88
N GLY A 18 12.33 -1.18 -6.82
CA GLY A 18 13.18 0.02 -6.71
C GLY A 18 12.44 1.19 -6.09
N AEI A 19 13.22 2.20 -5.75
CA AEI A 19 12.72 3.50 -5.22
C AEI A 19 11.79 4.23 -6.19
O AEI A 19 10.87 4.98 -5.73
CB AEI A 19 13.94 4.42 -4.88
CG2 AEI A 19 13.54 5.82 -4.40
OG1 AEI A 19 14.84 3.81 -3.88
CD AEI A 19 15.99 3.13 -4.38
OE1 AEI A 19 16.34 2.94 -5.53
CE2 AEI A 19 16.82 2.54 -3.26
CZ AEI A 19 16.37 1.08 -2.92
NH1 AEI A 19 17.09 0.59 -1.75
CH2 AEI A 19 16.61 0.19 -4.12
OT1 AEI A 19 17.77 0.07 -4.56
OT2 AEI A 19 15.62 -0.46 -4.63
N ILE A 20 12.04 4.04 -7.50
CA ILE A 20 11.13 4.57 -8.58
C ILE A 20 9.69 4.10 -8.36
N ALA A 21 9.55 2.91 -7.73
CA ALA A 21 8.28 2.28 -7.32
C ALA A 21 8.13 2.33 -5.77
N GLY A 22 8.80 3.30 -5.11
CA GLY A 22 8.76 3.38 -3.64
C GLY A 22 7.76 4.43 -3.21
N GLY A 23 7.42 4.41 -1.94
CA GLY A 23 6.45 5.35 -1.38
C GLY A 23 6.59 5.54 0.12
N GLY A 24 6.26 6.75 0.58
CA GLY A 24 6.25 7.11 1.99
C GLY A 24 5.00 7.89 2.21
N ASP A 25 4.65 8.16 3.47
CA ASP A 25 3.37 8.83 3.84
C ASP A 25 3.36 10.37 3.68
N SER A 26 4.57 10.95 3.43
CA SER A 26 4.77 12.41 3.30
CA SER A 26 4.72 12.39 3.28
C SER A 26 5.64 12.67 2.10
N ALA A 27 5.29 13.71 1.33
CA ALA A 27 6.08 14.16 0.18
C ALA A 27 7.44 14.76 0.57
N THR A 28 7.53 15.07 1.84
CA THR A 28 8.45 16.01 2.38
C THR A 28 9.48 15.24 3.20
N LYS A 29 9.05 14.32 4.07
CA LYS A 29 9.97 13.40 4.78
C LYS A 29 10.65 12.28 3.97
N SER A 30 11.84 11.91 4.41
CA SER A 30 12.75 11.07 3.64
C SER A 30 12.37 9.58 3.70
N ASN A 31 11.59 9.21 4.73
CA ASN A 31 11.18 7.79 4.93
C ASN A 31 10.45 7.25 3.69
N TYR A 32 10.78 6.02 3.29
CA TYR A 32 9.96 5.27 2.33
C TYR A 32 10.27 3.72 2.36
N THR A 33 9.34 2.94 1.78
CA THR A 33 9.43 1.48 1.60
C THR A 33 9.32 1.20 0.08
N VAL A 34 9.84 0.07 -0.37
CA VAL A 34 9.62 -0.37 -1.77
C VAL A 34 8.89 -1.72 -1.79
N GLY A 35 8.11 -1.98 -2.86
CA GLY A 35 7.44 -3.31 -3.06
C GLY A 35 5.93 -3.28 -3.17
N LYS A 36 5.33 -2.08 -3.14
CA LYS A 36 3.88 -1.83 -3.00
C LYS A 36 3.38 -0.79 -4.08
N VAL A 37 4.14 -0.62 -5.17
CA VAL A 37 3.71 0.27 -6.28
C VAL A 37 3.96 -0.45 -7.59
N GLY A 38 2.88 -0.77 -8.34
CA GLY A 38 2.95 -1.55 -9.59
C GLY A 38 3.31 -0.70 -10.81
N VAL A 39 3.73 -1.39 -11.88
CA VAL A 39 4.20 -0.73 -13.15
C VAL A 39 3.17 0.24 -13.78
N GLU A 40 1.90 -0.14 -13.72
CA GLU A 40 0.80 0.63 -14.32
C GLU A 40 0.78 2.05 -13.72
N ASN A 41 0.93 2.11 -12.39
CA ASN A 41 1.04 3.34 -11.66
C ASN A 41 2.24 4.18 -12.19
N LEU A 42 3.38 3.56 -12.47
CA LEU A 42 4.52 4.36 -12.99
C LEU A 42 4.24 4.93 -14.35
N VAL A 43 3.67 4.10 -15.21
CA VAL A 43 3.33 4.52 -16.58
C VAL A 43 2.34 5.68 -16.60
N ASN A 44 1.27 5.54 -15.80
CA ASN A 44 0.23 6.56 -15.73
C ASN A 44 0.72 7.85 -15.11
N ALA A 45 1.79 7.81 -14.34
CA ALA A 45 2.43 9.05 -13.83
C ALA A 45 3.20 9.81 -14.90
N VAL A 46 3.37 9.22 -16.09
CA VAL A 46 4.12 9.86 -17.18
C VAL A 46 3.23 9.83 -18.44
N PRO A 47 2.19 10.72 -18.47
CA PRO A 47 1.21 10.70 -19.59
C PRO A 47 1.92 10.92 -20.92
N GLN A 48 2.97 11.73 -20.92
CA GLN A 48 3.64 12.10 -22.17
C GLN A 48 4.37 10.96 -22.88
N LEU A 49 4.51 9.80 -22.24
CA LEU A 49 5.05 8.62 -22.91
C LEU A 49 4.25 8.23 -24.14
N LYS A 50 2.96 8.52 -24.16
CA LYS A 50 2.20 8.30 -25.41
C LYS A 50 2.77 9.03 -26.63
N ASP A 51 3.40 10.19 -26.44
CA ASP A 51 3.93 10.94 -27.56
C ASP A 51 5.14 10.21 -28.18
N ILE A 52 5.81 9.31 -27.45
CA ILE A 52 7.10 8.73 -27.90
C ILE A 52 7.11 7.18 -28.15
N ALA A 53 6.22 6.40 -27.54
CA ALA A 53 6.18 4.96 -27.74
C ALA A 53 4.86 4.37 -27.37
N ASN A 54 4.60 3.20 -27.93
CA ASN A 54 3.57 2.27 -27.48
C ASN A 54 4.14 1.43 -26.36
N VAL A 55 3.81 1.82 -25.14
CA VAL A 55 4.42 1.22 -23.95
C VAL A 55 3.61 0.03 -23.47
N LYS A 56 4.28 -1.07 -23.14
CA LYS A 56 3.66 -2.24 -22.51
C LYS A 56 4.48 -2.60 -21.24
N GLY A 57 3.84 -2.64 -20.08
CA GLY A 57 4.50 -2.98 -18.84
C GLY A 57 4.27 -4.39 -18.34
N GLU A 58 5.31 -5.03 -17.80
CA GLU A 58 5.22 -6.29 -17.04
C GLU A 58 6.00 -6.20 -15.74
N GLN A 59 5.39 -6.62 -14.63
CA GLN A 59 6.01 -6.64 -13.28
C GLN A 59 6.73 -7.97 -13.14
N VAL A 60 8.06 -8.00 -13.31
CA VAL A 60 8.82 -9.24 -13.25
C VAL A 60 8.97 -9.69 -11.80
N VAL A 61 9.37 -8.75 -10.96
CA VAL A 61 9.37 -8.88 -9.48
C VAL A 61 9.13 -7.46 -8.97
N ASN A 62 9.01 -7.31 -7.64
CA ASN A 62 8.80 -6.00 -7.02
C ASN A 62 9.59 -5.93 -5.73
N ILE A 63 10.87 -5.59 -5.82
CA ILE A 63 11.77 -5.62 -4.68
C ILE A 63 12.70 -4.42 -4.63
N GLY A 64 13.16 -4.11 -3.39
CA GLY A 64 14.30 -3.19 -3.27
C GLY A 64 15.50 -3.84 -3.96
N SER A 65 16.30 -3.09 -4.73
CA SER A 65 17.47 -3.70 -5.37
C SER A 65 18.61 -4.13 -4.39
N GLN A 66 18.55 -3.71 -3.12
CA GLN A 66 19.41 -4.26 -2.07
C GLN A 66 19.21 -5.77 -1.92
N ASP A 67 18.07 -6.27 -2.34
CA ASP A 67 17.76 -7.69 -2.38
C ASP A 67 17.86 -8.37 -3.74
N MET A 68 18.46 -7.68 -4.72
CA MET A 68 18.68 -8.27 -6.05
C MET A 68 19.49 -9.56 -5.87
N ASN A 69 19.29 -10.52 -6.75
CA ASN A 69 20.01 -11.82 -6.62
C ASN A 69 20.15 -12.52 -7.97
N ASP A 70 20.90 -13.62 -7.99
CA ASP A 70 21.20 -14.37 -9.24
C ASP A 70 19.91 -14.75 -10.02
N ASN A 71 18.89 -15.19 -9.31
CA ASN A 71 17.76 -15.76 -9.98
CA ASN A 71 17.71 -15.75 -9.97
C ASN A 71 16.95 -14.68 -10.75
N VAL A 72 16.93 -13.44 -10.23
CA VAL A 72 16.30 -12.31 -10.95
C VAL A 72 17.16 -11.98 -12.17
N TRP A 73 18.48 -11.99 -12.01
CA TRP A 73 19.33 -11.83 -13.15
C TRP A 73 19.07 -12.81 -14.28
N LEU A 74 19.03 -14.09 -13.95
CA LEU A 74 18.74 -15.12 -14.98
C LEU A 74 17.35 -14.94 -15.60
N THR A 75 16.35 -14.65 -14.77
CA THR A 75 14.99 -14.43 -15.27
C THR A 75 14.97 -13.26 -16.29
N LEU A 76 15.51 -12.13 -15.90
CA LEU A 76 15.61 -10.99 -16.82
C LEU A 76 16.32 -11.28 -18.17
N ALA A 77 17.49 -11.91 -18.13
CA ALA A 77 18.26 -12.13 -19.35
C ALA A 77 17.52 -13.06 -20.25
N LYS A 78 17.03 -14.18 -19.71
CA LYS A 78 16.27 -15.11 -20.50
C LYS A 78 14.98 -14.47 -21.11
N LYS A 79 14.29 -13.69 -20.30
CA LYS A 79 13.11 -12.97 -20.80
C LYS A 79 13.42 -11.97 -21.95
N ILE A 80 14.46 -11.17 -21.82
CA ILE A 80 14.83 -10.26 -22.91
C ILE A 80 15.24 -11.03 -24.18
N ASN A 81 16.05 -12.09 -24.00
CA ASN A 81 16.49 -12.89 -25.14
C ASN A 81 15.33 -13.58 -25.79
N THR A 82 14.38 -14.01 -24.99
CA THR A 82 13.20 -14.68 -25.49
C THR A 82 12.28 -13.73 -26.22
N ASP A 83 12.03 -12.58 -25.65
CA ASP A 83 11.01 -11.68 -26.22
C ASP A 83 11.57 -10.67 -27.22
N CYS A 84 12.89 -10.68 -27.42
CA CYS A 84 13.57 -9.72 -28.30
C CYS A 84 12.75 -9.41 -29.59
N ASP A 85 12.29 -10.45 -30.27
CA ASP A 85 11.52 -10.28 -31.49
C ASP A 85 10.10 -9.73 -31.35
N LYS A 86 9.60 -9.57 -30.16
CA LYS A 86 8.24 -9.10 -29.94
C LYS A 86 8.17 -7.59 -29.71
N THR A 87 9.31 -6.92 -29.68
CA THR A 87 9.32 -5.53 -29.26
C THR A 87 10.47 -4.79 -29.93
N ASP A 88 10.41 -3.46 -29.87
CA ASP A 88 11.46 -2.68 -30.45
C ASP A 88 12.51 -2.24 -29.47
N GLY A 89 12.21 -2.28 -28.18
CA GLY A 89 13.14 -1.98 -27.13
C GLY A 89 12.63 -2.31 -25.73
N PHE A 90 13.56 -2.34 -24.77
CA PHE A 90 13.25 -2.62 -23.41
C PHE A 90 13.70 -1.48 -22.48
N VAL A 91 12.84 -1.14 -21.54
CA VAL A 91 13.22 -0.36 -20.39
C VAL A 91 13.08 -1.25 -19.14
N ILE A 92 14.06 -1.19 -18.25
CA ILE A 92 13.98 -1.95 -16.97
C ILE A 92 14.01 -1.02 -15.77
N THR A 93 12.91 -0.94 -15.05
CA THR A 93 12.83 -0.13 -13.83
C THR A 93 13.43 -0.94 -12.68
N HIS A 94 14.35 -0.31 -11.93
CA HIS A 94 15.18 -0.99 -10.94
C HIS A 94 15.65 -0.04 -9.86
N GLY A 95 15.93 -0.60 -8.70
CA GLY A 95 16.49 0.23 -7.63
C GLY A 95 17.88 0.74 -8.03
N VAL A 96 18.25 1.78 -7.34
CA VAL A 96 19.55 2.41 -7.46
CA VAL A 96 19.56 2.35 -7.56
C VAL A 96 20.70 1.55 -6.94
N ASP A 97 20.45 0.92 -5.80
CA ASP A 97 21.49 0.33 -4.98
C ASP A 97 22.40 -0.64 -5.75
N THR A 98 21.83 -1.54 -6.57
CA THR A 98 22.55 -2.59 -7.30
C THR A 98 22.40 -2.48 -8.80
N MET A 99 21.90 -1.35 -9.27
CA MET A 99 21.68 -1.12 -10.71
C MET A 99 22.95 -1.40 -11.53
N GLU A 100 24.09 -0.99 -11.01
CA GLU A 100 25.38 -1.16 -11.72
C GLU A 100 25.80 -2.61 -11.87
N GLU A 101 25.26 -3.46 -11.00
CA GLU A 101 25.56 -4.85 -11.05
C GLU A 101 24.63 -5.49 -12.06
N THR A 102 23.32 -5.31 -11.89
CA THR A 102 22.38 -5.87 -12.87
C THR A 102 22.67 -5.39 -14.29
N ALA A 103 22.93 -4.09 -14.45
CA ALA A 103 23.25 -3.54 -15.81
C ALA A 103 24.42 -4.25 -16.49
N TYR A 104 25.46 -4.60 -15.72
CA TYR A 104 26.65 -5.25 -16.28
C TYR A 104 26.37 -6.72 -16.57
N PHE A 105 25.64 -7.39 -15.69
CA PHE A 105 25.26 -8.76 -15.95
C PHE A 105 24.53 -8.86 -17.26
N LEU A 106 23.56 -7.97 -17.44
CA LEU A 106 22.74 -8.01 -18.64
C LEU A 106 23.58 -7.60 -19.88
N ASP A 107 24.50 -6.67 -19.64
CA ASP A 107 25.48 -6.27 -20.69
C ASP A 107 26.26 -7.46 -21.24
N LEU A 108 26.50 -8.45 -20.36
CA LEU A 108 27.31 -9.58 -20.71
C LEU A 108 26.48 -10.79 -21.20
N THR A 109 25.17 -10.82 -20.89
CA THR A 109 24.33 -11.98 -21.21
C THR A 109 23.20 -11.73 -22.17
N VAL A 110 22.73 -10.48 -22.34
CA VAL A 110 21.71 -10.28 -23.39
C VAL A 110 22.26 -10.42 -24.79
N LYS A 111 21.53 -11.15 -25.62
CA LYS A 111 21.85 -11.35 -27.03
C LYS A 111 20.95 -10.52 -27.96
N CYS A 112 19.97 -9.82 -27.40
CA CYS A 112 19.17 -8.85 -28.12
C CYS A 112 20.03 -7.62 -28.36
N ASP A 113 20.19 -7.20 -29.61
CA ASP A 113 20.98 -5.94 -29.79
C ASP A 113 20.13 -4.65 -29.98
N LYS A 114 18.82 -4.87 -29.95
CA LYS A 114 17.85 -3.82 -29.65
C LYS A 114 18.16 -3.15 -28.31
N PRO A 115 17.82 -1.85 -28.19
CA PRO A 115 18.16 -1.16 -26.95
C PRO A 115 17.54 -1.78 -25.69
N VAL A 116 18.40 -1.99 -24.70
CA VAL A 116 18.06 -2.39 -23.37
C VAL A 116 18.52 -1.29 -22.39
N VAL A 117 17.57 -0.59 -21.78
CA VAL A 117 17.87 0.57 -20.93
C VAL A 117 17.36 0.35 -19.52
N MET A 118 18.19 0.58 -18.51
CA MET A 118 17.76 0.53 -17.14
C MET A 118 17.55 1.92 -16.63
N VAL A 119 16.58 2.03 -15.73
CA VAL A 119 16.23 3.29 -15.15
C VAL A 119 15.77 3.13 -13.73
N GLY A 120 16.08 4.16 -12.91
CA GLY A 120 15.63 4.19 -11.55
C GLY A 120 15.36 5.62 -11.11
N ALA A 121 15.23 5.81 -9.79
CA ALA A 121 15.02 7.14 -9.21
C ALA A 121 15.65 7.10 -7.86
N MET A 122 16.17 8.25 -7.48
CA MET A 122 16.76 8.44 -6.18
CA MET A 122 16.75 8.45 -6.17
C MET A 122 15.70 8.86 -5.17
N ARG A 123 14.66 9.57 -5.61
CA ARG A 123 13.60 9.97 -4.70
C ARG A 123 12.35 9.10 -4.90
N PRO A 124 11.61 8.83 -3.80
CA PRO A 124 10.45 7.97 -4.03
C PRO A 124 9.43 8.73 -4.89
N SER A 125 8.56 7.93 -5.51
CA SER A 125 7.45 8.37 -6.35
C SER A 125 6.53 9.31 -5.65
N THR A 126 6.45 9.17 -4.32
CA THR A 126 5.66 10.08 -3.47
C THR A 126 6.27 11.47 -3.14
N SER A 127 7.54 11.72 -3.47
CA SER A 127 8.19 12.88 -2.90
C SER A 127 8.01 14.10 -3.75
N MET A 128 8.27 15.24 -3.15
CA MET A 128 8.28 16.47 -3.88
C MET A 128 9.46 16.43 -4.90
N SER A 129 9.23 16.93 -6.09
CA SER A 129 10.26 16.93 -7.14
C SER A 129 10.82 15.54 -7.41
N ALA A 130 9.94 14.53 -7.38
CA ALA A 130 10.31 13.15 -7.68
C ALA A 130 11.01 13.05 -9.04
N ASP A 131 12.18 12.43 -9.07
CA ASP A 131 12.99 12.35 -10.31
C ASP A 131 12.49 11.22 -11.23
N GLY A 132 11.71 10.25 -10.69
CA GLY A 132 11.34 9.05 -11.49
C GLY A 132 10.62 9.28 -12.83
N PRO A 133 9.60 10.15 -12.82
CA PRO A 133 8.83 10.42 -14.06
C PRO A 133 9.68 10.87 -15.23
N PHE A 134 10.46 11.93 -15.07
CA PHE A 134 11.34 12.37 -16.16
C PHE A 134 12.43 11.36 -16.51
N ASN A 135 12.96 10.67 -15.52
CA ASN A 135 13.95 9.61 -15.81
C ASN A 135 13.31 8.50 -16.71
N LEU A 136 12.10 8.13 -16.37
CA LEU A 136 11.42 7.07 -17.14
C LEU A 136 11.15 7.55 -18.58
N TYR A 137 10.75 8.80 -18.71
CA TYR A 137 10.56 9.41 -20.01
C TYR A 137 11.82 9.32 -20.83
N ASN A 138 12.93 9.75 -20.25
CA ASN A 138 14.21 9.73 -20.93
C ASN A 138 14.71 8.35 -21.22
N ALA A 139 14.39 7.37 -20.36
CA ALA A 139 14.75 5.97 -20.63
C ALA A 139 13.98 5.40 -21.86
N VAL A 140 12.71 5.80 -21.97
CA VAL A 140 11.88 5.41 -23.14
C VAL A 140 12.42 6.08 -24.40
N VAL A 141 12.73 7.37 -24.30
CA VAL A 141 13.40 8.12 -25.42
C VAL A 141 14.60 7.33 -25.91
N THR A 142 15.37 6.89 -24.95
CA THR A 142 16.64 6.22 -25.25
C THR A 142 16.38 4.89 -25.88
N ALA A 143 15.36 4.21 -25.34
CA ALA A 143 15.06 2.89 -25.83
C ALA A 143 14.45 2.98 -27.22
N ALA A 144 13.83 4.12 -27.54
CA ALA A 144 13.19 4.26 -28.84
C ALA A 144 14.18 4.75 -29.87
N ASP A 145 15.37 5.20 -29.47
CA ASP A 145 16.25 5.82 -30.44
C ASP A 145 17.00 4.68 -31.16
N LYS A 146 16.78 4.53 -32.45
CA LYS A 146 17.56 3.54 -33.25
C LYS A 146 19.08 3.62 -33.00
N ALA A 147 19.59 4.83 -32.74
CA ALA A 147 21.03 5.03 -32.50
C ALA A 147 21.58 4.36 -31.21
N SER A 148 20.66 4.02 -30.29
CA SER A 148 20.97 3.31 -29.06
C SER A 148 21.28 1.83 -29.23
N ALA A 149 20.93 1.24 -30.38
CA ALA A 149 21.27 -0.18 -30.63
C ALA A 149 22.76 -0.39 -30.75
N ASN A 150 23.21 -1.59 -30.41
CA ASN A 150 24.61 -1.99 -30.47
C ASN A 150 25.60 -1.20 -29.59
N ARG A 151 25.12 -0.58 -28.51
CA ARG A 151 25.92 0.09 -27.54
C ARG A 151 26.01 -0.69 -26.26
N GLY A 152 25.43 -1.89 -26.28
CA GLY A 152 25.32 -2.73 -25.10
C GLY A 152 24.17 -2.27 -24.20
N VAL A 153 24.08 -2.84 -23.02
CA VAL A 153 23.05 -2.46 -22.07
C VAL A 153 23.39 -1.10 -21.42
N LEU A 154 22.37 -0.27 -21.25
CA LEU A 154 22.47 1.11 -20.87
C LEU A 154 21.72 1.42 -19.56
N VAL A 155 22.22 2.43 -18.85
CA VAL A 155 21.53 3.07 -17.75
C VAL A 155 21.28 4.52 -18.12
N VAL A 156 20.04 4.98 -17.93
CA VAL A 156 19.70 6.35 -18.18
C VAL A 156 19.24 6.99 -16.88
N MET A 157 19.91 8.05 -16.47
CA MET A 157 19.59 8.70 -15.23
C MET A 157 20.04 10.11 -15.39
N ASN A 158 19.23 11.03 -14.86
CA ASN A 158 19.58 12.45 -14.86
C ASN A 158 20.09 12.93 -16.24
N ASP A 159 19.31 12.63 -17.28
CA ASP A 159 19.51 13.23 -18.64
C ASP A 159 20.75 12.73 -19.34
N THR A 160 21.26 11.55 -18.93
CA THR A 160 22.51 11.04 -19.37
C THR A 160 22.39 9.57 -19.66
N VAL A 161 22.98 9.12 -20.78
CA VAL A 161 23.02 7.74 -21.16
C VAL A 161 24.39 7.17 -20.83
N LEU A 162 24.41 6.15 -19.99
CA LEU A 162 25.61 5.51 -19.47
C LEU A 162 25.74 4.03 -19.86
N ASP A 163 26.96 3.57 -20.16
CA ASP A 163 27.19 2.16 -20.52
C ASP A 163 27.21 1.33 -19.26
N GLY A 164 26.66 0.13 -19.35
CA GLY A 164 26.42 -0.72 -18.15
C GLY A 164 27.70 -1.25 -17.52
N ARG A 165 28.83 -1.25 -18.25
CA ARG A 165 30.10 -1.66 -17.66
C ARG A 165 30.65 -0.58 -16.68
N ASP A 166 30.79 0.66 -17.12
CA ASP A 166 31.53 1.66 -16.31
C ASP A 166 30.58 2.35 -15.35
N VAL A 167 29.28 2.23 -15.57
CA VAL A 167 28.35 3.01 -14.77
C VAL A 167 28.35 2.58 -13.29
N THR A 168 28.35 3.56 -12.38
CA THR A 168 28.28 3.26 -10.93
C THR A 168 27.53 4.36 -10.21
N THR A 169 27.00 4.06 -9.02
CA THR A 169 26.34 5.08 -8.22
C THR A 169 27.43 5.70 -7.31
N THR A 170 27.57 7.01 -7.37
CA THR A 170 28.65 7.72 -6.74
C THR A 170 28.28 8.46 -5.46
N ASN A 171 26.97 8.61 -5.18
CA ASN A 171 26.55 9.39 -3.99
C ASN A 171 25.35 8.69 -3.42
N THR A 172 25.24 8.69 -2.09
CA THR A 172 24.14 7.98 -1.44
C THR A 172 22.75 8.56 -1.67
N THR A 173 22.65 9.89 -1.90
CA THR A 173 21.38 10.57 -1.98
C THR A 173 21.17 11.44 -3.20
N ASP A 174 22.18 11.75 -4.00
CA ASP A 174 22.07 12.78 -5.02
C ASP A 174 21.36 12.23 -6.26
N VAL A 175 20.42 12.97 -6.81
CA VAL A 175 19.72 12.57 -8.04
C VAL A 175 20.69 12.41 -9.21
N ALA A 176 21.83 13.12 -9.14
CA ALA A 176 22.87 13.01 -10.15
C ALA A 176 23.91 11.94 -9.88
N THR A 177 23.64 10.98 -8.99
CA THR A 177 24.66 10.01 -8.58
C THR A 177 25.29 9.10 -9.68
N PHE A 178 24.51 8.71 -10.68
CA PHE A 178 25.06 7.75 -11.69
C PHE A 178 26.00 8.41 -12.65
N LYS A 179 27.21 7.87 -12.68
CA LYS A 179 28.33 8.38 -13.50
C LYS A 179 29.13 7.21 -14.00
N SER A 180 29.65 7.32 -15.20
CA SER A 180 30.71 6.40 -15.68
C SER A 180 32.06 7.01 -15.37
N VAL A 181 32.60 6.60 -14.23
CA VAL A 181 33.59 7.36 -13.50
C VAL A 181 34.98 7.23 -14.10
N ASN A 182 35.20 6.25 -14.98
CA ASN A 182 36.49 6.10 -15.63
C ASN A 182 36.54 6.60 -17.09
N TYR A 183 35.53 6.25 -17.90
CA TYR A 183 35.48 6.55 -19.33
C TYR A 183 34.34 7.50 -19.84
N GLY A 184 33.43 7.83 -18.94
CA GLY A 184 32.46 8.89 -19.15
C GLY A 184 31.26 8.34 -19.86
N PRO A 185 30.29 9.22 -20.04
CA PRO A 185 28.99 8.79 -20.60
C PRO A 185 29.04 8.62 -22.12
N LEU A 186 28.00 8.04 -22.64
CA LEU A 186 27.89 7.80 -24.07
C LEU A 186 27.22 8.99 -24.79
N GLY A 187 26.28 9.66 -24.13
CA GLY A 187 25.51 10.76 -24.73
C GLY A 187 24.64 11.43 -23.71
N TYR A 188 24.20 12.60 -24.04
CA TYR A 188 23.33 13.38 -23.15
C TYR A 188 22.03 13.60 -23.88
N ILE A 189 20.96 13.61 -23.09
CA ILE A 189 19.60 13.75 -23.58
C ILE A 189 19.12 15.18 -23.33
N HIS A 190 18.76 15.87 -24.40
CA HIS A 190 18.09 17.13 -24.31
C HIS A 190 16.88 17.21 -25.24
N ASN A 191 15.77 17.71 -24.69
CA ASN A 191 14.56 17.83 -25.46
C ASN A 191 14.23 16.56 -26.23
N GLY A 192 14.39 15.40 -25.62
CA GLY A 192 13.96 14.12 -26.24
C GLY A 192 14.85 13.62 -27.37
N LYS A 193 16.05 14.21 -27.49
CA LYS A 193 17.08 13.89 -28.49
C LYS A 193 18.42 13.60 -27.82
N ILE A 194 19.20 12.72 -28.42
CA ILE A 194 20.47 12.24 -27.84
C ILE A 194 21.59 12.48 -28.82
N ASP A 195 22.62 13.17 -28.37
CA ASP A 195 23.84 13.26 -29.18
C ASP A 195 24.86 12.25 -28.65
N TYR A 196 24.90 11.08 -29.26
CA TYR A 196 25.87 10.07 -28.91
C TYR A 196 27.31 10.39 -29.44
N GLN A 197 28.26 10.47 -28.55
CA GLN A 197 29.63 10.70 -28.95
C GLN A 197 30.60 9.58 -28.59
N ARG A 198 30.09 8.50 -28.00
CA ARG A 198 30.93 7.41 -27.46
C ARG A 198 30.20 6.09 -27.48
N THR A 199 30.98 5.01 -27.59
CA THR A 199 30.47 3.65 -27.49
C THR A 199 31.52 2.80 -26.76
N PRO A 200 31.10 1.87 -25.89
CA PRO A 200 32.07 1.04 -25.19
C PRO A 200 32.79 0.14 -26.15
N ALA A 201 34.12 0.16 -26.09
CA ALA A 201 34.94 -0.78 -26.85
C ALA A 201 34.98 -2.20 -26.23
N ARG A 202 34.81 -2.36 -24.91
CA ARG A 202 34.79 -3.68 -24.33
C ARG A 202 33.64 -4.50 -25.00
N LYS A 203 33.90 -5.73 -25.31
CA LYS A 203 32.90 -6.64 -25.86
C LYS A 203 31.68 -6.87 -24.98
N HIS A 204 30.52 -6.72 -25.58
CA HIS A 204 29.29 -6.90 -24.84
C HIS A 204 28.27 -7.69 -25.66
N THR A 205 27.20 -8.06 -24.98
CA THR A 205 26.03 -8.71 -25.59
C THR A 205 26.36 -9.88 -26.54
N SER A 206 25.98 -9.80 -27.81
CA SER A 206 26.22 -10.87 -28.78
C SER A 206 27.69 -11.08 -29.14
N ASP A 207 28.59 -10.27 -28.60
CA ASP A 207 30.02 -10.49 -28.79
C ASP A 207 30.66 -11.18 -27.61
N THR A 208 29.89 -11.55 -26.57
CA THR A 208 30.43 -12.36 -25.48
C THR A 208 30.06 -13.81 -25.68
N PRO A 209 30.83 -14.72 -25.09
CA PRO A 209 30.51 -16.12 -25.18
C PRO A 209 29.51 -16.57 -24.11
N PHE A 210 29.06 -15.68 -23.22
CA PHE A 210 28.31 -16.13 -22.07
C PHE A 210 26.85 -16.35 -22.48
N ASP A 211 26.36 -17.54 -22.17
CA ASP A 211 25.04 -17.95 -22.59
C ASP A 211 24.36 -18.52 -21.35
N VAL A 212 23.38 -17.78 -20.86
CA VAL A 212 22.70 -18.17 -19.64
C VAL A 212 21.36 -18.84 -19.94
N SER A 213 21.10 -19.17 -21.22
CA SER A 213 19.77 -19.65 -21.64
C SER A 213 19.39 -20.95 -20.93
N LYS A 214 20.35 -21.81 -20.63
CA LYS A 214 20.09 -23.08 -19.98
C LYS A 214 20.53 -23.15 -18.52
N LEU A 215 21.05 -22.05 -17.97
CA LEU A 215 21.58 -22.06 -16.59
C LEU A 215 20.42 -21.89 -15.61
N ASN A 216 20.44 -22.73 -14.58
N ASN A 216 20.34 -22.68 -14.54
CA ASN A 216 19.50 -22.68 -13.46
CA ASN A 216 19.36 -22.33 -13.50
C ASN A 216 20.08 -21.84 -12.31
C ASN A 216 20.06 -21.85 -12.22
N GLU A 217 21.41 -21.78 -12.24
CA GLU A 217 22.16 -21.05 -11.20
C GLU A 217 23.52 -20.52 -11.73
N LEU A 218 24.19 -19.74 -10.91
CA LEU A 218 25.49 -19.11 -11.26
C LEU A 218 26.56 -19.56 -10.24
N PRO A 219 27.83 -19.67 -10.64
CA PRO A 219 28.88 -20.03 -9.71
C PRO A 219 28.86 -19.10 -8.48
N LYS A 220 29.23 -19.62 -7.33
CA LYS A 220 29.28 -18.81 -6.09
C LYS A 220 30.57 -17.99 -5.96
N VAL A 221 30.40 -16.66 -5.93
CA VAL A 221 31.43 -15.69 -5.79
C VAL A 221 31.11 -14.69 -4.68
N GLY A 222 32.06 -14.45 -3.78
CA GLY A 222 31.86 -13.58 -2.63
C GLY A 222 32.86 -12.46 -2.69
N ILE A 223 32.58 -11.42 -1.92
CA ILE A 223 33.45 -10.26 -1.86
C ILE A 223 33.94 -10.04 -0.43
N VAL A 224 35.26 -9.84 -0.30
CA VAL A 224 35.83 -9.53 1.00
C VAL A 224 36.51 -8.15 0.96
N TYR A 225 36.35 -7.37 2.02
CA TYR A 225 36.87 -6.00 2.12
C TYR A 225 38.25 -5.99 2.83
N ASN A 226 39.15 -5.09 2.40
CA ASN A 226 40.43 -4.86 3.04
C ASN A 226 40.47 -3.44 3.64
N TYR A 227 41.20 -3.37 4.76
CA TYR A 227 41.32 -2.22 5.61
C TYR A 227 42.40 -2.56 6.62
N ALA A 228 42.73 -1.62 7.47
CA ALA A 228 43.83 -1.83 8.39
C ALA A 228 43.33 -2.86 9.43
N ASN A 229 44.23 -3.75 9.85
CA ASN A 229 43.92 -4.84 10.79
C ASN A 229 42.80 -5.77 10.31
N ALA A 230 42.70 -5.98 9.00
CA ALA A 230 41.57 -6.73 8.47
C ALA A 230 41.57 -8.17 8.95
N SER A 231 40.42 -8.63 9.40
CA SER A 231 40.28 -10.04 9.76
C SER A 231 40.34 -10.92 8.52
N ASP A 232 41.02 -12.08 8.66
CA ASP A 232 40.90 -13.13 7.67
C ASP A 232 39.59 -13.93 7.78
N LEU A 233 38.76 -13.69 8.80
CA LEU A 233 37.58 -14.56 9.03
C LEU A 233 36.57 -14.57 7.87
N PRO A 234 36.27 -13.43 7.27
CA PRO A 234 35.36 -13.50 6.14
C PRO A 234 35.87 -14.31 4.95
N ALA A 235 37.14 -14.11 4.58
CA ALA A 235 37.75 -14.89 3.49
C ALA A 235 37.71 -16.39 3.84
N LYS A 236 38.06 -16.75 5.07
CA LYS A 236 38.03 -18.16 5.46
C LYS A 236 36.64 -18.73 5.40
N ALA A 237 35.66 -17.94 5.77
CA ALA A 237 34.31 -18.45 5.75
C ALA A 237 33.87 -18.75 4.30
N LEU A 238 34.20 -17.91 3.32
CA LEU A 238 33.89 -18.25 1.88
C LEU A 238 34.65 -19.49 1.39
N VAL A 239 35.93 -19.56 1.75
CA VAL A 239 36.74 -20.75 1.40
C VAL A 239 36.16 -22.03 2.00
N ASP A 240 35.87 -21.99 3.29
CA ASP A 240 35.30 -23.15 4.02
C ASP A 240 33.98 -23.62 3.45
N ALA A 241 33.20 -22.70 2.90
CA ALA A 241 31.97 -23.05 2.25
C ALA A 241 32.17 -23.45 0.79
N GLY A 242 33.41 -23.58 0.32
CA GLY A 242 33.65 -24.06 -1.01
C GLY A 242 33.26 -23.09 -2.08
N TYR A 243 33.32 -21.78 -1.81
CA TYR A 243 33.03 -20.77 -2.89
C TYR A 243 33.84 -21.01 -4.19
N ASP A 244 33.24 -20.89 -5.38
CA ASP A 244 33.97 -21.03 -6.64
C ASP A 244 34.90 -19.84 -6.89
N GLY A 245 34.53 -18.67 -6.40
CA GLY A 245 35.39 -17.51 -6.60
C GLY A 245 35.31 -16.53 -5.46
N ILE A 246 36.38 -15.75 -5.29
CA ILE A 246 36.36 -14.63 -4.31
C ILE A 246 36.93 -13.39 -4.94
N VAL A 247 36.24 -12.28 -4.74
CA VAL A 247 36.75 -10.99 -5.17
C VAL A 247 37.26 -10.22 -3.96
N SER A 248 38.50 -9.71 -4.03
CA SER A 248 39.02 -8.83 -2.95
C SER A 248 38.69 -7.37 -3.29
N ALA A 249 37.95 -6.71 -2.44
CA ALA A 249 37.93 -5.24 -2.44
C ALA A 249 39.19 -4.71 -1.77
N GLY A 250 40.24 -4.55 -2.56
CA GLY A 250 41.52 -4.18 -2.02
C GLY A 250 41.69 -2.71 -1.64
N VAL A 251 42.81 -2.40 -1.00
CA VAL A 251 43.17 -1.04 -0.64
C VAL A 251 44.11 -0.57 -1.75
N GLY A 252 44.01 0.73 -2.07
CA GLY A 252 44.93 1.33 -3.07
C GLY A 252 44.77 0.56 -4.37
N ASN A 253 45.89 0.30 -5.05
CA ASN A 253 45.89 -0.44 -6.31
C ASN A 253 45.72 -1.93 -5.99
N GLY A 254 44.54 -2.28 -5.51
CA GLY A 254 44.11 -3.67 -5.24
C GLY A 254 44.95 -4.51 -4.27
N ASN A 255 45.63 -3.87 -3.33
CA ASN A 255 46.42 -4.56 -2.30
C ASN A 255 45.59 -5.22 -1.18
N LEU A 256 46.20 -6.20 -0.51
CA LEU A 256 45.50 -7.04 0.47
C LEU A 256 46.26 -6.97 1.78
N TYR A 257 45.53 -6.83 2.90
CA TYR A 257 46.11 -6.95 4.23
C TYR A 257 46.70 -8.33 4.28
N LYS A 258 47.82 -8.46 4.95
CA LYS A 258 48.59 -9.67 4.96
C LYS A 258 47.77 -10.96 5.27
N SER A 259 47.01 -10.94 6.35
CA SER A 259 46.06 -12.03 6.69
C SER A 259 45.19 -12.52 5.53
N VAL A 260 44.60 -11.54 4.86
CA VAL A 260 43.63 -11.80 3.81
C VAL A 260 44.42 -12.38 2.62
N PHE A 261 45.60 -11.84 2.35
CA PHE A 261 46.51 -12.33 1.30
C PHE A 261 46.81 -13.83 1.47
N ASP A 262 47.20 -14.20 2.67
CA ASP A 262 47.55 -15.59 2.92
C ASP A 262 46.40 -16.55 2.66
N THR A 263 45.21 -16.22 3.17
CA THR A 263 44.04 -17.04 2.99
C THR A 263 43.70 -17.15 1.52
N LEU A 264 43.68 -16.00 0.80
CA LEU A 264 43.40 -16.02 -0.61
C LEU A 264 44.46 -16.73 -1.48
N ALA A 265 45.74 -16.58 -1.11
CA ALA A 265 46.82 -17.29 -1.82
C ALA A 265 46.63 -18.84 -1.75
N THR A 266 46.31 -19.31 -0.56
CA THR A 266 46.13 -20.75 -0.29
C THR A 266 44.89 -21.20 -1.08
N ALA A 267 43.82 -20.40 -1.02
CA ALA A 267 42.57 -20.72 -1.75
C ALA A 267 42.82 -20.94 -3.24
N ALA A 268 43.50 -19.98 -3.87
CA ALA A 268 43.85 -20.07 -5.27
C ALA A 268 44.63 -21.35 -5.63
N LYS A 269 45.51 -21.82 -4.74
CA LYS A 269 46.26 -23.06 -5.01
C LYS A 269 45.35 -24.30 -4.98
N THR A 270 44.26 -24.24 -4.22
CA THR A 270 43.29 -25.34 -4.26
C THR A 270 42.26 -25.21 -5.42
N GLY A 271 42.37 -24.20 -6.29
CA GLY A 271 41.43 -24.00 -7.39
C GLY A 271 40.32 -22.94 -7.21
N THR A 272 40.22 -22.27 -6.06
CA THR A 272 39.38 -21.10 -5.93
C THR A 272 39.94 -20.00 -6.86
N ALA A 273 39.04 -19.40 -7.65
CA ALA A 273 39.38 -18.23 -8.46
C ALA A 273 39.42 -17.03 -7.53
N VAL A 274 40.44 -16.23 -7.68
CA VAL A 274 40.64 -15.02 -6.82
C VAL A 274 40.93 -13.85 -7.74
N VAL A 275 40.10 -12.82 -7.62
CA VAL A 275 40.22 -11.60 -8.39
C VAL A 275 40.50 -10.44 -7.45
N ARG A 276 41.60 -9.76 -7.67
CA ARG A 276 41.89 -8.55 -6.97
C ARG A 276 41.14 -7.34 -7.60
N SER A 277 40.25 -6.70 -6.84
CA SER A 277 39.70 -5.41 -7.25
C SER A 277 40.13 -4.42 -6.22
N SER A 278 39.40 -3.29 -6.15
CA SER A 278 39.76 -2.24 -5.23
C SER A 278 38.53 -1.55 -4.64
N ARG A 279 38.57 -1.25 -3.35
CA ARG A 279 37.58 -0.38 -2.72
C ARG A 279 37.65 1.07 -3.17
N VAL A 280 38.75 1.45 -3.83
CA VAL A 280 38.95 2.80 -4.34
C VAL A 280 38.03 3.04 -5.54
N PRO A 281 37.30 4.18 -5.56
CA PRO A 281 36.12 4.20 -6.45
C PRO A 281 36.43 4.41 -7.93
N THR A 282 37.63 4.88 -8.26
CA THR A 282 38.00 4.99 -9.65
C THR A 282 39.37 4.43 -9.90
N GLY A 283 39.62 4.10 -11.16
CA GLY A 283 40.94 3.64 -11.58
C GLY A 283 41.03 2.14 -11.61
N ALA A 284 42.00 1.70 -12.39
CA ALA A 284 42.19 0.26 -12.61
C ALA A 284 42.97 -0.37 -11.46
N THR A 285 42.58 -1.59 -11.10
CA THR A 285 43.47 -2.50 -10.37
C THR A 285 44.37 -3.16 -11.44
N THR A 286 45.65 -2.84 -11.44
CA THR A 286 46.59 -3.23 -12.50
C THR A 286 47.43 -4.43 -12.13
N GLN A 287 48.01 -5.09 -13.14
CA GLN A 287 49.09 -6.04 -12.97
C GLN A 287 50.38 -5.27 -12.81
N ASP A 288 51.46 -5.98 -12.47
CA ASP A 288 52.76 -5.36 -12.48
C ASP A 288 52.91 -4.19 -11.52
N ALA A 289 52.23 -4.32 -10.39
CA ALA A 289 52.33 -3.35 -9.33
C ALA A 289 53.02 -4.06 -8.19
N GLU A 290 52.36 -4.24 -7.05
CA GLU A 290 52.97 -4.84 -5.87
C GLU A 290 52.66 -6.30 -5.77
N VAL A 291 51.58 -6.80 -6.38
CA VAL A 291 51.26 -8.22 -6.34
C VAL A 291 51.72 -8.98 -7.61
N ASP A 292 52.49 -10.06 -7.42
CA ASP A 292 52.87 -10.92 -8.53
C ASP A 292 51.69 -11.88 -8.73
N ASP A 293 50.78 -11.50 -9.62
CA ASP A 293 49.56 -12.25 -9.81
C ASP A 293 49.81 -13.62 -10.42
N ALA A 294 50.76 -13.73 -11.33
CA ALA A 294 51.05 -14.99 -11.98
C ALA A 294 51.48 -16.02 -10.95
N LYS A 295 52.41 -15.63 -10.13
CA LYS A 295 52.83 -16.44 -9.02
C LYS A 295 51.71 -17.00 -8.10
N TYR A 296 50.71 -16.21 -7.70
CA TYR A 296 49.62 -16.70 -6.84
C TYR A 296 48.41 -17.28 -7.56
N GLY A 297 48.35 -17.14 -8.89
CA GLY A 297 47.17 -17.53 -9.63
C GLY A 297 46.02 -16.56 -9.40
N PHE A 298 46.33 -15.31 -9.07
CA PHE A 298 45.32 -14.25 -8.97
C PHE A 298 45.06 -13.57 -10.32
N VAL A 299 43.90 -12.95 -10.42
CA VAL A 299 43.50 -12.17 -11.58
C VAL A 299 43.28 -10.70 -11.11
N ALA A 300 43.77 -9.77 -11.91
CA ALA A 300 43.56 -8.32 -11.68
C ALA A 300 42.30 -7.85 -12.37
N SER A 301 41.51 -7.02 -11.69
CA SER A 301 40.14 -6.71 -12.19
C SER A 301 40.07 -5.58 -13.23
N GLY A 302 41.17 -4.90 -13.48
CA GLY A 302 41.11 -3.67 -14.30
C GLY A 302 40.23 -2.61 -13.64
N THR A 303 39.46 -1.89 -14.46
CA THR A 303 38.60 -0.84 -13.89
C THR A 303 37.31 -1.37 -13.23
N LEU A 304 37.08 -2.67 -13.29
CA LEU A 304 35.95 -3.23 -12.60
C LEU A 304 36.02 -3.19 -11.05
N ASN A 305 35.00 -2.59 -10.42
CA ASN A 305 34.93 -2.41 -8.97
C ASN A 305 34.51 -3.78 -8.41
N PRO A 306 34.48 -3.94 -7.09
CA PRO A 306 34.40 -5.34 -6.62
C PRO A 306 33.11 -6.05 -7.07
N GLN A 307 32.00 -5.31 -6.98
CA GLN A 307 30.69 -5.88 -7.30
C GLN A 307 30.60 -6.19 -8.80
N LYS A 308 31.23 -5.39 -9.63
CA LYS A 308 31.21 -5.65 -11.08
C LYS A 308 32.18 -6.80 -11.42
N ALA A 309 33.31 -6.90 -10.68
CA ALA A 309 34.22 -8.02 -10.87
C ALA A 309 33.55 -9.30 -10.50
N ARG A 310 32.75 -9.28 -9.47
CA ARG A 310 31.98 -10.49 -9.14
C ARG A 310 31.14 -10.98 -10.32
N VAL A 311 30.49 -10.07 -11.02
CA VAL A 311 29.59 -10.38 -12.13
C VAL A 311 30.36 -11.08 -13.24
N LEU A 312 31.49 -10.47 -13.62
CA LEU A 312 32.30 -11.05 -14.66
C LEU A 312 32.88 -12.37 -14.22
N LEU A 313 33.32 -12.45 -12.96
CA LEU A 313 33.88 -13.72 -12.43
C LEU A 313 32.87 -14.87 -12.45
N GLN A 314 31.67 -14.62 -12.01
CA GLN A 314 30.67 -15.66 -12.02
C GLN A 314 30.51 -16.19 -13.47
N LEU A 315 30.42 -15.30 -14.43
CA LEU A 315 30.25 -15.69 -15.81
C LEU A 315 31.49 -16.36 -16.38
N ALA A 316 32.69 -15.87 -16.05
CA ALA A 316 33.92 -16.54 -16.43
C ALA A 316 33.92 -17.97 -15.91
N LEU A 317 33.43 -18.19 -14.70
CA LEU A 317 33.49 -19.49 -14.04
C LEU A 317 32.52 -20.49 -14.67
N THR A 318 31.55 -20.02 -15.43
CA THR A 318 30.72 -20.90 -16.26
C THR A 318 31.44 -21.40 -17.47
N GLN A 319 32.57 -20.81 -17.83
CA GLN A 319 33.39 -21.26 -18.97
C GLN A 319 34.73 -21.93 -18.60
N THR A 320 35.38 -21.50 -17.54
CA THR A 320 36.70 -22.03 -17.19
C THR A 320 36.99 -21.77 -15.72
N LYS A 321 37.94 -22.53 -15.18
CA LYS A 321 38.48 -22.28 -13.82
C LYS A 321 40.00 -21.94 -13.92
N ASP A 322 40.53 -21.80 -15.14
CA ASP A 322 41.97 -21.51 -15.37
C ASP A 322 42.25 -20.01 -15.16
N PRO A 323 43.13 -19.67 -14.20
CA PRO A 323 43.32 -18.25 -13.90
C PRO A 323 43.84 -17.40 -15.06
N GLN A 324 44.71 -18.00 -15.86
CA GLN A 324 45.22 -17.34 -17.02
C GLN A 324 44.11 -16.99 -18.02
N GLN A 325 43.20 -17.94 -18.23
CA GLN A 325 42.07 -17.70 -19.12
C GLN A 325 41.05 -16.74 -18.48
N ILE A 326 40.94 -16.76 -17.16
CA ILE A 326 40.08 -15.79 -16.48
C ILE A 326 40.68 -14.37 -16.58
N GLN A 327 42.01 -14.22 -16.51
CA GLN A 327 42.64 -12.94 -16.78
C GLN A 327 42.33 -12.45 -18.19
N GLN A 328 42.35 -13.33 -19.17
CA GLN A 328 42.06 -12.88 -20.54
C GLN A 328 40.64 -12.38 -20.65
N ILE A 329 39.70 -13.07 -19.95
CA ILE A 329 38.30 -12.66 -19.96
C ILE A 329 38.24 -11.26 -19.35
N PHE A 330 38.94 -11.05 -18.23
CA PHE A 330 39.01 -9.71 -17.57
C PHE A 330 39.68 -8.60 -18.40
N ASN A 331 40.45 -9.00 -19.40
CA ASN A 331 41.05 -8.06 -20.36
C ASN A 331 40.18 -7.82 -21.61
N GLN A 332 39.13 -8.61 -21.85
CA GLN A 332 38.30 -8.44 -23.05
C GLN A 332 36.86 -7.98 -22.85
N TYR A 333 36.31 -8.23 -21.66
CA TYR A 333 34.88 -7.93 -21.33
C TYR A 333 34.77 -6.97 -20.16
N LEU B 8 63.74 29.30 12.50
CA LEU B 8 63.03 28.18 11.75
C LEU B 8 62.49 27.10 12.70
N PRO B 9 61.28 26.58 12.41
CA PRO B 9 60.66 25.63 13.33
C PRO B 9 61.29 24.26 13.29
N ASN B 10 61.28 23.63 14.45
CA ASN B 10 61.67 22.24 14.59
C ASN B 10 60.51 21.37 14.17
N ILE B 11 60.74 20.53 13.18
CA ILE B 11 59.69 19.64 12.71
C ILE B 11 60.18 18.22 12.87
N THR B 12 59.35 17.32 13.41
CA THR B 12 59.71 15.92 13.53
C THR B 12 59.00 15.09 12.48
N ILE B 13 59.77 14.33 11.68
CA ILE B 13 59.22 13.32 10.75
C ILE B 13 59.18 11.91 11.39
N LEU B 14 57.99 11.35 11.54
CA LEU B 14 57.80 9.98 12.00
C LEU B 14 57.56 9.15 10.74
N ALA B 15 58.51 8.32 10.35
CA ALA B 15 58.34 7.46 9.16
C ALA B 15 57.65 6.13 9.47
N THR B 16 56.73 5.70 8.60
CA THR B 16 56.06 4.40 8.80
C THR B 16 56.26 3.42 7.64
N GLY B 17 56.90 3.89 6.58
CA GLY B 17 56.84 3.21 5.29
C GLY B 17 56.17 3.95 4.11
N GLY B 18 55.61 3.13 3.21
CA GLY B 18 54.90 3.62 2.04
C GLY B 18 55.75 3.76 0.78
N AEI B 19 55.02 4.04 -0.28
CA AEI B 19 55.55 4.26 -1.62
C AEI B 19 56.52 5.43 -1.67
O AEI B 19 57.48 5.41 -2.45
CB AEI B 19 54.33 4.43 -2.53
CG2 AEI B 19 54.78 4.63 -3.98
OG1 AEI B 19 53.39 3.29 -2.46
CD AEI B 19 52.28 3.35 -1.62
OE1 AEI B 19 52.01 4.26 -0.86
CE2 AEI B 19 51.45 2.10 -1.74
CZ AEI B 19 51.79 1.04 -0.69
NH1 AEI B 19 50.90 -0.09 -0.94
CH2 AEI B 19 51.50 1.54 0.71
OT1 AEI B 19 52.41 1.51 1.57
OT2 AEI B 19 50.33 1.95 0.96
N ILE B 20 56.32 6.42 -0.79
CA ILE B 20 57.20 7.63 -0.70
C ILE B 20 58.67 7.29 -0.41
N ALA B 21 58.92 6.16 0.20
CA ALA B 21 60.27 5.63 0.28
C ALA B 21 60.18 4.14 -0.11
N GLY B 22 59.45 3.90 -1.20
CA GLY B 22 59.46 2.62 -1.95
C GLY B 22 60.19 2.89 -3.26
N GLY B 23 60.72 1.82 -3.86
CA GLY B 23 61.52 1.88 -5.11
C GLY B 23 61.38 0.64 -6.01
N GLY B 24 61.74 0.80 -7.28
CA GLY B 24 61.79 -0.29 -8.29
C GLY B 24 63.11 -0.31 -9.02
N ASP B 25 63.24 -1.23 -9.99
CA ASP B 25 64.47 -1.39 -10.82
C ASP B 25 64.71 -0.26 -11.89
N SER B 26 63.62 0.35 -12.37
CA SER B 26 63.69 1.48 -13.33
C SER B 26 62.66 2.63 -13.04
N ALA B 27 63.06 3.83 -13.49
CA ALA B 27 62.23 5.04 -13.50
C ALA B 27 60.88 4.95 -14.28
N THR B 28 60.83 4.04 -15.27
CA THR B 28 59.81 4.03 -16.31
C THR B 28 58.68 3.06 -15.94
N LYS B 29 59.07 1.84 -15.59
CA LYS B 29 58.14 0.75 -15.25
C LYS B 29 57.47 0.97 -13.85
N SER B 30 56.26 0.40 -13.73
CA SER B 30 55.37 0.57 -12.56
C SER B 30 55.71 -0.29 -11.32
N ASN B 31 56.45 -1.40 -11.49
CA ASN B 31 56.73 -2.36 -10.39
C ASN B 31 57.54 -1.69 -9.27
N TYR B 32 57.13 -1.97 -8.04
CA TYR B 32 57.88 -1.55 -6.85
C TYR B 32 57.51 -2.40 -5.59
N THR B 33 58.51 -2.54 -4.72
CA THR B 33 58.36 -3.07 -3.36
C THR B 33 58.50 -1.83 -2.40
N VAL B 34 57.91 -1.89 -1.21
CA VAL B 34 57.90 -0.75 -0.27
C VAL B 34 58.72 -1.10 0.98
N GLY B 35 59.51 -0.14 1.47
CA GLY B 35 60.22 -0.30 2.73
C GLY B 35 61.60 -0.92 2.71
N LYS B 36 62.48 -0.34 1.91
CA LYS B 36 63.93 -0.52 2.07
C LYS B 36 64.68 0.85 2.00
N VAL B 37 63.93 1.96 2.02
CA VAL B 37 64.49 3.33 2.09
C VAL B 37 64.33 3.80 3.55
N GLY B 38 65.36 4.49 4.09
CA GLY B 38 65.38 4.98 5.49
C GLY B 38 64.87 6.40 5.61
N VAL B 39 64.53 6.81 6.83
CA VAL B 39 63.98 8.16 7.04
C VAL B 39 65.00 9.26 6.74
N GLU B 40 66.24 9.07 7.18
CA GLU B 40 67.28 10.06 6.95
C GLU B 40 67.55 10.17 5.43
N ASN B 41 67.48 9.04 4.76
CA ASN B 41 67.62 9.01 3.29
C ASN B 41 66.64 9.98 2.58
N LEU B 42 65.33 9.79 2.75
CA LEU B 42 64.26 10.73 2.25
C LEU B 42 64.53 12.20 2.47
N VAL B 43 64.99 12.55 3.69
CA VAL B 43 65.33 13.94 4.01
C VAL B 43 66.39 14.43 3.06
N ASN B 44 67.53 13.74 3.04
CA ASN B 44 68.75 14.18 2.29
C ASN B 44 68.46 14.41 0.79
N ALA B 45 67.47 13.68 0.28
CA ALA B 45 66.97 13.89 -1.06
C ALA B 45 66.30 15.24 -1.27
N VAL B 46 65.74 15.85 -0.24
CA VAL B 46 65.09 17.15 -0.38
C VAL B 46 65.89 18.24 0.41
N PRO B 47 67.09 18.61 -0.08
CA PRO B 47 67.90 19.57 0.65
C PRO B 47 67.22 20.93 0.91
N GLN B 48 66.23 21.31 0.11
CA GLN B 48 65.47 22.57 0.31
C GLN B 48 64.60 22.59 1.60
N LEU B 49 64.36 21.40 2.20
CA LEU B 49 63.78 21.31 3.53
C LEU B 49 64.52 22.20 4.52
N LYS B 50 65.82 22.38 4.34
CA LYS B 50 66.63 23.20 5.26
C LYS B 50 66.28 24.70 5.16
N ASP B 51 65.62 25.10 4.06
CA ASP B 51 65.20 26.50 3.90
C ASP B 51 64.01 26.79 4.85
N ILE B 52 63.24 25.78 5.25
CA ILE B 52 61.99 26.02 5.97
C ILE B 52 61.85 25.45 7.37
N ALA B 53 62.69 24.48 7.77
CA ALA B 53 62.63 23.84 9.09
C ALA B 53 63.94 23.14 9.40
N ASN B 54 64.15 22.89 10.70
CA ASN B 54 65.17 21.94 11.17
C ASN B 54 64.43 20.62 11.37
N VAL B 55 64.67 19.68 10.44
CA VAL B 55 63.93 18.45 10.48
C VAL B 55 64.73 17.36 11.17
N LYS B 56 64.04 16.63 12.00
CA LYS B 56 64.58 15.47 12.68
C LYS B 56 63.67 14.30 12.28
N GLY B 57 64.28 13.16 11.94
CA GLY B 57 63.57 11.98 11.47
C GLY B 57 63.69 10.77 12.38
N GLU B 58 62.59 10.10 12.69
CA GLU B 58 62.61 8.79 13.39
C GLU B 58 61.77 7.75 12.64
N GLN B 59 62.31 6.53 12.51
CA GLN B 59 61.59 5.43 11.85
C GLN B 59 60.78 4.70 12.89
N VAL B 60 59.46 4.83 12.81
CA VAL B 60 58.57 4.19 13.78
C VAL B 60 58.36 2.73 13.43
N VAL B 61 58.05 2.46 12.17
CA VAL B 61 57.90 1.12 11.57
C VAL B 61 58.20 1.27 10.08
N ASN B 62 58.42 0.17 9.37
CA ASN B 62 58.67 0.27 7.93
C ASN B 62 57.87 -0.76 7.19
N ILE B 63 56.65 -0.40 6.82
CA ILE B 63 55.68 -1.34 6.25
C ILE B 63 54.95 -0.73 5.08
N GLY B 64 54.39 -1.62 4.26
CA GLY B 64 53.34 -1.20 3.31
C GLY B 64 52.10 -0.90 4.17
N SER B 65 51.43 0.20 3.89
CA SER B 65 50.27 0.57 4.69
C SER B 65 49.05 -0.33 4.48
N GLN B 66 49.13 -1.22 3.50
CA GLN B 66 48.15 -2.29 3.39
C GLN B 66 48.23 -3.27 4.55
N ASP B 67 49.34 -3.30 5.29
CA ASP B 67 49.49 -4.06 6.53
C ASP B 67 49.45 -3.23 7.80
N MET B 68 48.98 -1.98 7.68
CA MET B 68 48.70 -1.11 8.81
C MET B 68 47.75 -1.86 9.79
N ASN B 69 47.90 -1.62 11.09
CA ASN B 69 47.17 -2.35 12.12
C ASN B 69 47.01 -1.52 13.37
N ASP B 70 46.22 -2.03 14.29
CA ASP B 70 45.93 -1.33 15.59
C ASP B 70 47.20 -0.97 16.39
N ASN B 71 48.21 -1.83 16.38
CA ASN B 71 49.43 -1.57 17.16
C ASN B 71 50.18 -0.34 16.71
N VAL B 72 50.32 -0.21 15.41
CA VAL B 72 51.00 0.91 14.85
C VAL B 72 50.22 2.19 15.17
N TRP B 73 48.88 2.14 14.99
CA TRP B 73 48.07 3.31 15.38
C TRP B 73 48.34 3.77 16.81
N LEU B 74 48.32 2.82 17.74
CA LEU B 74 48.50 3.14 19.17
C LEU B 74 49.91 3.68 19.42
N THR B 75 50.91 3.04 18.80
CA THR B 75 52.29 3.51 18.90
C THR B 75 52.38 4.97 18.47
N LEU B 76 51.76 5.32 17.33
CA LEU B 76 51.84 6.69 16.78
C LEU B 76 51.16 7.75 17.66
N ALA B 77 49.95 7.43 18.12
CA ALA B 77 49.16 8.33 18.92
C ALA B 77 49.95 8.68 20.19
N LYS B 78 50.45 7.63 20.87
CA LYS B 78 51.24 7.77 22.11
C LYS B 78 52.55 8.54 21.90
N LYS B 79 53.23 8.30 20.77
CA LYS B 79 54.47 8.98 20.48
C LYS B 79 54.28 10.48 20.27
N ILE B 80 53.30 10.81 19.44
CA ILE B 80 52.97 12.19 19.18
C ILE B 80 52.55 12.89 20.45
N ASN B 81 51.73 12.21 21.27
CA ASN B 81 51.24 12.77 22.52
C ASN B 81 52.37 12.96 23.51
N THR B 82 53.26 11.98 23.65
CA THR B 82 54.45 12.14 24.54
C THR B 82 55.47 13.19 24.07
N ASP B 83 55.68 13.28 22.77
CA ASP B 83 56.70 14.18 22.20
C ASP B 83 56.23 15.60 21.80
N CYS B 84 54.95 15.90 22.04
CA CYS B 84 54.29 17.14 21.63
C CYS B 84 55.07 18.42 22.06
N ASP B 85 55.43 18.42 23.33
CA ASP B 85 56.18 19.52 23.92
C ASP B 85 57.65 19.61 23.40
N LYS B 86 58.15 18.60 22.66
CA LYS B 86 59.57 18.56 22.17
C LYS B 86 59.80 19.02 20.73
N THR B 87 58.74 19.40 20.03
CA THR B 87 58.89 19.87 18.67
C THR B 87 57.78 20.87 18.40
N ASP B 88 57.89 21.53 17.25
CA ASP B 88 56.90 22.51 16.83
C ASP B 88 55.89 21.92 15.90
N GLY B 89 56.17 20.74 15.35
CA GLY B 89 55.20 20.06 14.51
C GLY B 89 55.64 18.71 14.01
N PHE B 90 54.69 17.95 13.45
CA PHE B 90 54.94 16.57 13.03
C PHE B 90 54.51 16.36 11.57
N VAL B 91 55.35 15.64 10.85
CA VAL B 91 55.06 15.06 9.54
C VAL B 91 55.19 13.55 9.71
N ILE B 92 54.22 12.84 9.20
CA ILE B 92 54.22 11.38 9.20
C ILE B 92 54.18 10.90 7.74
N THR B 93 55.27 10.22 7.32
CA THR B 93 55.30 9.57 6.01
C THR B 93 54.62 8.20 6.16
N HIS B 94 53.82 7.85 5.16
CA HIS B 94 52.87 6.74 5.22
C HIS B 94 52.45 6.31 3.81
N GLY B 95 52.15 5.04 3.70
CA GLY B 95 51.56 4.53 2.48
C GLY B 95 50.20 5.16 2.16
N VAL B 96 49.92 5.19 0.87
CA VAL B 96 48.73 5.76 0.34
C VAL B 96 47.48 4.89 0.66
N ASP B 97 47.66 3.58 0.64
CA ASP B 97 46.55 2.61 0.74
C ASP B 97 45.57 2.80 1.93
N THR B 98 46.11 3.02 3.13
CA THR B 98 45.31 3.20 4.30
C THR B 98 45.59 4.50 5.04
N MET B 99 46.21 5.46 4.34
CA MET B 99 46.43 6.79 4.87
C MET B 99 45.16 7.43 5.46
N GLU B 100 44.02 7.27 4.81
CA GLU B 100 42.77 7.83 5.28
C GLU B 100 42.32 7.20 6.62
N GLU B 101 42.70 5.97 6.89
CA GLU B 101 42.32 5.33 8.16
C GLU B 101 43.15 5.86 9.28
N THR B 102 44.49 5.77 9.13
CA THR B 102 45.43 6.28 10.09
C THR B 102 45.21 7.77 10.38
N ALA B 103 44.95 8.57 9.35
CA ALA B 103 44.73 9.99 9.61
C ALA B 103 43.55 10.27 10.52
N TYR B 104 42.45 9.57 10.32
CA TYR B 104 41.27 9.74 11.13
C TYR B 104 41.46 9.13 12.53
N PHE B 105 42.16 8.00 12.65
CA PHE B 105 42.46 7.48 14.00
C PHE B 105 43.24 8.53 14.80
N LEU B 106 44.30 9.08 14.20
CA LEU B 106 45.11 10.08 14.87
C LEU B 106 44.32 11.35 15.11
N ASP B 107 43.46 11.71 14.17
CA ASP B 107 42.52 12.86 14.30
C ASP B 107 41.71 12.76 15.60
N LEU B 108 41.35 11.54 15.99
CA LEU B 108 40.49 11.33 17.12
C LEU B 108 41.24 11.09 18.39
N THR B 109 42.50 10.68 18.32
CA THR B 109 43.28 10.31 19.51
C THR B 109 44.46 11.23 19.88
N VAL B 110 44.91 12.02 18.90
CA VAL B 110 46.06 12.90 19.13
C VAL B 110 45.59 14.03 20.01
N LYS B 111 46.36 14.33 21.04
CA LYS B 111 46.03 15.41 21.95
C LYS B 111 46.93 16.61 21.73
N CYS B 112 47.97 16.47 20.91
CA CYS B 112 48.82 17.59 20.54
C CYS B 112 48.05 18.44 19.52
N ASP B 113 47.88 19.74 19.78
CA ASP B 113 47.23 20.63 18.78
C ASP B 113 48.21 21.46 17.95
N LYS B 114 49.49 21.09 18.06
CA LYS B 114 50.52 21.47 17.08
C LYS B 114 50.21 20.71 15.77
N PRO B 115 50.60 21.27 14.63
CA PRO B 115 50.27 20.59 13.34
C PRO B 115 50.83 19.17 13.30
N VAL B 116 49.98 18.23 12.85
CA VAL B 116 50.33 16.85 12.57
C VAL B 116 49.87 16.59 11.15
N VAL B 117 50.85 16.43 10.26
CA VAL B 117 50.63 16.33 8.81
C VAL B 117 51.10 14.97 8.29
N MET B 118 50.22 14.24 7.59
CA MET B 118 50.55 12.99 6.97
C MET B 118 50.78 13.23 5.50
N VAL B 119 51.68 12.43 4.92
CA VAL B 119 52.12 12.61 3.54
C VAL B 119 52.57 11.28 2.99
N GLY B 120 52.33 11.06 1.69
CA GLY B 120 52.92 9.93 1.01
C GLY B 120 53.16 10.26 -0.43
N ALA B 121 53.20 9.20 -1.23
CA ALA B 121 53.44 9.34 -2.70
C ALA B 121 52.78 8.24 -3.49
N MET B 122 52.27 8.58 -4.65
CA MET B 122 51.70 7.58 -5.56
C MET B 122 52.72 7.00 -6.49
N ARG B 123 53.89 7.64 -6.63
CA ARG B 123 54.90 7.11 -7.51
C ARG B 123 56.09 6.81 -6.65
N PRO B 124 56.83 5.76 -7.03
CA PRO B 124 58.07 5.37 -6.34
C PRO B 124 59.15 6.45 -6.38
N SER B 125 59.96 6.51 -5.31
CA SER B 125 61.21 7.25 -5.19
C SER B 125 62.04 7.34 -6.44
N THR B 126 62.16 6.19 -7.07
CA THR B 126 63.03 5.96 -8.20
C THR B 126 62.41 6.36 -9.55
N SER B 127 61.11 6.72 -9.58
CA SER B 127 60.37 6.89 -10.83
CA SER B 127 60.39 6.89 -10.83
C SER B 127 60.60 8.28 -11.45
N MET B 128 60.35 8.33 -12.74
CA MET B 128 60.36 9.56 -13.49
C MET B 128 59.24 10.38 -12.89
N SER B 129 59.55 11.64 -12.61
CA SER B 129 58.59 12.62 -12.11
C SER B 129 57.93 12.19 -10.80
N ALA B 130 58.75 11.58 -9.93
CA ALA B 130 58.35 11.15 -8.59
C ALA B 130 57.67 12.29 -7.85
N ASP B 131 56.55 12.02 -7.22
CA ASP B 131 55.79 13.05 -6.56
C ASP B 131 56.22 13.27 -5.10
N GLY B 132 56.90 12.29 -4.52
CA GLY B 132 57.29 12.37 -3.10
C GLY B 132 58.12 13.56 -2.62
N PRO B 133 59.15 13.94 -3.38
CA PRO B 133 59.96 15.07 -2.94
C PRO B 133 59.12 16.33 -2.68
N PHE B 134 58.38 16.77 -3.67
CA PHE B 134 57.58 17.97 -3.47
C PHE B 134 56.43 17.80 -2.45
N ASN B 135 55.84 16.59 -2.39
CA ASN B 135 54.85 16.26 -1.36
C ASN B 135 55.42 16.47 0.05
N LEU B 136 56.61 15.92 0.25
CA LEU B 136 57.35 16.05 1.52
C LEU B 136 57.64 17.52 1.85
N TYR B 137 58.14 18.21 0.86
CA TYR B 137 58.39 19.63 1.03
C TYR B 137 57.13 20.36 1.47
N ASN B 138 56.04 20.12 0.72
CA ASN B 138 54.79 20.80 1.06
C ASN B 138 54.22 20.32 2.41
N ALA B 139 54.49 19.07 2.76
CA ALA B 139 54.03 18.56 4.07
C ALA B 139 54.79 19.33 5.21
N VAL B 140 56.07 19.52 5.01
CA VAL B 140 56.83 20.28 5.97
C VAL B 140 56.38 21.78 5.99
N VAL B 141 56.11 22.39 4.83
CA VAL B 141 55.56 23.73 4.76
C VAL B 141 54.31 23.78 5.68
N THR B 142 53.44 22.81 5.51
CA THR B 142 52.19 22.82 6.22
C THR B 142 52.41 22.65 7.74
N ALA B 143 53.34 21.79 8.11
CA ALA B 143 53.57 21.53 9.53
C ALA B 143 54.29 22.72 10.18
N ALA B 144 54.97 23.54 9.40
CA ALA B 144 55.69 24.71 9.94
C ALA B 144 54.82 25.96 9.99
N ASP B 145 53.70 25.94 9.27
CA ASP B 145 52.72 27.04 9.31
C ASP B 145 51.94 27.10 10.66
N LYS B 146 52.07 28.24 11.34
CA LYS B 146 51.29 28.45 12.54
C LYS B 146 49.75 28.34 12.32
N ALA B 147 49.28 28.76 11.13
CA ALA B 147 47.89 28.69 10.81
C ALA B 147 47.36 27.25 10.70
N SER B 148 48.24 26.22 10.59
CA SER B 148 47.83 24.81 10.54
C SER B 148 47.39 24.22 11.90
N ALA B 149 47.72 24.90 13.00
CA ALA B 149 47.43 24.40 14.35
C ALA B 149 45.92 24.44 14.60
N ASN B 150 45.44 23.52 15.42
CA ASN B 150 44.02 23.45 15.80
C ASN B 150 43.03 23.12 14.70
N ARG B 151 43.50 22.55 13.60
CA ARG B 151 42.61 22.13 12.52
C ARG B 151 42.49 20.63 12.52
N GLY B 152 43.06 19.98 13.52
CA GLY B 152 43.02 18.50 13.59
C GLY B 152 44.14 17.92 12.75
N VAL B 153 44.17 16.59 12.62
CA VAL B 153 45.20 15.89 11.85
C VAL B 153 44.94 16.08 10.37
N LEU B 154 46.00 16.39 9.65
CA LEU B 154 45.93 16.77 8.27
C LEU B 154 46.66 15.76 7.39
N VAL B 155 46.25 15.69 6.15
CA VAL B 155 46.92 14.99 5.07
C VAL B 155 47.29 16.05 3.99
N VAL B 156 48.56 16.08 3.53
CA VAL B 156 49.01 17.02 2.47
C VAL B 156 49.48 16.22 1.30
N MET B 157 48.77 16.37 0.20
CA MET B 157 49.08 15.70 -1.07
C MET B 157 48.67 16.60 -2.21
N ASN B 158 49.51 16.60 -3.23
CA ASN B 158 49.23 17.29 -4.46
C ASN B 158 48.85 18.77 -4.25
N ASP B 159 49.64 19.46 -3.47
CA ASP B 159 49.50 20.86 -3.20
C ASP B 159 48.28 21.24 -2.42
N THR B 160 47.66 20.28 -1.75
CA THR B 160 46.41 20.47 -1.07
C THR B 160 46.45 20.01 0.39
N VAL B 161 45.81 20.78 1.27
CA VAL B 161 45.70 20.49 2.69
C VAL B 161 44.28 20.00 2.98
N LEU B 162 44.24 18.73 3.41
CA LEU B 162 42.98 17.99 3.57
C LEU B 162 42.80 17.52 5.01
N ASP B 163 41.58 17.66 5.55
CA ASP B 163 41.32 17.27 6.91
C ASP B 163 41.26 15.79 7.01
N GLY B 164 41.67 15.29 8.17
CA GLY B 164 41.75 13.85 8.39
C GLY B 164 40.44 13.08 8.37
N ARG B 165 39.32 13.71 8.74
CA ARG B 165 38.01 13.00 8.70
C ARG B 165 37.50 12.74 7.26
N ASP B 166 37.48 13.77 6.40
CA ASP B 166 36.85 13.63 5.10
C ASP B 166 37.81 13.12 4.04
N VAL B 167 39.11 13.06 4.31
CA VAL B 167 40.04 12.82 3.20
C VAL B 167 40.01 11.34 2.82
N THR B 168 40.10 11.04 1.55
CA THR B 168 40.06 9.66 1.07
C THR B 168 40.78 9.56 -0.24
N THR B 169 41.26 8.38 -0.57
CA THR B 169 41.91 8.16 -1.90
C THR B 169 40.88 7.77 -2.96
N THR B 170 40.81 8.53 -4.07
CA THR B 170 39.74 8.39 -5.06
C THR B 170 40.11 7.60 -6.33
N ASN B 171 41.41 7.43 -6.58
CA ASN B 171 41.87 6.74 -7.78
C ASN B 171 43.04 5.78 -7.45
N THR B 172 43.12 4.65 -8.15
CA THR B 172 44.19 3.68 -7.78
C THR B 172 45.66 4.12 -8.13
N THR B 173 45.84 5.00 -9.12
CA THR B 173 47.19 5.34 -9.63
C THR B 173 47.48 6.84 -9.72
N ASP B 174 46.46 7.69 -9.64
CA ASP B 174 46.63 9.11 -9.96
C ASP B 174 47.34 9.88 -8.84
N VAL B 175 48.33 10.71 -9.18
CA VAL B 175 48.98 11.57 -8.19
C VAL B 175 48.02 12.48 -7.45
N ALA B 176 46.89 12.83 -8.09
CA ALA B 176 45.84 13.71 -7.46
C ALA B 176 44.77 12.93 -6.72
N THR B 177 45.00 11.64 -6.45
CA THR B 177 43.98 10.86 -5.78
C THR B 177 43.28 11.40 -4.49
N PHE B 178 44.04 11.99 -3.58
CA PHE B 178 43.52 12.37 -2.24
C PHE B 178 42.64 13.59 -2.30
N LYS B 179 41.35 13.38 -1.97
CA LYS B 179 40.37 14.46 -1.98
CA LYS B 179 40.36 14.44 -2.00
C LYS B 179 39.47 14.35 -0.75
N SER B 180 38.98 15.49 -0.29
CA SER B 180 37.93 15.50 0.76
C SER B 180 36.58 15.61 0.01
N VAL B 181 35.96 14.46 -0.21
CA VAL B 181 35.01 14.30 -1.28
C VAL B 181 33.61 14.80 -0.93
N ASN B 182 33.35 15.02 0.36
CA ASN B 182 32.07 15.51 0.80
C ASN B 182 32.13 17.04 1.15
N TYR B 183 33.14 17.46 1.91
CA TYR B 183 33.23 18.86 2.34
C TYR B 183 34.36 19.67 1.82
N GLY B 184 35.27 19.06 1.05
CA GLY B 184 36.30 19.83 0.35
C GLY B 184 37.57 20.08 1.16
N PRO B 185 38.60 20.63 0.54
CA PRO B 185 39.89 20.83 1.25
C PRO B 185 39.84 22.00 2.19
N LEU B 186 40.88 22.13 2.99
CA LEU B 186 41.02 23.23 3.91
C LEU B 186 41.79 24.41 3.29
N GLY B 187 42.77 24.11 2.43
CA GLY B 187 43.73 25.13 1.94
C GLY B 187 44.50 24.53 0.77
N TYR B 188 44.97 25.41 -0.09
CA TYR B 188 45.88 25.04 -1.18
C TYR B 188 47.20 25.75 -0.91
N ILE B 189 48.28 25.05 -1.27
CA ILE B 189 49.65 25.46 -1.03
C ILE B 189 50.16 25.91 -2.39
N HIS B 190 50.72 27.13 -2.44
CA HIS B 190 51.39 27.61 -3.65
C HIS B 190 52.56 28.49 -3.23
N ASN B 191 53.71 28.27 -3.86
CA ASN B 191 54.92 29.02 -3.55
C ASN B 191 55.21 28.98 -2.05
N GLY B 192 54.97 27.84 -1.41
CA GLY B 192 55.33 27.68 0.03
C GLY B 192 54.41 28.40 1.03
N LYS B 193 53.24 28.85 0.59
CA LYS B 193 52.24 29.43 1.49
C LYS B 193 50.89 28.77 1.27
N ILE B 194 50.08 28.85 2.31
CA ILE B 194 48.76 28.20 2.36
C ILE B 194 47.73 29.31 2.58
N ASP B 195 46.72 29.33 1.75
CA ASP B 195 45.54 30.19 2.00
C ASP B 195 44.45 29.29 2.59
N TYR B 196 44.37 29.29 3.91
CA TYR B 196 43.38 28.41 4.55
C TYR B 196 41.99 29.07 4.51
N GLN B 197 40.98 28.40 3.94
CA GLN B 197 39.63 28.96 3.94
C GLN B 197 38.52 28.15 4.63
N ARG B 198 38.91 27.04 5.28
CA ARG B 198 37.99 26.11 5.90
C ARG B 198 38.67 25.41 7.05
N THR B 199 37.89 24.92 8.01
CA THR B 199 38.38 24.09 9.12
C THR B 199 37.25 23.10 9.48
N PRO B 200 37.56 21.86 9.86
CA PRO B 200 36.47 20.89 10.12
C PRO B 200 35.73 21.27 11.41
N ALA B 201 34.38 21.30 11.34
CA ALA B 201 33.54 21.53 12.49
C ALA B 201 33.47 20.33 13.40
N ARG B 202 33.63 19.14 12.86
CA ARG B 202 33.50 17.94 13.72
C ARG B 202 34.61 17.98 14.75
N LYS B 203 34.34 17.48 15.94
CA LYS B 203 35.30 17.57 17.04
C LYS B 203 36.44 16.59 16.81
N HIS B 204 37.64 17.12 17.04
CA HIS B 204 38.89 16.38 16.82
C HIS B 204 39.85 16.63 18.00
N THR B 205 40.92 15.82 17.95
CA THR B 205 42.05 15.84 18.85
C THR B 205 41.61 16.08 20.31
N SER B 206 41.96 17.24 20.86
CA SER B 206 41.69 17.49 22.26
C SER B 206 40.21 17.77 22.58
N ASP B 207 39.31 17.73 21.62
CA ASP B 207 37.90 17.93 21.88
C ASP B 207 37.16 16.64 21.89
N THR B 208 37.88 15.52 21.74
CA THR B 208 37.28 14.20 21.88
C THR B 208 37.64 13.59 23.22
N PRO B 209 36.77 12.72 23.76
CA PRO B 209 37.05 11.97 24.99
C PRO B 209 37.92 10.73 24.79
N PHE B 210 38.31 10.41 23.56
CA PHE B 210 39.07 9.19 23.31
C PHE B 210 40.51 9.36 23.80
N ASP B 211 40.93 8.47 24.68
CA ASP B 211 42.21 8.56 25.34
C ASP B 211 42.85 7.20 25.25
N VAL B 212 43.92 7.13 24.47
CA VAL B 212 44.49 5.85 24.11
C VAL B 212 45.83 5.61 24.84
N SER B 213 46.22 6.56 25.70
CA SER B 213 47.54 6.55 26.37
C SER B 213 47.87 5.23 27.08
N LYS B 214 46.86 4.61 27.68
CA LYS B 214 47.05 3.36 28.44
C LYS B 214 46.41 2.10 27.82
N LEU B 215 46.13 2.12 26.52
CA LEU B 215 45.57 0.97 25.81
C LEU B 215 46.61 0.22 25.02
N ASN B 216 46.62 -1.10 25.16
CA ASN B 216 47.44 -2.00 24.36
C ASN B 216 46.67 -2.72 23.27
N GLU B 217 45.35 -2.58 23.26
CA GLU B 217 44.57 -3.08 22.16
C GLU B 217 43.30 -2.31 21.99
N LEU B 218 42.69 -2.47 20.83
CA LEU B 218 41.46 -1.82 20.47
C LEU B 218 40.36 -2.87 20.29
N PRO B 219 39.09 -2.45 20.47
CA PRO B 219 38.01 -3.38 20.24
C PRO B 219 38.01 -3.94 18.82
N LYS B 220 37.58 -5.19 18.71
CA LYS B 220 37.56 -5.89 17.42
C LYS B 220 36.36 -5.44 16.61
N VAL B 221 36.65 -4.73 15.53
CA VAL B 221 35.65 -4.31 14.57
C VAL B 221 36.00 -4.77 13.13
N GLY B 222 35.03 -5.46 12.48
CA GLY B 222 35.13 -5.99 11.15
C GLY B 222 34.22 -5.32 10.14
N ILE B 223 34.54 -5.48 8.86
CA ILE B 223 33.75 -4.84 7.78
C ILE B 223 33.22 -5.89 6.85
N VAL B 224 31.91 -5.83 6.53
CA VAL B 224 31.32 -6.74 5.57
C VAL B 224 30.75 -5.95 4.37
N TYR B 225 30.84 -6.56 3.20
CA TYR B 225 30.44 -5.90 1.95
C TYR B 225 29.09 -6.38 1.52
N ASN B 226 28.30 -5.45 0.97
CA ASN B 226 26.98 -5.79 0.43
C ASN B 226 27.03 -5.60 -1.10
N TYR B 227 26.18 -6.40 -1.77
CA TYR B 227 26.16 -6.56 -3.20
C TYR B 227 25.00 -7.55 -3.45
N ALA B 228 24.58 -7.67 -4.70
CA ALA B 228 23.60 -8.63 -5.09
C ALA B 228 23.98 -10.11 -4.66
N ASN B 229 23.00 -10.80 -4.06
CA ASN B 229 23.12 -12.19 -3.67
C ASN B 229 24.21 -12.36 -2.62
N ALA B 230 24.46 -11.34 -1.83
CA ALA B 230 25.54 -11.35 -0.82
C ALA B 230 25.36 -12.53 0.16
N SER B 231 26.45 -13.27 0.41
CA SER B 231 26.46 -14.30 1.43
C SER B 231 26.43 -13.65 2.78
N ASP B 232 25.71 -14.27 3.69
CA ASP B 232 25.85 -13.92 5.12
C ASP B 232 27.05 -14.54 5.84
N LEU B 233 27.82 -15.37 5.16
CA LEU B 233 28.91 -16.08 5.85
C LEU B 233 30.00 -15.16 6.45
N PRO B 234 30.38 -14.06 5.76
CA PRO B 234 31.35 -13.17 6.43
C PRO B 234 30.83 -12.56 7.74
N ALA B 235 29.59 -12.11 7.69
CA ALA B 235 28.97 -11.51 8.87
C ALA B 235 28.86 -12.52 9.99
N LYS B 236 28.43 -13.73 9.67
CA LYS B 236 28.36 -14.82 10.64
C LYS B 236 29.69 -15.19 11.22
N ALA B 237 30.75 -15.12 10.41
CA ALA B 237 32.08 -15.44 10.91
C ALA B 237 32.51 -14.41 12.01
N LEU B 238 32.19 -13.17 11.79
CA LEU B 238 32.46 -12.13 12.79
C LEU B 238 31.63 -12.24 14.07
N VAL B 239 30.35 -12.55 13.94
CA VAL B 239 29.49 -12.80 15.09
C VAL B 239 29.92 -14.01 15.88
N ASP B 240 30.25 -15.10 15.17
CA ASP B 240 30.76 -16.34 15.81
C ASP B 240 32.05 -16.11 16.56
N ALA B 241 32.96 -15.28 16.07
CA ALA B 241 34.15 -14.87 16.80
C ALA B 241 33.89 -13.87 17.95
N GLY B 242 32.67 -13.35 18.12
CA GLY B 242 32.39 -12.42 19.25
C GLY B 242 33.00 -11.02 19.03
N TYR B 243 32.99 -10.58 17.80
CA TYR B 243 33.45 -9.24 17.46
C TYR B 243 32.68 -8.16 18.22
N ASP B 244 33.39 -7.09 18.61
CA ASP B 244 32.81 -6.02 19.38
C ASP B 244 31.87 -5.19 18.52
N GLY B 245 32.18 -5.11 17.23
CA GLY B 245 31.42 -4.35 16.28
C GLY B 245 31.58 -4.88 14.86
N ILE B 246 30.59 -4.56 14.02
CA ILE B 246 30.64 -4.85 12.62
C ILE B 246 30.19 -3.61 11.89
N VAL B 247 30.96 -3.18 10.88
CA VAL B 247 30.53 -2.13 9.97
C VAL B 247 30.07 -2.77 8.67
N SER B 248 28.92 -2.35 8.18
CA SER B 248 28.41 -2.77 6.90
C SER B 248 28.79 -1.76 5.84
N ALA B 249 29.43 -2.23 4.78
CA ALA B 249 29.61 -1.44 3.60
C ALA B 249 28.36 -1.71 2.79
N GLY B 250 27.32 -0.93 3.06
CA GLY B 250 26.03 -1.14 2.43
C GLY B 250 25.95 -0.71 0.98
N VAL B 251 24.84 -1.04 0.33
CA VAL B 251 24.58 -0.59 -1.00
C VAL B 251 23.71 0.68 -0.92
N GLY B 252 23.89 1.58 -1.92
CA GLY B 252 23.22 2.88 -1.91
C GLY B 252 23.36 3.51 -0.54
N ASN B 253 22.22 3.95 0.02
CA ASN B 253 22.14 4.69 1.28
C ASN B 253 22.20 3.65 2.43
N GLY B 254 23.34 2.93 2.53
CA GLY B 254 23.57 1.98 3.63
C GLY B 254 22.68 0.76 3.74
N ASN B 255 22.08 0.32 2.64
CA ASN B 255 21.15 -0.81 2.73
C ASN B 255 21.89 -2.13 2.68
N LEU B 256 21.21 -3.14 3.13
CA LEU B 256 21.81 -4.40 3.44
C LEU B 256 21.06 -5.49 2.64
N TYR B 257 21.78 -6.38 1.99
CA TYR B 257 21.17 -7.57 1.36
C TYR B 257 20.38 -8.34 2.43
N LYS B 258 19.24 -8.91 2.07
CA LYS B 258 18.35 -9.52 3.09
C LYS B 258 19.03 -10.46 4.11
N SER B 259 19.84 -11.40 3.64
CA SER B 259 20.56 -12.36 4.52
C SER B 259 21.49 -11.65 5.48
N VAL B 260 22.14 -10.60 5.00
CA VAL B 260 23.15 -9.88 5.77
C VAL B 260 22.38 -9.12 6.84
N PHE B 261 21.28 -8.49 6.44
CA PHE B 261 20.36 -7.78 7.35
C PHE B 261 19.88 -8.72 8.50
N ASP B 262 19.51 -9.95 8.16
CA ASP B 262 19.07 -10.92 9.18
C ASP B 262 20.21 -11.19 10.20
N THR B 263 21.42 -11.46 9.67
CA THR B 263 22.55 -11.77 10.53
C THR B 263 22.91 -10.56 11.41
N LEU B 264 22.92 -9.34 10.81
CA LEU B 264 23.26 -8.13 11.59
C LEU B 264 22.17 -7.73 12.65
N ALA B 265 20.88 -7.95 12.32
CA ALA B 265 19.75 -7.72 13.24
C ALA B 265 19.97 -8.54 14.50
N THR B 266 20.33 -9.80 14.29
CA THR B 266 20.67 -10.68 15.38
C THR B 266 21.91 -10.22 16.14
N ALA B 267 23.01 -9.91 15.46
CA ALA B 267 24.25 -9.43 16.14
C ALA B 267 24.03 -8.26 17.07
N ALA B 268 23.29 -7.27 16.57
CA ALA B 268 23.02 -6.03 17.31
C ALA B 268 22.23 -6.21 18.61
N LYS B 269 21.32 -7.20 18.70
CA LYS B 269 20.67 -7.57 19.99
C LYS B 269 21.44 -8.62 20.82
N THR B 270 22.65 -8.95 20.40
CA THR B 270 23.39 -10.06 20.97
C THR B 270 24.80 -9.64 21.37
N GLY B 271 25.06 -8.36 21.55
CA GLY B 271 26.38 -7.92 22.02
C GLY B 271 27.37 -7.46 20.96
N THR B 272 26.91 -7.27 19.73
CA THR B 272 27.75 -6.71 18.71
C THR B 272 27.16 -5.36 18.27
N ALA B 273 27.86 -4.25 18.46
CA ALA B 273 27.48 -2.98 17.81
C ALA B 273 27.53 -3.05 16.26
N VAL B 274 26.54 -2.49 15.60
CA VAL B 274 26.43 -2.58 14.15
C VAL B 274 26.28 -1.16 13.64
N VAL B 275 27.17 -0.77 12.75
CA VAL B 275 27.15 0.50 12.08
C VAL B 275 26.90 0.27 10.57
N ARG B 276 25.87 0.96 10.04
CA ARG B 276 25.59 0.98 8.64
C ARG B 276 26.36 2.16 8.02
N SER B 277 27.29 1.79 7.13
CA SER B 277 28.00 2.69 6.23
C SER B 277 27.64 2.30 4.81
N SER B 278 28.42 2.76 3.84
CA SER B 278 28.07 2.54 2.46
C SER B 278 29.29 2.36 1.63
N ARG B 279 29.18 1.45 0.64
CA ARG B 279 30.24 1.28 -0.37
C ARG B 279 30.28 2.44 -1.39
N VAL B 280 29.26 3.28 -1.40
CA VAL B 280 29.17 4.38 -2.33
C VAL B 280 30.16 5.47 -1.86
N PRO B 281 30.97 6.01 -2.76
CA PRO B 281 32.16 6.69 -2.29
C PRO B 281 31.91 8.05 -1.75
N THR B 282 30.71 8.60 -1.91
CA THR B 282 30.41 9.92 -1.34
C THR B 282 29.00 9.95 -0.82
N GLY B 283 28.77 10.92 0.05
CA GLY B 283 27.47 11.09 0.68
C GLY B 283 27.34 10.31 2.00
N ALA B 284 26.35 10.74 2.77
CA ALA B 284 26.06 10.19 4.10
C ALA B 284 25.16 8.94 3.99
N THR B 285 25.46 7.94 4.84
CA THR B 285 24.48 6.95 5.18
C THR B 285 23.56 7.60 6.26
N THR B 286 22.26 7.68 5.96
CA THR B 286 21.35 8.49 6.77
C THR B 286 20.43 7.62 7.59
N GLN B 287 19.88 8.25 8.64
CA GLN B 287 18.69 7.70 9.32
C GLN B 287 17.48 8.04 8.43
N ASP B 288 16.32 7.50 8.77
CA ASP B 288 15.04 7.93 8.21
C ASP B 288 14.88 7.68 6.73
N ALA B 289 15.49 6.60 6.28
CA ALA B 289 15.44 6.25 4.89
C ALA B 289 14.59 4.97 4.74
N GLU B 290 15.21 3.85 4.37
CA GLU B 290 14.48 2.55 4.42
C GLU B 290 14.67 1.71 5.69
N VAL B 291 15.68 1.99 6.48
CA VAL B 291 16.02 1.16 7.64
C VAL B 291 15.67 1.84 8.95
N ASP B 292 14.84 1.16 9.74
CA ASP B 292 14.47 1.65 11.03
C ASP B 292 15.61 1.33 12.02
N ASP B 293 16.60 2.24 12.08
CA ASP B 293 17.77 2.02 12.94
C ASP B 293 17.45 1.73 14.42
N ALA B 294 16.53 2.50 14.98
CA ALA B 294 16.14 2.34 16.41
C ALA B 294 15.61 0.93 16.72
N LYS B 295 14.73 0.42 15.87
CA LYS B 295 14.15 -0.90 16.05
C LYS B 295 15.23 -1.98 16.13
N TYR B 296 16.19 -1.91 15.20
CA TYR B 296 17.27 -2.91 15.10
C TYR B 296 18.43 -2.70 16.04
N GLY B 297 18.56 -1.53 16.67
CA GLY B 297 19.76 -1.18 17.44
C GLY B 297 20.97 -0.84 16.57
N PHE B 298 20.74 -0.35 15.35
CA PHE B 298 21.81 0.00 14.43
C PHE B 298 22.20 1.47 14.54
N VAL B 299 23.39 1.77 14.06
CA VAL B 299 23.93 3.13 14.07
C VAL B 299 24.17 3.52 12.60
N ALA B 300 23.80 4.74 12.18
CA ALA B 300 24.09 5.20 10.83
C ALA B 300 25.39 6.00 10.85
N SER B 301 26.26 5.76 9.86
CA SER B 301 27.60 6.28 9.90
C SER B 301 27.76 7.74 9.43
N GLY B 302 26.70 8.32 8.85
CA GLY B 302 26.81 9.63 8.20
C GLY B 302 27.84 9.52 7.04
N THR B 303 28.74 10.50 6.93
CA THR B 303 29.68 10.53 5.77
C THR B 303 30.89 9.65 5.91
N LEU B 304 31.02 9.04 7.08
CA LEU B 304 32.10 8.13 7.34
C LEU B 304 31.91 6.89 6.44
N ASN B 305 32.90 6.70 5.57
CA ASN B 305 33.00 5.49 4.78
C ASN B 305 33.33 4.27 5.67
N PRO B 306 33.24 3.07 5.12
CA PRO B 306 33.30 1.90 6.02
C PRO B 306 34.55 1.83 6.89
N GLN B 307 35.70 1.99 6.27
CA GLN B 307 36.94 1.93 6.98
C GLN B 307 37.13 3.10 7.98
N LYS B 308 36.60 4.27 7.68
CA LYS B 308 36.56 5.38 8.65
C LYS B 308 35.56 5.10 9.79
N ALA B 309 34.43 4.50 9.44
CA ALA B 309 33.42 4.16 10.45
C ALA B 309 33.95 3.12 11.45
N ARG B 310 34.74 2.18 10.96
CA ARG B 310 35.45 1.24 11.83
C ARG B 310 36.29 1.98 12.88
N VAL B 311 37.07 2.98 12.43
CA VAL B 311 37.94 3.74 13.33
C VAL B 311 37.13 4.31 14.47
N LEU B 312 36.10 5.08 14.14
CA LEU B 312 35.29 5.70 15.17
C LEU B 312 34.55 4.62 16.01
N LEU B 313 34.07 3.52 15.39
CA LEU B 313 33.35 2.53 16.17
C LEU B 313 34.30 1.86 17.18
N GLN B 314 35.52 1.55 16.78
CA GLN B 314 36.50 0.99 17.71
C GLN B 314 36.65 1.90 18.90
N LEU B 315 36.78 3.19 18.64
CA LEU B 315 37.02 4.14 19.72
C LEU B 315 35.77 4.36 20.55
N ALA B 316 34.59 4.37 19.93
CA ALA B 316 33.35 4.47 20.67
C ALA B 316 33.18 3.29 21.65
N LEU B 317 33.52 2.08 21.19
CA LEU B 317 33.50 0.87 22.03
C LEU B 317 34.49 0.86 23.20
N THR B 318 35.52 1.71 23.19
CA THR B 318 36.35 1.94 24.41
C THR B 318 35.59 2.69 25.47
N GLN B 319 34.46 3.28 25.10
CA GLN B 319 33.70 4.13 25.99
C GLN B 319 32.32 3.59 26.32
N THR B 320 31.67 2.89 25.39
CA THR B 320 30.26 2.47 25.57
C THR B 320 29.91 1.39 24.57
N LYS B 321 28.98 0.53 24.98
CA LYS B 321 28.40 -0.44 24.09
C LYS B 321 26.97 -0.09 23.76
N ASP B 322 26.44 1.02 24.25
CA ASP B 322 25.00 1.39 24.06
C ASP B 322 24.78 2.02 22.67
N PRO B 323 23.94 1.40 21.81
CA PRO B 323 23.89 1.94 20.40
C PRO B 323 23.37 3.36 20.34
N GLN B 324 22.59 3.77 21.32
CA GLN B 324 22.10 5.14 21.36
C GLN B 324 23.26 6.09 21.63
N GLN B 325 24.12 5.75 22.58
CA GLN B 325 25.34 6.55 22.84
C GLN B 325 26.37 6.52 21.69
N ILE B 326 26.47 5.36 21.04
CA ILE B 326 27.39 5.19 19.91
C ILE B 326 26.90 6.11 18.73
N GLN B 327 25.58 6.15 18.52
CA GLN B 327 25.00 7.00 17.50
C GLN B 327 25.30 8.46 17.83
N GLN B 328 25.20 8.86 19.11
CA GLN B 328 25.49 10.24 19.47
CA GLN B 328 25.51 10.25 19.45
C GLN B 328 27.00 10.53 19.14
N ILE B 329 27.89 9.59 19.43
CA ILE B 329 29.31 9.72 19.00
C ILE B 329 29.47 9.94 17.48
N PHE B 330 28.71 9.19 16.71
CA PHE B 330 28.78 9.29 15.25
C PHE B 330 28.21 10.60 14.73
N ASN B 331 27.43 11.24 15.57
CA ASN B 331 26.87 12.55 15.28
C ASN B 331 27.79 13.70 15.72
N GLN B 332 28.84 13.43 16.50
CA GLN B 332 29.73 14.51 17.00
C GLN B 332 31.16 14.51 16.50
N TYR B 333 31.69 13.35 16.13
CA TYR B 333 33.12 13.21 15.78
C TYR B 333 33.26 12.71 14.35
N HIS C 7 -6.11 32.10 15.36
CA HIS C 7 -6.08 30.66 15.87
C HIS C 7 -7.09 29.73 15.19
N LEU C 8 -6.69 28.51 14.95
CA LEU C 8 -7.55 27.50 14.31
C LEU C 8 -7.95 26.44 15.35
N PRO C 9 -9.15 25.87 15.26
CA PRO C 9 -9.53 24.88 16.28
C PRO C 9 -8.72 23.59 16.19
N ASN C 10 -8.71 22.87 17.29
CA ASN C 10 -8.01 21.59 17.40
C ASN C 10 -9.03 20.53 17.07
N ILE C 11 -8.76 19.71 16.03
CA ILE C 11 -9.70 18.68 15.61
C ILE C 11 -8.98 17.39 15.73
N THR C 12 -9.61 16.41 16.36
CA THR C 12 -9.05 15.07 16.44
C THR C 12 -9.74 14.15 15.43
N ILE C 13 -8.93 13.46 14.61
CA ILE C 13 -9.41 12.41 13.68
C ILE C 13 -9.24 11.02 14.31
N LEU C 14 -10.32 10.28 14.46
CA LEU C 14 -10.29 8.94 15.01
C LEU C 14 -10.60 8.10 13.84
N ALA C 15 -9.58 7.40 13.36
CA ALA C 15 -9.72 6.54 12.18
C ALA C 15 -10.09 5.05 12.49
N THR C 16 -11.01 4.49 11.69
CA THR C 16 -11.44 3.13 11.86
C THR C 16 -11.20 2.23 10.62
N GLY C 17 -10.70 2.78 9.51
CA GLY C 17 -10.48 2.08 8.20
C GLY C 17 -11.41 2.62 7.07
N GLY C 18 -12.07 1.68 6.41
CA GLY C 18 -13.02 2.04 5.37
C GLY C 18 -12.39 2.21 4.05
N AEI C 19 -13.26 2.42 3.07
CA AEI C 19 -12.88 2.69 1.67
C AEI C 19 -12.10 3.98 1.53
O AEI C 19 -11.28 4.08 0.62
CB AEI C 19 -14.13 2.79 0.82
CG2 AEI C 19 -13.80 2.92 -0.66
OG1 AEI C 19 -14.97 1.58 0.98
CD AEI C 19 -16.06 1.57 1.90
OE1 AEI C 19 -16.32 2.47 2.65
CE2 AEI C 19 -16.82 0.25 1.80
CZ AEI C 19 -16.22 -0.75 2.77
NH1 AEI C 19 -16.80 -2.06 2.57
CH2 AEI C 19 -16.48 -0.30 4.19
OT1 AEI C 19 -15.47 -0.15 4.90
OT2 AEI C 19 -17.66 -0.12 4.65
N ILE C 20 -12.40 4.96 2.37
CA ILE C 20 -11.59 6.20 2.49
C ILE C 20 -10.09 5.89 2.63
N ALA C 21 -9.74 4.80 3.29
CA ALA C 21 -8.33 4.37 3.47
C ALA C 21 -8.04 3.13 2.59
N GLY C 22 -8.99 2.78 1.70
CA GLY C 22 -8.83 1.68 0.74
C GLY C 22 -8.00 1.96 -0.51
N GLY C 23 -7.62 0.89 -1.21
CA GLY C 23 -6.81 1.07 -2.41
C GLY C 23 -6.78 -0.17 -3.25
N GLY C 24 -6.49 0.02 -4.56
CA GLY C 24 -6.35 -1.09 -5.55
C GLY C 24 -5.27 -0.69 -6.49
N ASP C 25 -4.86 -1.59 -7.42
CA ASP C 25 -3.73 -1.35 -8.35
C ASP C 25 -4.04 -0.41 -9.49
N SER C 26 -5.32 -0.05 -9.67
CA SER C 26 -5.70 0.81 -10.80
C SER C 26 -6.62 1.94 -10.32
N ALA C 27 -6.33 3.14 -10.82
CA ALA C 27 -7.18 4.31 -10.59
C ALA C 27 -8.56 4.16 -11.26
N THR C 28 -8.67 3.22 -12.18
CA THR C 28 -9.74 3.20 -13.14
C THR C 28 -10.70 1.96 -12.91
N LYS C 29 -10.12 0.80 -12.65
CA LYS C 29 -10.83 -0.39 -12.13
C LYS C 29 -11.48 -0.24 -10.73
N SER C 30 -12.59 -0.94 -10.52
CA SER C 30 -13.36 -0.79 -9.27
C SER C 30 -12.79 -1.64 -8.06
N ASN C 31 -11.86 -2.56 -8.31
CA ASN C 31 -11.35 -3.52 -7.26
C ASN C 31 -10.59 -2.71 -6.22
N TYR C 32 -10.88 -2.95 -4.97
CA TYR C 32 -10.04 -2.44 -3.91
C TYR C 32 -10.14 -3.32 -2.65
N THR C 33 -9.23 -3.02 -1.74
CA THR C 33 -9.22 -3.61 -0.39
C THR C 33 -9.11 -2.48 0.62
N VAL C 34 -9.83 -2.62 1.75
CA VAL C 34 -9.85 -1.58 2.82
C VAL C 34 -8.64 -1.57 3.73
N GLY C 35 -8.32 -0.38 4.24
CA GLY C 35 -7.18 -0.17 5.16
C GLY C 35 -5.82 -0.43 4.53
N LYS C 36 -5.63 -0.04 3.25
CA LYS C 36 -4.27 0.06 2.67
C LYS C 36 -3.45 1.17 3.37
N VAL C 37 -4.04 2.34 3.60
CA VAL C 37 -3.28 3.47 4.14
C VAL C 37 -3.73 3.82 5.56
N GLY C 38 -2.83 4.48 6.29
CA GLY C 38 -3.08 4.84 7.69
C GLY C 38 -3.61 6.25 7.76
N VAL C 39 -3.91 6.70 8.99
CA VAL C 39 -4.45 8.04 9.20
C VAL C 39 -3.46 9.16 8.76
N GLU C 40 -2.16 9.00 9.01
CA GLU C 40 -1.11 10.00 8.61
CA GLU C 40 -1.22 10.05 8.65
C GLU C 40 -1.21 10.25 7.11
N ASN C 41 -1.30 9.15 6.37
CA ASN C 41 -1.38 9.17 4.90
C ASN C 41 -2.61 10.00 4.39
N LEU C 42 -3.80 9.72 4.93
CA LEU C 42 -5.03 10.50 4.59
C LEU C 42 -4.91 12.00 4.83
N VAL C 43 -4.40 12.33 6.02
CA VAL C 43 -4.22 13.71 6.44
C VAL C 43 -3.23 14.41 5.50
N ASN C 44 -2.11 13.77 5.22
CA ASN C 44 -1.05 14.39 4.38
C ASN C 44 -1.52 14.54 2.93
N ALA C 45 -2.45 13.71 2.51
CA ALA C 45 -3.02 13.85 1.19
C ALA C 45 -3.96 15.09 1.11
N VAL C 46 -4.32 15.74 2.23
CA VAL C 46 -5.13 16.93 2.18
C VAL C 46 -4.41 18.08 2.94
N PRO C 47 -3.35 18.65 2.33
CA PRO C 47 -2.62 19.76 2.96
C PRO C 47 -3.48 20.97 3.26
N GLN C 48 -4.57 21.11 2.56
CA GLN C 48 -5.50 22.20 2.82
C GLN C 48 -6.20 22.12 4.20
N LEU C 49 -6.14 20.97 4.87
CA LEU C 49 -6.62 20.90 6.26
C LEU C 49 -5.91 21.85 7.15
N LYS C 50 -4.65 22.12 6.87
CA LYS C 50 -3.90 23.06 7.67
C LYS C 50 -4.41 24.49 7.59
N ASP C 51 -5.18 24.82 6.55
CA ASP C 51 -5.77 26.16 6.44
C ASP C 51 -6.94 26.37 7.49
N ILE C 52 -7.56 25.29 7.94
CA ILE C 52 -8.79 25.33 8.69
C ILE C 52 -8.75 24.72 10.09
N ALA C 53 -7.73 23.92 10.40
CA ALA C 53 -7.67 23.19 11.67
C ALA C 53 -6.24 22.68 11.97
N ASN C 54 -5.94 22.54 13.25
CA ASN C 54 -4.78 21.80 13.77
C ASN C 54 -5.27 20.37 14.00
N VAL C 55 -4.92 19.51 13.10
CA VAL C 55 -5.52 18.16 13.07
C VAL C 55 -4.56 17.24 13.75
N LYS C 56 -5.03 16.34 14.61
CA LYS C 56 -4.23 15.18 15.03
C LYS C 56 -5.02 13.91 14.83
N GLY C 57 -4.33 12.87 14.39
CA GLY C 57 -5.00 11.61 14.03
C GLY C 57 -4.60 10.47 14.95
N GLU C 58 -5.53 9.59 15.28
CA GLU C 58 -5.26 8.35 15.98
C GLU C 58 -5.98 7.23 15.22
N GLN C 59 -5.27 6.12 14.97
CA GLN C 59 -5.88 4.97 14.33
C GLN C 59 -6.51 4.13 15.41
N VAL C 60 -7.84 4.02 15.48
CA VAL C 60 -8.40 3.23 16.53
C VAL C 60 -8.54 1.77 16.20
N VAL C 61 -9.05 1.47 15.01
CA VAL C 61 -8.98 0.14 14.44
C VAL C 61 -8.72 0.37 12.98
N ASN C 62 -8.49 -0.68 12.21
CA ASN C 62 -8.40 -0.49 10.75
C ASN C 62 -9.10 -1.64 10.03
N ILE C 63 -10.41 -1.51 9.91
CA ILE C 63 -11.30 -2.56 9.43
C ILE C 63 -12.24 -2.03 8.38
N GLY C 64 -12.75 -2.95 7.53
CA GLY C 64 -13.87 -2.63 6.64
C GLY C 64 -15.09 -2.46 7.55
N SER C 65 -15.97 -1.51 7.30
CA SER C 65 -17.12 -1.33 8.22
C SER C 65 -18.16 -2.45 8.11
N GLN C 66 -18.04 -3.29 7.08
CA GLN C 66 -18.82 -4.53 7.06
C GLN C 66 -18.49 -5.40 8.25
N ASP C 67 -17.34 -5.19 8.90
CA ASP C 67 -16.97 -5.91 10.09
C ASP C 67 -17.09 -5.12 11.38
N MET C 68 -17.83 -4.04 11.34
CA MET C 68 -18.03 -3.24 12.47
C MET C 68 -18.78 -4.07 13.51
N ASN C 69 -18.49 -3.79 14.78
CA ASN C 69 -19.06 -4.60 15.85
C ASN C 69 -19.21 -3.78 17.13
N ASP C 70 -19.83 -4.42 18.12
CA ASP C 70 -20.11 -3.79 19.39
C ASP C 70 -18.86 -3.28 20.13
N ASN C 71 -17.77 -4.03 20.10
CA ASN C 71 -16.57 -3.66 20.84
C ASN C 71 -15.96 -2.37 20.29
N VAL C 72 -16.03 -2.17 18.98
CA VAL C 72 -15.51 -0.91 18.37
C VAL C 72 -16.42 0.26 18.76
N TRP C 73 -17.71 0.01 18.74
CA TRP C 73 -18.69 1.04 19.17
C TRP C 73 -18.38 1.46 20.60
N LEU C 74 -18.19 0.50 21.51
CA LEU C 74 -17.87 0.88 22.89
C LEU C 74 -16.57 1.66 22.98
N THR C 75 -15.55 1.22 22.23
CA THR C 75 -14.22 1.91 22.22
C THR C 75 -14.36 3.37 21.78
N LEU C 76 -15.11 3.56 20.71
CA LEU C 76 -15.34 4.90 20.19
C LEU C 76 -16.10 5.82 21.17
N ALA C 77 -17.20 5.31 21.73
CA ALA C 77 -17.98 6.19 22.63
C ALA C 77 -17.13 6.61 23.84
N LYS C 78 -16.42 5.64 24.42
CA LYS C 78 -15.67 5.88 25.57
C LYS C 78 -14.54 6.82 25.27
N LYS C 79 -13.91 6.63 24.14
CA LYS C 79 -12.80 7.55 23.75
C LYS C 79 -13.24 9.02 23.58
N ILE C 80 -14.34 9.23 22.84
CA ILE C 80 -14.90 10.60 22.69
C ILE C 80 -15.29 11.19 24.02
N ASN C 81 -15.96 10.43 24.87
CA ASN C 81 -16.39 10.96 26.17
C ASN C 81 -15.14 11.25 27.03
N THR C 82 -14.12 10.42 26.99
CA THR C 82 -12.91 10.64 27.75
C THR C 82 -12.13 11.82 27.27
N ASP C 83 -12.03 11.99 25.95
CA ASP C 83 -11.16 12.98 25.38
C ASP C 83 -11.85 14.32 25.04
N CYS C 84 -13.14 14.43 25.36
CA CYS C 84 -13.96 15.56 24.98
C CYS C 84 -13.26 16.88 25.36
N ASP C 85 -12.67 16.93 26.57
CA ASP C 85 -12.13 18.14 27.12
C ASP C 85 -10.74 18.46 26.51
N LYS C 86 -10.11 17.55 25.79
CA LYS C 86 -8.81 17.78 25.14
C LYS C 86 -8.84 18.31 23.69
N THR C 87 -9.98 18.49 23.06
CA THR C 87 -9.96 18.88 21.66
C THR C 87 -11.18 19.77 21.43
N ASP C 88 -11.25 20.40 20.26
CA ASP C 88 -12.41 21.20 19.92
C ASP C 88 -13.49 20.47 19.13
N GLY C 89 -13.12 19.35 18.54
CA GLY C 89 -14.11 18.56 17.84
C GLY C 89 -13.49 17.30 17.27
N PHE C 90 -14.35 16.38 16.83
CA PHE C 90 -13.91 15.04 16.39
C PHE C 90 -14.44 14.78 14.96
N VAL C 91 -13.58 14.16 14.13
CA VAL C 91 -13.92 13.54 12.85
C VAL C 91 -13.57 12.05 12.99
N ILE C 92 -14.50 11.16 12.63
CA ILE C 92 -14.34 9.73 12.61
C ILE C 92 -14.40 9.24 11.19
N THR C 93 -13.28 8.77 10.65
CA THR C 93 -13.24 8.15 9.28
C THR C 93 -13.68 6.69 9.39
N HIS C 94 -14.57 6.31 8.52
CA HIS C 94 -15.37 5.08 8.69
C HIS C 94 -15.78 4.57 7.30
N GLY C 95 -15.92 3.25 7.18
CA GLY C 95 -16.55 2.74 5.95
C GLY C 95 -18.00 3.16 5.74
N VAL C 96 -18.44 3.11 4.49
CA VAL C 96 -19.81 3.43 4.06
CA VAL C 96 -19.82 3.48 4.19
C VAL C 96 -20.89 2.45 4.61
N ASP C 97 -20.53 1.17 4.59
CA ASP C 97 -21.46 0.07 4.68
C ASP C 97 -22.34 0.17 5.97
N THR C 98 -21.70 0.48 7.09
CA THR C 98 -22.38 0.52 8.40
C THR C 98 -22.23 1.86 9.10
N MET C 99 -21.80 2.89 8.35
CA MET C 99 -21.71 4.22 8.92
C MET C 99 -23.01 4.70 9.61
N GLU C 100 -24.15 4.37 9.04
CA GLU C 100 -25.42 4.79 9.57
C GLU C 100 -25.74 4.15 10.93
N GLU C 101 -25.10 3.00 11.22
CA GLU C 101 -25.30 2.27 12.43
C GLU C 101 -24.40 2.89 13.48
N THR C 102 -23.12 3.00 13.19
CA THR C 102 -22.19 3.65 14.12
C THR C 102 -22.58 5.07 14.44
N ALA C 103 -22.99 5.84 13.44
CA ALA C 103 -23.39 7.20 13.72
C ALA C 103 -24.51 7.30 14.69
N TYR C 104 -25.49 6.41 14.59
CA TYR C 104 -26.62 6.45 15.51
C TYR C 104 -26.23 5.96 16.93
N PHE C 105 -25.39 4.92 17.00
CA PHE C 105 -24.92 4.44 18.30
C PHE C 105 -24.24 5.56 19.03
N LEU C 106 -23.34 6.26 18.34
CA LEU C 106 -22.64 7.37 19.00
C LEU C 106 -23.60 8.57 19.28
N ASP C 107 -24.59 8.76 18.40
CA ASP C 107 -25.62 9.83 18.64
C ASP C 107 -26.32 9.62 19.99
N LEU C 108 -26.43 8.36 20.42
CA LEU C 108 -27.13 8.03 21.62
C LEU C 108 -26.23 7.93 22.84
N THR C 109 -24.93 7.72 22.66
CA THR C 109 -24.07 7.38 23.80
C THR C 109 -22.96 8.37 24.03
N VAL C 110 -22.68 9.23 23.05
CA VAL C 110 -21.71 10.34 23.26
C VAL C 110 -22.36 11.40 24.15
N LYS C 111 -21.59 11.86 25.13
CA LYS C 111 -22.01 12.88 26.05
C LYS C 111 -21.23 14.21 25.81
N CYS C 112 -20.34 14.21 24.87
CA CYS C 112 -19.55 15.38 24.48
C CYS C 112 -20.45 16.15 23.54
N ASP C 113 -20.73 17.42 23.77
CA ASP C 113 -21.59 18.14 22.77
C ASP C 113 -20.83 19.03 21.80
N LYS C 114 -19.52 18.97 21.90
CA LYS C 114 -18.67 19.42 20.82
C LYS C 114 -18.99 18.63 19.52
N PRO C 115 -18.71 19.21 18.35
CA PRO C 115 -19.02 18.50 17.11
C PRO C 115 -18.38 17.13 17.02
N VAL C 116 -19.19 16.12 16.73
CA VAL C 116 -18.68 14.79 16.36
C VAL C 116 -19.18 14.49 14.97
N VAL C 117 -18.24 14.33 14.01
CA VAL C 117 -18.59 14.20 12.61
C VAL C 117 -18.00 12.93 12.00
N MET C 118 -18.80 12.13 11.31
CA MET C 118 -18.34 10.91 10.68
C MET C 118 -18.19 11.16 9.19
N VAL C 119 -17.20 10.53 8.55
CA VAL C 119 -16.97 10.72 7.16
C VAL C 119 -16.36 9.49 6.56
N GLY C 120 -16.69 9.25 5.28
CA GLY C 120 -16.08 8.22 4.50
C GLY C 120 -16.01 8.53 3.05
N ALA C 121 -15.94 7.50 2.22
CA ALA C 121 -15.76 7.70 0.79
C ALA C 121 -16.28 6.50 0.08
N MET C 122 -16.87 6.75 -1.09
CA MET C 122 -17.39 5.70 -1.89
CA MET C 122 -17.41 5.71 -1.90
C MET C 122 -16.35 5.12 -2.80
N ARG C 123 -15.38 5.93 -3.21
CA ARG C 123 -14.33 5.43 -4.09
C ARG C 123 -13.04 5.33 -3.22
N PRO C 124 -12.16 4.32 -3.52
CA PRO C 124 -10.96 4.18 -2.75
C PRO C 124 -10.03 5.35 -3.02
N SER C 125 -9.06 5.55 -2.15
CA SER C 125 -8.20 6.71 -2.21
C SER C 125 -7.34 6.70 -3.45
N THR C 126 -7.14 5.52 -4.07
CA THR C 126 -6.35 5.41 -5.28
C THR C 126 -7.15 5.73 -6.58
N SER C 127 -8.45 5.95 -6.44
CA SER C 127 -9.38 6.16 -7.58
C SER C 127 -9.16 7.44 -8.29
N MET C 128 -9.35 7.43 -9.58
CA MET C 128 -9.56 8.67 -10.32
C MET C 128 -10.81 9.41 -9.71
N SER C 129 -10.69 10.73 -9.55
CA SER C 129 -11.72 11.53 -8.94
C SER C 129 -12.21 10.97 -7.61
N ALA C 130 -11.27 10.52 -6.77
CA ALA C 130 -11.65 10.00 -5.44
C ALA C 130 -12.36 11.05 -4.66
N ASP C 131 -13.46 10.67 -4.02
CA ASP C 131 -14.25 11.58 -3.25
C ASP C 131 -13.70 11.81 -1.81
N GLY C 132 -12.88 10.90 -1.30
CA GLY C 132 -12.42 11.05 0.07
C GLY C 132 -11.69 12.38 0.48
N PRO C 133 -10.77 12.89 -0.34
CA PRO C 133 -10.06 14.05 0.10
C PRO C 133 -11.01 15.22 0.42
N PHE C 134 -11.88 15.62 -0.52
CA PHE C 134 -12.78 16.72 -0.23
C PHE C 134 -13.84 16.33 0.79
N ASN C 135 -14.25 15.06 0.87
CA ASN C 135 -15.12 14.66 1.96
C ASN C 135 -14.47 14.95 3.33
N LEU C 136 -13.22 14.55 3.43
CA LEU C 136 -12.50 14.74 4.70
C LEU C 136 -12.32 16.26 5.03
N TYR C 137 -11.99 17.04 4.01
CA TYR C 137 -11.94 18.46 4.16
C TYR C 137 -13.23 18.99 4.72
N ASN C 138 -14.36 18.63 4.08
CA ASN C 138 -15.65 19.12 4.51
C ASN C 138 -16.06 18.64 5.90
N ALA C 139 -15.62 17.42 6.30
CA ALA C 139 -15.87 16.89 7.66
C ALA C 139 -15.19 17.72 8.70
N VAL C 140 -13.94 18.11 8.41
CA VAL C 140 -13.18 18.98 9.27
C VAL C 140 -13.80 20.40 9.39
N VAL C 141 -14.22 20.94 8.24
CA VAL C 141 -14.96 22.20 8.21
C VAL C 141 -16.13 22.13 9.20
N THR C 142 -16.87 21.03 9.11
CA THR C 142 -18.07 20.83 9.88
C THR C 142 -17.73 20.73 11.34
N ALA C 143 -16.71 19.94 11.65
CA ALA C 143 -16.26 19.79 13.03
C ALA C 143 -15.68 21.03 13.63
N ALA C 144 -15.16 21.91 12.78
CA ALA C 144 -14.64 23.17 13.21
C ALA C 144 -15.66 24.25 13.33
N ASP C 145 -16.88 24.04 12.87
CA ASP C 145 -17.87 25.10 12.87
C ASP C 145 -18.54 25.13 14.23
N LYS C 146 -18.47 26.23 14.95
CA LYS C 146 -19.14 26.25 16.26
C LYS C 146 -20.67 25.97 16.24
N ALA C 147 -21.36 26.35 15.17
CA ALA C 147 -22.77 26.08 15.00
C ALA C 147 -23.05 24.60 14.79
N SER C 148 -22.04 23.73 14.59
CA SER C 148 -22.28 22.28 14.50
C SER C 148 -22.51 21.65 15.86
N ALA C 149 -22.16 22.37 16.96
CA ALA C 149 -22.31 21.79 18.30
C ALA C 149 -23.78 21.69 18.64
N ASN C 150 -24.10 20.78 19.54
CA ASN C 150 -25.45 20.58 19.99
C ASN C 150 -26.48 20.07 18.96
N ARG C 151 -26.01 19.47 17.83
CA ARG C 151 -26.86 18.89 16.84
C ARG C 151 -26.84 17.40 16.84
N GLY C 152 -26.11 16.80 17.77
CA GLY C 152 -25.92 15.41 17.84
C GLY C 152 -24.81 14.97 16.91
N VAL C 153 -24.63 13.68 16.76
CA VAL C 153 -23.53 13.15 15.95
C VAL C 153 -24.00 13.27 14.50
N LEU C 154 -23.08 13.68 13.64
CA LEU C 154 -23.33 14.03 12.28
C LEU C 154 -22.55 13.12 11.35
N VAL C 155 -23.03 13.04 10.13
CA VAL C 155 -22.31 12.41 8.99
C VAL C 155 -22.19 13.48 7.89
N VAL C 156 -20.99 13.68 7.36
CA VAL C 156 -20.77 14.65 6.36
C VAL C 156 -20.29 13.94 5.12
N MET C 157 -21.12 13.96 4.07
CA MET C 157 -20.77 13.35 2.82
C MET C 157 -21.41 14.12 1.71
N ASN C 158 -20.67 14.24 0.61
CA ASN C 158 -21.17 14.92 -0.61
C ASN C 158 -21.69 16.29 -0.29
N ASP C 159 -20.89 17.06 0.43
CA ASP C 159 -21.13 18.52 0.65
C ASP C 159 -22.37 18.79 1.51
N THR C 160 -22.79 17.79 2.26
CA THR C 160 -24.02 17.79 3.01
C THR C 160 -23.78 17.33 4.45
N VAL C 161 -24.39 18.04 5.39
CA VAL C 161 -24.35 17.67 6.79
C VAL C 161 -25.68 16.93 7.17
N LEU C 162 -25.56 15.69 7.64
CA LEU C 162 -26.69 14.83 7.95
C LEU C 162 -26.72 14.36 9.40
N ASP C 163 -27.89 14.28 10.03
CA ASP C 163 -27.96 13.83 11.38
C ASP C 163 -27.86 12.33 11.42
N GLY C 164 -27.25 11.83 12.50
CA GLY C 164 -26.97 10.41 12.74
C GLY C 164 -28.16 9.51 12.84
N ARG C 165 -29.30 10.04 13.25
CA ARG C 165 -30.50 9.27 13.37
C ARG C 165 -31.08 8.93 11.99
N ASP C 166 -31.34 9.92 11.14
CA ASP C 166 -32.06 9.65 9.85
C ASP C 166 -31.12 9.24 8.71
N VAL C 167 -29.85 9.51 8.86
CA VAL C 167 -28.92 9.28 7.76
C VAL C 167 -28.86 7.81 7.40
N THR C 168 -28.90 7.56 6.11
CA THR C 168 -28.73 6.18 5.57
C THR C 168 -28.03 6.15 4.20
N THR C 169 -27.45 5.01 3.83
CA THR C 169 -26.87 4.87 2.53
C THR C 169 -27.93 4.38 1.54
N THR C 170 -28.15 5.11 0.47
CA THR C 170 -29.26 4.80 -0.43
C THR C 170 -28.87 4.09 -1.72
N ASN C 171 -27.59 4.15 -2.08
CA ASN C 171 -27.14 3.51 -3.36
C ASN C 171 -25.82 2.74 -3.13
N THR C 172 -25.66 1.63 -3.80
CA THR C 172 -24.51 0.80 -3.56
C THR C 172 -23.19 1.41 -4.05
N THR C 173 -23.25 2.32 -5.04
CA THR C 173 -22.06 2.82 -5.72
C THR C 173 -21.90 4.36 -5.82
N ASP C 174 -22.95 5.11 -5.65
CA ASP C 174 -23.00 6.52 -5.96
C ASP C 174 -22.35 7.33 -4.88
N VAL C 175 -21.45 8.23 -5.25
CA VAL C 175 -20.85 9.17 -4.30
C VAL C 175 -21.86 9.99 -3.50
N ALA C 176 -23.08 10.17 -4.01
CA ALA C 176 -24.10 10.92 -3.36
C ALA C 176 -25.08 10.06 -2.54
N THR C 177 -24.68 8.82 -2.27
CA THR C 177 -25.54 7.88 -1.55
C THR C 177 -26.13 8.33 -0.19
N PHE C 178 -25.38 9.09 0.60
CA PHE C 178 -25.86 9.33 1.95
C PHE C 178 -26.95 10.39 1.99
N LYS C 179 -28.15 10.03 2.44
CA LYS C 179 -29.26 10.94 2.52
C LYS C 179 -30.06 10.72 3.83
N SER C 180 -30.67 11.78 4.34
CA SER C 180 -31.62 11.68 5.44
C SER C 180 -33.01 11.57 4.84
N VAL C 181 -33.39 10.33 4.57
CA VAL C 181 -34.45 10.03 3.65
C VAL C 181 -35.87 10.39 4.13
N ASN C 182 -36.03 10.61 5.41
CA ASN C 182 -37.34 10.93 5.96
C ASN C 182 -37.48 12.44 6.28
N TYR C 183 -36.45 13.05 6.87
CA TYR C 183 -36.54 14.42 7.39
C TYR C 183 -35.51 15.37 6.81
N GLY C 184 -34.62 14.89 5.91
CA GLY C 184 -33.75 15.76 5.18
C GLY C 184 -32.49 16.19 5.93
N PRO C 185 -31.56 16.80 5.21
CA PRO C 185 -30.30 17.18 5.86
C PRO C 185 -30.45 18.39 6.83
N LEU C 186 -29.38 18.68 7.56
CA LEU C 186 -29.29 19.82 8.44
C LEU C 186 -28.79 21.08 7.77
N GLY C 187 -27.87 20.88 6.85
CA GLY C 187 -27.19 21.98 6.18
C GLY C 187 -26.36 21.53 5.01
N TYR C 188 -26.08 22.45 4.10
CA TYR C 188 -25.22 22.18 3.00
C TYR C 188 -23.97 23.01 3.18
N ILE C 189 -22.89 22.46 2.62
CA ILE C 189 -21.54 23.07 2.71
C ILE C 189 -21.13 23.61 1.35
N HIS C 190 -20.81 24.88 1.31
CA HIS C 190 -20.29 25.48 0.11
C HIS C 190 -19.17 26.41 0.47
N ASN C 191 -18.05 26.30 -0.24
CA ASN C 191 -16.89 27.17 -0.03
C ASN C 191 -16.48 27.23 1.44
N GLY C 192 -16.50 26.09 2.09
CA GLY C 192 -16.07 25.99 3.47
C GLY C 192 -17.03 26.60 4.50
N LYS C 193 -18.25 26.89 4.14
CA LYS C 193 -19.25 27.45 5.04
C LYS C 193 -20.58 26.68 4.99
N ILE C 194 -21.25 26.64 6.11
CA ILE C 194 -22.42 25.79 6.26
C ILE C 194 -23.62 26.71 6.61
N ASP C 195 -24.70 26.60 5.86
CA ASP C 195 -25.97 27.26 6.25
C ASP C 195 -26.86 26.20 6.88
N TYR C 196 -26.85 26.16 8.22
CA TYR C 196 -27.68 25.17 8.92
C TYR C 196 -29.14 25.67 8.98
N GLN C 197 -30.09 24.89 8.53
CA GLN C 197 -31.51 25.29 8.66
C GLN C 197 -32.36 24.31 9.45
N ARG C 198 -31.74 23.28 9.98
CA ARG C 198 -32.46 22.21 10.70
C ARG C 198 -31.58 21.61 11.78
N THR C 199 -32.25 21.04 12.78
CA THR C 199 -31.61 20.28 13.85
C THR C 199 -32.59 19.17 14.30
N PRO C 200 -32.06 18.03 14.69
CA PRO C 200 -32.97 16.92 15.08
C PRO C 200 -33.73 17.17 16.39
N ALA C 201 -35.04 17.01 16.36
CA ALA C 201 -35.82 17.09 17.56
C ALA C 201 -35.70 15.85 18.48
N ARG C 202 -35.47 14.68 17.97
CA ARG C 202 -35.32 13.50 18.81
C ARG C 202 -34.17 13.68 19.75
N LYS C 203 -34.30 13.21 20.96
CA LYS C 203 -33.23 13.41 21.97
C LYS C 203 -31.91 12.70 21.64
N HIS C 204 -30.79 13.39 21.76
CA HIS C 204 -29.52 12.78 21.46
C HIS C 204 -28.51 13.10 22.50
N THR C 205 -27.35 12.47 22.40
CA THR C 205 -26.18 12.72 23.25
C THR C 205 -26.46 12.92 24.76
N SER C 206 -26.29 14.13 25.26
CA SER C 206 -26.35 14.35 26.69
C SER C 206 -27.82 14.37 27.23
N ASP C 207 -28.81 14.28 26.32
CA ASP C 207 -30.24 14.26 26.67
C ASP C 207 -30.77 12.84 26.67
N THR C 208 -29.91 11.84 26.47
CA THR C 208 -30.32 10.45 26.61
C THR C 208 -29.77 9.86 27.90
N PRO C 209 -30.43 8.82 28.42
CA PRO C 209 -29.93 8.17 29.65
C PRO C 209 -28.94 7.07 29.36
N PHE C 210 -28.61 6.83 28.08
CA PHE C 210 -27.76 5.68 27.78
C PHE C 210 -26.31 5.99 28.17
N ASP C 211 -25.70 5.14 28.99
CA ASP C 211 -24.38 5.41 29.55
C ASP C 211 -23.57 4.15 29.41
N VAL C 212 -22.65 4.15 28.47
CA VAL C 212 -21.90 2.92 28.17
C VAL C 212 -20.50 2.91 28.81
N SER C 213 -20.19 3.90 29.67
CA SER C 213 -18.85 4.09 30.22
C SER C 213 -18.30 2.84 30.89
N LYS C 214 -19.18 2.07 31.50
CA LYS C 214 -18.80 0.88 32.28
C LYS C 214 -19.24 -0.45 31.67
N LEU C 215 -19.79 -0.41 30.45
CA LEU C 215 -20.21 -1.63 29.77
C LEU C 215 -19.07 -2.28 29.04
N ASN C 216 -18.94 -3.58 29.18
CA ASN C 216 -17.99 -4.38 28.43
C ASN C 216 -18.62 -5.11 27.26
N GLU C 217 -19.94 -5.09 27.17
CA GLU C 217 -20.72 -5.76 26.15
C GLU C 217 -22.07 -5.11 26.04
N LEU C 218 -22.76 -5.44 24.96
CA LEU C 218 -24.10 -4.92 24.71
C LEU C 218 -25.10 -6.12 24.60
N PRO C 219 -26.38 -5.89 25.00
CA PRO C 219 -27.44 -6.91 24.82
C PRO C 219 -27.46 -7.44 23.37
N LYS C 220 -27.72 -8.71 23.26
CA LYS C 220 -27.75 -9.38 21.95
C LYS C 220 -29.07 -9.11 21.24
N VAL C 221 -28.97 -8.48 20.08
CA VAL C 221 -30.11 -8.20 19.24
C VAL C 221 -29.82 -8.63 17.83
N GLY C 222 -30.75 -9.39 17.25
CA GLY C 222 -30.60 -9.89 15.93
C GLY C 222 -31.64 -9.35 15.01
N ILE C 223 -31.46 -9.51 13.67
CA ILE C 223 -32.40 -8.97 12.72
C ILE C 223 -32.86 -10.11 11.79
N VAL C 224 -34.18 -10.26 11.67
CA VAL C 224 -34.76 -11.24 10.72
C VAL C 224 -35.51 -10.52 9.60
N TYR C 225 -35.35 -11.02 8.38
CA TYR C 225 -35.96 -10.47 7.14
C TYR C 225 -37.27 -11.17 6.82
N ASN C 226 -38.24 -10.42 6.33
CA ASN C 226 -39.52 -10.95 5.92
C ASN C 226 -39.66 -10.75 4.39
N TYR C 227 -40.39 -11.67 3.77
CA TYR C 227 -40.52 -11.82 2.32
C TYR C 227 -41.56 -12.93 2.13
N ALA C 228 -41.95 -13.19 0.90
CA ALA C 228 -42.93 -14.21 0.64
C ALA C 228 -42.34 -15.60 0.98
N ASN C 229 -43.11 -16.44 1.64
CA ASN C 229 -42.70 -17.80 2.03
C ASN C 229 -41.49 -17.79 2.98
N ALA C 230 -41.46 -16.78 3.85
CA ALA C 230 -40.31 -16.61 4.73
C ALA C 230 -40.15 -17.80 5.70
N SER C 231 -38.94 -18.30 5.87
CA SER C 231 -38.65 -19.33 6.91
C SER C 231 -38.71 -18.68 8.31
N ASP C 232 -39.31 -19.42 9.25
CA ASP C 232 -39.17 -19.10 10.67
C ASP C 232 -37.83 -19.50 11.30
N LEU C 233 -36.96 -20.15 10.53
CA LEU C 233 -35.78 -20.75 11.08
C LEU C 233 -34.82 -19.73 11.61
N PRO C 234 -34.61 -18.62 10.94
CA PRO C 234 -33.76 -17.64 11.57
C PRO C 234 -34.23 -17.05 12.91
N ALA C 235 -35.53 -16.70 12.97
CA ALA C 235 -36.19 -16.26 14.21
C ALA C 235 -36.01 -17.29 15.29
N LYS C 236 -36.34 -18.53 14.98
CA LYS C 236 -36.18 -19.61 15.92
C LYS C 236 -34.76 -19.77 16.47
N ALA C 237 -33.77 -19.61 15.60
CA ALA C 237 -32.37 -19.78 16.02
C ALA C 237 -31.98 -18.64 16.98
N LEU C 238 -32.47 -17.42 16.80
CA LEU C 238 -32.12 -16.37 17.74
C LEU C 238 -32.80 -16.60 19.09
N VAL C 239 -34.03 -17.08 19.06
CA VAL C 239 -34.78 -17.41 20.26
C VAL C 239 -34.06 -18.55 21.01
N ASP C 240 -33.72 -19.62 20.30
CA ASP C 240 -33.00 -20.75 20.88
C ASP C 240 -31.69 -20.35 21.50
N ALA C 241 -31.01 -19.34 20.96
CA ALA C 241 -29.79 -18.86 21.55
C ALA C 241 -30.03 -17.88 22.73
N GLY C 242 -31.26 -17.54 23.06
CA GLY C 242 -31.53 -16.66 24.19
C GLY C 242 -31.21 -15.20 23.84
N TYR C 243 -31.45 -14.77 22.60
CA TYR C 243 -31.25 -13.36 22.26
C TYR C 243 -32.11 -12.45 23.15
N ASP C 244 -31.54 -11.31 23.55
CA ASP C 244 -32.22 -10.33 24.35
C ASP C 244 -33.32 -9.62 23.55
N GLY C 245 -33.05 -9.41 22.29
CA GLY C 245 -34.03 -8.78 21.43
C GLY C 245 -33.89 -9.21 19.99
N ILE C 246 -35.02 -9.09 19.29
CA ILE C 246 -35.06 -9.35 17.84
C ILE C 246 -35.79 -8.21 17.15
N VAL C 247 -35.19 -7.72 16.08
CA VAL C 247 -35.79 -6.76 15.20
C VAL C 247 -36.24 -7.48 13.93
N SER C 248 -37.47 -7.25 13.52
CA SER C 248 -38.02 -7.78 12.29
C SER C 248 -37.95 -6.73 11.18
N ALA C 249 -37.33 -7.05 10.07
CA ALA C 249 -37.31 -6.19 8.87
C ALA C 249 -38.53 -6.64 8.14
N GLY C 250 -39.64 -6.06 8.50
CA GLY C 250 -40.96 -6.48 7.98
C GLY C 250 -41.25 -6.01 6.56
N VAL C 251 -42.34 -6.48 6.02
CA VAL C 251 -42.72 -6.11 4.67
C VAL C 251 -43.78 -4.99 4.86
N GLY C 252 -43.79 -4.06 3.92
CA GLY C 252 -44.72 -2.91 3.95
C GLY C 252 -44.56 -2.18 5.26
N ASN C 253 -45.69 -1.91 5.93
CA ASN C 253 -45.71 -1.17 7.21
C ASN C 253 -45.45 -2.15 8.35
N GLY C 254 -44.23 -2.66 8.36
CA GLY C 254 -43.71 -3.56 9.41
C GLY C 254 -44.40 -4.88 9.60
N ASN C 255 -45.03 -5.43 8.54
CA ASN C 255 -45.79 -6.68 8.63
C ASN C 255 -44.87 -7.92 8.56
N LEU C 256 -45.36 -9.01 9.13
CA LEU C 256 -44.58 -10.19 9.26
C LEU C 256 -45.27 -11.37 8.58
N TYR C 257 -44.47 -12.22 7.96
CA TYR C 257 -44.99 -13.50 7.48
C TYR C 257 -45.50 -14.34 8.65
N LYS C 258 -46.56 -15.10 8.42
CA LYS C 258 -47.28 -15.77 9.50
C LYS C 258 -46.36 -16.58 10.47
N SER C 259 -45.51 -17.43 9.91
CA SER C 259 -44.73 -18.28 10.73
C SER C 259 -43.64 -17.47 11.48
N VAL C 260 -43.18 -16.36 10.92
CA VAL C 260 -42.26 -15.50 11.63
C VAL C 260 -43.03 -14.80 12.75
N PHE C 261 -44.18 -14.29 12.43
CA PHE C 261 -45.05 -13.66 13.42
C PHE C 261 -45.26 -14.64 14.60
N ASP C 262 -45.64 -15.87 14.32
CA ASP C 262 -45.95 -16.82 15.40
C ASP C 262 -44.74 -17.05 16.28
N THR C 263 -43.56 -17.19 15.71
CA THR C 263 -42.36 -17.40 16.50
C THR C 263 -42.02 -16.17 17.42
N LEU C 264 -42.13 -14.96 16.89
CA LEU C 264 -41.80 -13.76 17.61
C LEU C 264 -42.88 -13.48 18.69
N ALA C 265 -44.16 -13.75 18.40
CA ALA C 265 -45.23 -13.65 19.39
C ALA C 265 -44.95 -14.53 20.62
N THR C 266 -44.68 -15.82 20.42
CA THR C 266 -44.30 -16.70 21.54
C THR C 266 -43.03 -16.18 22.26
N ALA C 267 -42.02 -15.70 21.51
CA ALA C 267 -40.80 -15.23 22.14
C ALA C 267 -41.11 -13.99 22.97
N ALA C 268 -41.90 -13.04 22.44
CA ALA C 268 -42.26 -11.87 23.25
C ALA C 268 -42.91 -12.26 24.59
N LYS C 269 -43.72 -13.31 24.61
CA LYS C 269 -44.32 -13.71 25.89
C LYS C 269 -43.34 -14.31 26.82
N THR C 270 -42.22 -14.83 26.32
CA THR C 270 -41.23 -15.39 27.22
C THR C 270 -40.34 -14.27 27.72
N GLY C 271 -40.39 -13.07 27.18
CA GLY C 271 -39.55 -11.96 27.66
C GLY C 271 -38.57 -11.43 26.64
N THR C 272 -38.40 -12.05 25.48
CA THR C 272 -37.65 -11.48 24.40
C THR C 272 -38.27 -10.16 23.95
N ALA C 273 -37.46 -9.11 23.84
CA ALA C 273 -37.94 -7.84 23.23
C ALA C 273 -38.05 -7.94 21.70
N VAL C 274 -39.19 -7.54 21.12
CA VAL C 274 -39.48 -7.68 19.67
C VAL C 274 -39.92 -6.29 19.13
N VAL C 275 -39.09 -5.79 18.21
CA VAL C 275 -39.33 -4.53 17.51
C VAL C 275 -39.69 -4.83 16.06
N ARG C 276 -40.87 -4.34 15.66
CA ARG C 276 -41.21 -4.32 14.25
C ARG C 276 -40.61 -3.12 13.55
N SER C 277 -39.75 -3.36 12.55
CA SER C 277 -39.29 -2.36 11.61
C SER C 277 -39.70 -2.80 10.25
N SER C 278 -39.12 -2.19 9.23
CA SER C 278 -39.50 -2.48 7.83
C SER C 278 -38.29 -2.55 6.94
N ARG C 279 -38.34 -3.45 5.95
CA ARG C 279 -37.36 -3.46 4.88
C ARG C 279 -37.53 -2.33 3.87
N VAL C 280 -38.65 -1.61 3.96
CA VAL C 280 -39.01 -0.59 3.04
C VAL C 280 -38.13 0.61 3.41
N PRO C 281 -37.59 1.32 2.41
CA PRO C 281 -36.45 2.17 2.80
C PRO C 281 -36.79 3.53 3.41
N THR C 282 -38.02 4.01 3.23
CA THR C 282 -38.49 5.23 3.86
C THR C 282 -39.80 5.02 4.57
N GLY C 283 -40.09 5.94 5.47
CA GLY C 283 -41.36 5.92 6.21
C GLY C 283 -41.32 5.10 7.51
N ALA C 284 -42.29 5.40 8.37
CA ALA C 284 -42.37 4.86 9.73
C ALA C 284 -43.07 3.51 9.68
N THR C 285 -42.55 2.56 10.47
CA THR C 285 -43.37 1.48 10.92
C THR C 285 -44.26 1.99 12.07
N THR C 286 -45.56 1.96 11.84
CA THR C 286 -46.51 2.64 12.72
C THR C 286 -47.23 1.65 13.62
N GLN C 287 -47.81 2.19 14.69
CA GLN C 287 -48.87 1.54 15.44
C GLN C 287 -50.19 1.81 14.69
N ASP C 288 -51.25 1.14 15.10
CA ASP C 288 -52.57 1.35 14.52
C ASP C 288 -52.74 1.06 13.05
N ALA C 289 -51.99 0.08 12.56
CA ALA C 289 -52.14 -0.41 11.22
C ALA C 289 -52.74 -1.82 11.29
N GLU C 290 -52.02 -2.87 10.87
CA GLU C 290 -52.54 -4.20 10.90
C GLU C 290 -52.10 -5.02 12.12
N VAL C 291 -51.13 -4.56 12.91
CA VAL C 291 -50.62 -5.31 14.03
C VAL C 291 -50.92 -4.63 15.37
N ASP C 292 -51.57 -5.37 16.28
CA ASP C 292 -51.89 -4.85 17.60
C ASP C 292 -50.70 -5.09 18.53
N ASP C 293 -49.82 -4.10 18.53
CA ASP C 293 -48.57 -4.26 19.22
C ASP C 293 -48.77 -4.53 20.69
N ALA C 294 -49.69 -3.84 21.33
CA ALA C 294 -49.83 -3.93 22.78
C ALA C 294 -50.29 -5.32 23.17
N LYS C 295 -51.15 -5.90 22.36
CA LYS C 295 -51.57 -7.28 22.52
C LYS C 295 -50.42 -8.29 22.45
N TYR C 296 -49.49 -8.12 21.51
CA TYR C 296 -48.38 -9.07 21.32
C TYR C 296 -47.16 -8.77 22.15
N GLY C 297 -47.09 -7.59 22.76
CA GLY C 297 -45.90 -7.20 23.50
C GLY C 297 -44.83 -6.71 22.55
N PHE C 298 -45.17 -6.24 21.37
CA PHE C 298 -44.17 -5.81 20.43
C PHE C 298 -43.99 -4.25 20.52
N VAL C 299 -42.93 -3.73 19.91
CA VAL C 299 -42.65 -2.30 19.83
C VAL C 299 -42.56 -1.89 18.33
N ALA C 300 -43.19 -0.80 17.93
CA ALA C 300 -43.09 -0.29 16.58
C ALA C 300 -41.90 0.61 16.46
N SER C 301 -41.06 0.39 15.44
CA SER C 301 -39.82 1.17 15.29
C SER C 301 -39.94 2.63 14.83
N GLY C 302 -41.11 3.07 14.35
CA GLY C 302 -41.20 4.37 13.70
C GLY C 302 -40.29 4.43 12.48
N THR C 303 -39.61 5.57 12.29
CA THR C 303 -38.74 5.70 11.11
C THR C 303 -37.43 4.99 11.16
N LEU C 304 -37.08 4.41 12.29
CA LEU C 304 -35.88 3.65 12.40
C LEU C 304 -35.89 2.36 11.54
N ASN C 305 -34.91 2.27 10.66
CA ASN C 305 -34.82 1.11 9.84
C ASN C 305 -34.27 -0.07 10.72
N PRO C 306 -34.19 -1.25 10.15
CA PRO C 306 -33.95 -2.41 11.05
C PRO C 306 -32.59 -2.34 11.81
N GLN C 307 -31.53 -1.99 11.09
CA GLN C 307 -30.24 -1.84 11.65
C GLN C 307 -30.17 -0.69 12.66
N LYS C 308 -30.91 0.37 12.43
CA LYS C 308 -30.99 1.47 13.39
C LYS C 308 -31.87 1.09 14.58
N ALA C 309 -32.96 0.40 14.33
CA ALA C 309 -33.76 -0.14 15.40
C ALA C 309 -32.96 -1.05 16.29
N ARG C 310 -32.07 -1.86 15.73
CA ARG C 310 -31.22 -2.71 16.54
C ARG C 310 -30.39 -1.85 17.52
N VAL C 311 -29.80 -0.76 17.02
CA VAL C 311 -28.93 0.07 17.88
C VAL C 311 -29.71 0.58 19.11
N LEU C 312 -30.91 1.12 18.85
CA LEU C 312 -31.68 1.63 19.96
C LEU C 312 -32.22 0.55 20.88
N LEU C 313 -32.56 -0.61 20.34
CA LEU C 313 -33.05 -1.69 21.19
C LEU C 313 -31.97 -2.25 22.08
N GLN C 314 -30.77 -2.38 21.58
CA GLN C 314 -29.67 -2.82 22.42
C GLN C 314 -29.52 -1.83 23.56
N LEU C 315 -29.58 -0.54 23.26
CA LEU C 315 -29.41 0.44 24.29
C LEU C 315 -30.60 0.44 25.26
N ALA C 316 -31.81 0.31 24.72
CA ALA C 316 -33.01 0.23 25.54
C ALA C 316 -32.86 -0.90 26.56
N LEU C 317 -32.33 -2.02 26.11
CA LEU C 317 -32.22 -3.22 26.93
C LEU C 317 -31.17 -3.07 28.03
N THR C 318 -30.28 -2.08 27.94
CA THR C 318 -29.38 -1.76 29.04
C THR C 318 -30.12 -1.07 30.21
N GLN C 319 -31.31 -0.52 29.96
CA GLN C 319 -32.13 0.16 31.00
C GLN C 319 -33.36 -0.66 31.41
N THR C 320 -33.97 -1.45 30.51
CA THR C 320 -35.34 -2.09 30.77
C THR C 320 -35.60 -3.21 29.78
N LYS C 321 -36.41 -4.19 30.19
CA LYS C 321 -36.95 -5.26 29.31
C LYS C 321 -38.46 -5.12 29.16
N ASP C 322 -39.06 -4.07 29.74
CA ASP C 322 -40.53 -3.89 29.74
C ASP C 322 -40.94 -3.34 28.37
N PRO C 323 -41.72 -4.05 27.59
CA PRO C 323 -42.10 -3.53 26.24
C PRO C 323 -42.75 -2.12 26.21
N GLN C 324 -43.61 -1.78 27.19
CA GLN C 324 -44.18 -0.42 27.25
C GLN C 324 -43.11 0.66 27.39
N GLN C 325 -42.11 0.39 28.23
CA GLN C 325 -40.96 1.30 28.40
C GLN C 325 -40.07 1.41 27.18
N ILE C 326 -39.87 0.29 26.47
CA ILE C 326 -39.11 0.24 25.27
C ILE C 326 -39.86 1.02 24.18
N GLN C 327 -41.18 0.85 24.09
CA GLN C 327 -41.97 1.68 23.18
C GLN C 327 -41.79 3.21 23.45
N GLN C 328 -41.83 3.59 24.71
CA GLN C 328 -41.62 5.01 25.04
C GLN C 328 -40.22 5.47 24.63
N ILE C 329 -39.21 4.62 24.81
CA ILE C 329 -37.82 4.91 24.33
C ILE C 329 -37.87 5.11 22.80
N PHE C 330 -38.58 4.23 22.11
CA PHE C 330 -38.64 4.33 20.60
C PHE C 330 -39.46 5.57 20.14
N ASN C 331 -40.20 6.19 21.05
CA ASN C 331 -40.93 7.41 20.80
C ASN C 331 -40.14 8.67 21.13
N GLN C 332 -38.98 8.58 21.81
CA GLN C 332 -38.25 9.74 22.30
C GLN C 332 -36.88 9.93 21.77
N TYR C 333 -36.25 8.86 21.34
CA TYR C 333 -34.87 8.87 20.81
C TYR C 333 -34.83 8.36 19.40
N HIS D 7 -66.47 -4.90 -29.06
CA HIS D 7 -65.39 -3.92 -29.28
C HIS D 7 -64.75 -3.22 -28.08
N LEU D 8 -65.08 -3.58 -26.85
CA LEU D 8 -64.16 -3.34 -25.72
C LEU D 8 -63.47 -4.66 -25.40
N PRO D 9 -62.24 -4.61 -24.96
CA PRO D 9 -61.58 -5.82 -24.65
C PRO D 9 -62.15 -6.55 -23.40
N ASN D 10 -61.94 -7.85 -23.41
CA ASN D 10 -62.22 -8.78 -22.33
C ASN D 10 -61.01 -8.78 -21.41
N ILE D 11 -61.26 -8.36 -20.19
CA ILE D 11 -60.23 -8.27 -19.16
C ILE D 11 -60.65 -9.11 -17.94
N THR D 12 -59.77 -9.98 -17.52
CA THR D 12 -60.00 -10.87 -16.38
C THR D 12 -59.24 -10.31 -15.16
N ILE D 13 -59.95 -10.09 -14.07
CA ILE D 13 -59.34 -9.67 -12.82
C ILE D 13 -59.20 -10.88 -11.95
N LEU D 14 -57.96 -11.15 -11.60
CA LEU D 14 -57.62 -12.25 -10.66
C LEU D 14 -57.36 -11.62 -9.30
N ALA D 15 -58.21 -11.89 -8.31
CA ALA D 15 -58.01 -11.26 -6.99
C ALA D 15 -57.26 -12.19 -6.00
N THR D 16 -56.33 -11.63 -5.23
CA THR D 16 -55.58 -12.39 -4.23
C THR D 16 -55.77 -11.90 -2.78
N GLY D 17 -56.55 -10.82 -2.61
CA GLY D 17 -56.60 -10.03 -1.35
C GLY D 17 -55.93 -8.62 -1.38
N GLY D 18 -55.24 -8.31 -0.30
CA GLY D 18 -54.60 -7.00 -0.26
C GLY D 18 -55.46 -5.95 0.38
N AEI D 19 -54.77 -4.90 0.79
CA AEI D 19 -55.41 -3.65 1.28
C AEI D 19 -56.47 -3.08 0.32
O AEI D 19 -57.42 -2.42 0.79
CB AEI D 19 -54.30 -2.63 1.60
CG2 AEI D 19 -54.88 -1.40 2.31
OG1 AEI D 19 -53.21 -3.18 2.41
CD AEI D 19 -52.07 -3.75 1.84
OE1 AEI D 19 -51.96 -3.90 0.65
CE2 AEI D 19 -51.11 -4.20 2.90
CZ AEI D 19 -51.36 -5.64 3.35
NH1 AEI D 19 -50.47 -5.99 4.44
CH2 AEI D 19 -51.10 -6.52 2.17
OT1 AEI D 19 -49.98 -6.43 1.63
OT2 AEI D 19 -52.01 -7.30 1.75
N ILE D 20 -56.35 -3.34 -1.01
CA ILE D 20 -57.40 -2.88 -2.00
C ILE D 20 -58.82 -3.47 -1.82
N ALA D 21 -58.86 -4.61 -1.14
CA ALA D 21 -60.11 -5.22 -0.65
C ALA D 21 -60.03 -5.50 0.92
N GLY D 22 -59.14 -4.77 1.60
CA GLY D 22 -59.16 -4.61 3.07
C GLY D 22 -60.09 -3.47 3.47
N GLY D 23 -60.21 -3.24 4.78
CA GLY D 23 -61.22 -2.33 5.33
C GLY D 23 -61.18 -2.33 6.85
N GLY D 24 -61.49 -1.19 7.45
CA GLY D 24 -61.60 -1.07 8.93
C GLY D 24 -62.86 -0.33 9.34
N ASP D 25 -62.93 -0.01 10.63
CA ASP D 25 -64.13 0.58 11.28
C ASP D 25 -64.49 2.04 10.91
N SER D 26 -63.52 2.83 10.42
CA SER D 26 -63.77 4.23 10.00
C SER D 26 -62.91 4.70 8.83
N ALA D 27 -63.52 5.61 8.08
CA ALA D 27 -62.92 6.43 7.00
C ALA D 27 -61.60 7.16 7.42
N THR D 28 -61.56 7.50 8.71
CA THR D 28 -60.48 8.31 9.28
C THR D 28 -59.30 7.48 9.76
N LYS D 29 -59.56 6.59 10.72
CA LYS D 29 -58.50 5.79 11.39
C LYS D 29 -57.77 4.82 10.44
N SER D 30 -56.49 4.63 10.73
CA SER D 30 -55.59 3.86 9.87
C SER D 30 -55.70 2.31 10.04
N ASN D 31 -56.49 1.88 11.04
CA ASN D 31 -56.66 0.46 11.41
C ASN D 31 -57.41 -0.25 10.29
N TYR D 32 -56.86 -1.37 9.83
CA TYR D 32 -57.60 -2.29 8.93
C TYR D 32 -57.08 -3.75 9.01
N THR D 33 -57.93 -4.68 8.54
CA THR D 33 -57.54 -6.09 8.26
C THR D 33 -57.96 -6.46 6.79
N VAL D 34 -57.20 -7.40 6.22
CA VAL D 34 -57.21 -7.76 4.77
C VAL D 34 -57.80 -9.17 4.57
N GLY D 35 -58.03 -9.51 3.31
CA GLY D 35 -58.65 -10.78 2.99
C GLY D 35 -60.12 -10.79 3.39
N LYS D 36 -60.86 -9.74 3.04
CA LYS D 36 -62.22 -9.55 3.56
C LYS D 36 -63.27 -9.24 2.48
N VAL D 37 -63.07 -8.13 1.77
CA VAL D 37 -63.99 -7.65 0.72
C VAL D 37 -63.89 -8.68 -0.45
N GLY D 38 -64.90 -8.81 -1.32
CA GLY D 38 -64.84 -9.74 -2.48
C GLY D 38 -64.57 -9.06 -3.83
N VAL D 39 -64.38 -9.85 -4.89
CA VAL D 39 -64.00 -9.34 -6.25
C VAL D 39 -65.18 -8.75 -7.02
N GLU D 40 -66.42 -9.03 -6.62
CA GLU D 40 -67.57 -8.33 -7.22
C GLU D 40 -67.81 -6.95 -6.61
N ASN D 41 -67.52 -6.78 -5.31
CA ASN D 41 -67.63 -5.46 -4.64
C ASN D 41 -66.58 -4.50 -5.18
N LEU D 42 -65.32 -4.95 -5.36
CA LEU D 42 -64.24 -4.08 -6.00
C LEU D 42 -64.72 -3.55 -7.33
N VAL D 43 -65.20 -4.49 -8.17
CA VAL D 43 -65.77 -4.17 -9.48
C VAL D 43 -66.93 -3.20 -9.42
N ASN D 44 -68.01 -3.56 -8.68
CA ASN D 44 -69.28 -2.75 -8.66
C ASN D 44 -68.99 -1.32 -8.10
N ALA D 45 -67.90 -1.19 -7.35
CA ALA D 45 -67.51 0.08 -6.84
C ALA D 45 -66.83 0.98 -7.85
N VAL D 46 -66.47 0.47 -9.03
CA VAL D 46 -65.88 1.31 -10.05
C VAL D 46 -66.73 1.17 -11.34
N PRO D 47 -67.91 1.82 -11.35
CA PRO D 47 -68.85 1.51 -12.46
C PRO D 47 -68.26 1.88 -13.83
N GLN D 48 -67.35 2.85 -13.85
CA GLN D 48 -66.71 3.27 -15.08
C GLN D 48 -65.87 2.24 -15.72
N LEU D 49 -65.52 1.15 -15.06
CA LEU D 49 -64.80 0.07 -15.76
C LEU D 49 -65.52 -0.37 -17.03
N LYS D 50 -66.83 -0.35 -17.02
CA LYS D 50 -67.59 -0.88 -18.19
C LYS D 50 -67.53 0.08 -19.39
N ASP D 51 -67.05 1.31 -19.19
CA ASP D 51 -66.72 2.22 -20.27
C ASP D 51 -65.46 1.74 -21.04
N ILE D 52 -64.58 0.95 -20.41
CA ILE D 52 -63.28 0.60 -21.04
C ILE D 52 -63.02 -0.90 -21.27
N ALA D 53 -63.81 -1.78 -20.67
CA ALA D 53 -63.59 -3.19 -20.74
C ALA D 53 -64.82 -4.02 -20.34
N ASN D 54 -64.88 -5.26 -20.81
CA ASN D 54 -65.84 -6.26 -20.34
C ASN D 54 -65.05 -7.03 -19.28
N VAL D 55 -65.35 -6.73 -18.01
CA VAL D 55 -64.54 -7.20 -16.93
C VAL D 55 -65.14 -8.43 -16.34
N LYS D 56 -64.37 -9.45 -16.10
CA LYS D 56 -64.82 -10.53 -15.24
C LYS D 56 -63.80 -10.85 -14.13
N GLY D 57 -64.29 -11.31 -12.99
CA GLY D 57 -63.45 -11.45 -11.79
C GLY D 57 -63.43 -12.88 -11.27
N GLU D 58 -62.27 -13.36 -10.83
CA GLU D 58 -62.14 -14.61 -10.05
C GLU D 58 -61.32 -14.37 -8.81
N GLN D 59 -61.81 -14.87 -7.68
CA GLN D 59 -61.08 -14.78 -6.42
C GLN D 59 -60.12 -15.97 -6.43
N VAL D 60 -58.84 -15.76 -6.56
CA VAL D 60 -57.90 -16.86 -6.52
C VAL D 60 -57.60 -17.29 -5.07
N VAL D 61 -57.18 -16.36 -4.24
CA VAL D 61 -57.04 -16.55 -2.80
C VAL D 61 -57.52 -15.29 -2.14
N ASN D 62 -57.66 -15.28 -0.82
CA ASN D 62 -57.98 -14.02 -0.20
C ASN D 62 -57.04 -13.84 1.00
N ILE D 63 -55.89 -13.17 0.81
CA ILE D 63 -54.88 -13.08 1.88
C ILE D 63 -54.21 -11.73 1.90
N GLY D 64 -53.66 -11.36 3.05
CA GLY D 64 -52.70 -10.28 3.15
C GLY D 64 -51.45 -10.72 2.45
N SER D 65 -50.85 -9.86 1.68
CA SER D 65 -49.72 -10.26 0.91
C SER D 65 -48.44 -10.50 1.76
N GLN D 66 -48.46 -10.11 3.02
CA GLN D 66 -47.44 -10.47 3.97
C GLN D 66 -47.36 -11.99 4.15
N ASP D 67 -48.43 -12.70 3.79
CA ASP D 67 -48.50 -14.14 3.78
C ASP D 67 -48.47 -14.77 2.40
N MET D 68 -47.98 -14.03 1.45
CA MET D 68 -47.83 -14.53 0.14
C MET D 68 -46.81 -15.70 0.18
N ASN D 69 -46.94 -16.62 -0.77
CA ASN D 69 -46.17 -17.87 -0.72
C ASN D 69 -46.03 -18.54 -2.10
N ASP D 70 -45.14 -19.51 -2.15
CA ASP D 70 -44.87 -20.28 -3.35
C ASP D 70 -46.11 -20.87 -4.01
N ASN D 71 -47.02 -21.41 -3.23
CA ASN D 71 -48.17 -22.10 -3.76
C ASN D 71 -49.04 -21.14 -4.54
N VAL D 72 -49.17 -19.93 -4.02
CA VAL D 72 -49.97 -18.89 -4.71
C VAL D 72 -49.31 -18.44 -5.96
N TRP D 73 -48.00 -18.23 -5.90
CA TRP D 73 -47.23 -17.89 -7.14
C TRP D 73 -47.41 -18.91 -8.25
N LEU D 74 -47.29 -20.21 -7.89
CA LEU D 74 -47.45 -21.29 -8.87
C LEU D 74 -48.92 -21.28 -9.41
N THR D 75 -49.92 -21.05 -8.53
CA THR D 75 -51.33 -21.03 -8.99
C THR D 75 -51.52 -19.90 -9.99
N LEU D 76 -51.01 -18.72 -9.70
CA LEU D 76 -51.19 -17.57 -10.56
C LEU D 76 -50.56 -17.75 -11.94
N ALA D 77 -49.33 -18.24 -11.94
CA ALA D 77 -48.64 -18.42 -13.19
C ALA D 77 -49.33 -19.49 -14.07
N LYS D 78 -49.74 -20.58 -13.47
CA LYS D 78 -50.42 -21.63 -14.23
C LYS D 78 -51.77 -21.16 -14.79
N LYS D 79 -52.49 -20.41 -13.99
CA LYS D 79 -53.77 -19.86 -14.38
C LYS D 79 -53.69 -18.93 -15.56
N ILE D 80 -52.77 -18.00 -15.49
CA ILE D 80 -52.58 -17.04 -16.58
C ILE D 80 -52.17 -17.78 -17.86
N ASN D 81 -51.24 -18.71 -17.71
CA ASN D 81 -50.78 -19.49 -18.86
C ASN D 81 -51.87 -20.34 -19.50
N THR D 82 -52.71 -20.94 -18.68
CA THR D 82 -53.85 -21.78 -19.14
C THR D 82 -54.93 -20.94 -19.78
N ASP D 83 -55.27 -19.80 -19.18
CA ASP D 83 -56.38 -18.95 -19.69
C ASP D 83 -56.01 -17.82 -20.60
N CYS D 84 -54.76 -17.74 -21.01
CA CYS D 84 -54.27 -16.67 -21.88
C CYS D 84 -55.14 -16.52 -23.13
N ASP D 85 -55.51 -17.65 -23.71
CA ASP D 85 -56.31 -17.64 -24.94
C ASP D 85 -57.77 -17.31 -24.78
N LYS D 86 -58.24 -17.13 -23.55
CA LYS D 86 -59.65 -16.86 -23.26
C LYS D 86 -59.98 -15.37 -22.98
N THR D 87 -58.99 -14.49 -22.98
CA THR D 87 -59.16 -13.13 -22.55
C THR D 87 -58.14 -12.26 -23.29
N ASP D 88 -58.33 -10.94 -23.23
CA ASP D 88 -57.42 -10.01 -23.87
C ASP D 88 -56.38 -9.50 -22.94
N GLY D 89 -56.52 -9.78 -21.64
CA GLY D 89 -55.59 -9.25 -20.68
C GLY D 89 -56.00 -9.51 -19.24
N PHE D 90 -55.04 -9.36 -18.34
CA PHE D 90 -55.27 -9.71 -16.93
C PHE D 90 -54.88 -8.58 -15.99
N VAL D 91 -55.66 -8.39 -14.90
CA VAL D 91 -55.32 -7.48 -13.83
C VAL D 91 -55.33 -8.35 -12.61
N ILE D 92 -54.30 -8.26 -11.79
CA ILE D 92 -54.23 -9.03 -10.58
C ILE D 92 -54.26 -8.04 -9.42
N THR D 93 -55.26 -8.14 -8.54
CA THR D 93 -55.26 -7.34 -7.35
C THR D 93 -54.50 -8.07 -6.21
N HIS D 94 -53.67 -7.35 -5.50
CA HIS D 94 -52.69 -7.92 -4.63
C HIS D 94 -52.31 -6.87 -3.57
N GLY D 95 -51.90 -7.34 -2.41
CA GLY D 95 -51.39 -6.47 -1.38
C GLY D 95 -50.10 -5.76 -1.78
N VAL D 96 -49.84 -4.65 -1.12
CA VAL D 96 -48.68 -3.87 -1.39
C VAL D 96 -47.36 -4.50 -0.87
N ASP D 97 -47.43 -5.15 0.28
CA ASP D 97 -46.23 -5.64 1.00
C ASP D 97 -45.27 -6.48 0.15
N THR D 98 -45.81 -7.45 -0.59
CA THR D 98 -44.99 -8.25 -1.43
C THR D 98 -45.32 -8.23 -2.94
N MET D 99 -46.01 -7.17 -3.37
CA MET D 99 -46.35 -7.04 -4.77
C MET D 99 -45.12 -7.13 -5.64
N GLU D 100 -44.02 -6.53 -5.20
CA GLU D 100 -42.83 -6.50 -6.02
C GLU D 100 -42.25 -7.89 -6.21
N GLU D 101 -42.52 -8.81 -5.28
CA GLU D 101 -42.03 -10.18 -5.42
C GLU D 101 -42.87 -10.96 -6.41
N THR D 102 -44.19 -10.98 -6.16
CA THR D 102 -45.08 -11.70 -7.06
C THR D 102 -44.89 -11.15 -8.48
N ALA D 103 -44.75 -9.85 -8.62
CA ALA D 103 -44.64 -9.25 -9.98
C ALA D 103 -43.44 -9.78 -10.79
N TYR D 104 -42.32 -9.98 -10.11
CA TYR D 104 -41.13 -10.50 -10.72
C TYR D 104 -41.21 -11.99 -11.00
N PHE D 105 -41.83 -12.75 -10.08
CA PHE D 105 -42.06 -14.17 -10.31
C PHE D 105 -42.88 -14.37 -11.57
N LEU D 106 -43.97 -13.62 -11.68
CA LEU D 106 -44.83 -13.79 -12.82
C LEU D 106 -44.14 -13.25 -14.10
N ASP D 107 -43.35 -12.20 -13.91
CA ASP D 107 -42.49 -11.62 -14.99
C ASP D 107 -41.61 -12.72 -15.62
N LEU D 108 -41.11 -13.65 -14.81
CA LEU D 108 -40.23 -14.74 -15.30
C LEU D 108 -40.95 -16.01 -15.80
N THR D 109 -42.18 -16.25 -15.34
CA THR D 109 -42.85 -17.53 -15.52
C THR D 109 -44.08 -17.46 -16.38
N VAL D 110 -44.64 -16.30 -16.55
CA VAL D 110 -45.80 -16.18 -17.44
C VAL D 110 -45.34 -16.25 -18.92
N LYS D 111 -46.09 -16.99 -19.72
CA LYS D 111 -45.81 -17.19 -21.13
C LYS D 111 -46.85 -16.51 -22.02
N CYS D 112 -47.83 -15.86 -21.41
CA CYS D 112 -48.80 -15.09 -22.10
C CYS D 112 -48.20 -13.71 -22.35
N ASP D 113 -48.15 -13.26 -23.57
CA ASP D 113 -47.63 -11.91 -23.79
C ASP D 113 -48.69 -10.85 -24.00
N LYS D 114 -49.95 -11.20 -23.73
CA LYS D 114 -51.01 -10.24 -23.51
C LYS D 114 -50.74 -9.46 -22.19
N PRO D 115 -51.30 -8.26 -22.03
CA PRO D 115 -50.97 -7.47 -20.85
C PRO D 115 -51.33 -8.22 -19.56
N VAL D 116 -50.38 -8.26 -18.62
CA VAL D 116 -50.59 -8.75 -17.26
C VAL D 116 -50.24 -7.62 -16.26
N VAL D 117 -51.24 -7.09 -15.51
CA VAL D 117 -51.04 -5.86 -14.76
C VAL D 117 -51.40 -6.15 -13.30
N MET D 118 -50.53 -5.84 -12.37
CA MET D 118 -50.85 -5.97 -10.98
C MET D 118 -51.21 -4.60 -10.36
N VAL D 119 -52.07 -4.59 -9.40
CA VAL D 119 -52.54 -3.36 -8.80
C VAL D 119 -52.91 -3.61 -7.36
N GLY D 120 -52.70 -2.60 -6.51
CA GLY D 120 -53.17 -2.67 -5.14
C GLY D 120 -53.52 -1.28 -4.64
N ALA D 121 -53.55 -1.08 -3.34
CA ALA D 121 -53.93 0.21 -2.75
C ALA D 121 -53.23 0.36 -1.45
N MET D 122 -52.86 1.60 -1.14
CA MET D 122 -52.20 1.94 0.10
CA MET D 122 -52.19 1.92 0.10
C MET D 122 -53.17 2.28 1.17
N ARG D 123 -54.37 2.71 0.82
CA ARG D 123 -55.35 3.05 1.82
C ARG D 123 -56.48 2.05 1.70
N PRO D 124 -57.14 1.74 2.83
CA PRO D 124 -58.23 0.77 2.71
C PRO D 124 -59.40 1.31 1.89
N SER D 125 -60.14 0.36 1.31
CA SER D 125 -61.34 0.63 0.53
C SER D 125 -62.37 1.56 1.22
N THR D 126 -62.47 1.46 2.54
CA THR D 126 -63.32 2.31 3.38
C THR D 126 -62.76 3.73 3.73
N SER D 127 -61.49 4.00 3.49
CA SER D 127 -60.92 5.29 3.96
CA SER D 127 -60.86 5.30 3.89
C SER D 127 -61.29 6.52 3.11
N MET D 128 -61.15 7.68 3.71
CA MET D 128 -61.27 8.93 3.02
C MET D 128 -60.16 8.93 1.88
N SER D 129 -60.58 9.34 0.72
CA SER D 129 -59.73 9.47 -0.43
C SER D 129 -59.01 8.17 -0.73
N ALA D 130 -59.74 7.05 -0.62
CA ALA D 130 -59.20 5.75 -0.94
C ALA D 130 -58.61 5.74 -2.37
N ASP D 131 -57.42 5.21 -2.49
CA ASP D 131 -56.74 5.19 -3.79
C ASP D 131 -57.13 4.00 -4.64
N GLY D 132 -57.71 2.93 -4.04
CA GLY D 132 -58.03 1.72 -4.81
C GLY D 132 -58.89 1.90 -6.05
N PRO D 133 -60.00 2.66 -5.97
CA PRO D 133 -60.86 2.80 -7.15
C PRO D 133 -60.11 3.27 -8.38
N PHE D 134 -59.46 4.44 -8.30
CA PHE D 134 -58.77 4.94 -9.51
C PHE D 134 -57.61 4.08 -9.87
N ASN D 135 -56.96 3.49 -8.86
CA ASN D 135 -55.88 2.54 -9.19
C ASN D 135 -56.36 1.38 -10.07
N LEU D 136 -57.51 0.84 -9.67
CA LEU D 136 -58.11 -0.27 -10.42
C LEU D 136 -58.51 0.14 -11.84
N TYR D 137 -59.18 1.26 -11.95
CA TYR D 137 -59.49 1.88 -13.23
C TYR D 137 -58.25 1.94 -14.13
N ASN D 138 -57.20 2.54 -13.62
CA ASN D 138 -55.98 2.68 -14.42
C ASN D 138 -55.29 1.35 -14.76
N ALA D 139 -55.41 0.37 -13.87
CA ALA D 139 -54.84 -0.96 -14.13
C ALA D 139 -55.58 -1.60 -15.32
N VAL D 140 -56.87 -1.38 -15.37
CA VAL D 140 -57.70 -1.90 -16.50
C VAL D 140 -57.39 -1.14 -17.77
N VAL D 141 -57.22 0.19 -17.69
CA VAL D 141 -56.81 0.98 -18.85
C VAL D 141 -55.55 0.34 -19.40
N THR D 142 -54.61 0.09 -18.51
CA THR D 142 -53.33 -0.48 -18.88
C THR D 142 -53.44 -1.86 -19.52
N ALA D 143 -54.25 -2.69 -18.91
CA ALA D 143 -54.42 -4.06 -19.44
C ALA D 143 -55.19 -4.06 -20.75
N ALA D 144 -56.01 -3.06 -20.99
CA ALA D 144 -56.72 -2.95 -22.25
C ALA D 144 -55.91 -2.28 -23.38
N ASP D 145 -54.84 -1.65 -23.06
CA ASP D 145 -54.03 -0.95 -24.06
C ASP D 145 -53.17 -1.98 -24.81
N LYS D 146 -53.37 -2.11 -26.12
CA LYS D 146 -52.55 -3.03 -26.89
C LYS D 146 -51.03 -2.74 -26.83
N ALA D 147 -50.66 -1.49 -26.54
CA ALA D 147 -49.25 -1.08 -26.42
C ALA D 147 -48.63 -1.70 -25.22
N SER D 148 -49.46 -2.14 -24.27
CA SER D 148 -48.96 -2.77 -23.05
C SER D 148 -48.44 -4.18 -23.27
N ALA D 149 -48.80 -4.81 -24.40
CA ALA D 149 -48.33 -6.18 -24.64
C ALA D 149 -46.81 -6.18 -24.95
N ASN D 150 -46.16 -7.29 -24.59
CA ASN D 150 -44.78 -7.56 -24.82
C ASN D 150 -43.85 -6.71 -23.97
N ARG D 151 -44.34 -6.16 -22.85
CA ARG D 151 -43.50 -5.36 -21.99
C ARG D 151 -43.21 -6.08 -20.67
N GLY D 152 -43.64 -7.36 -20.60
CA GLY D 152 -43.45 -8.08 -19.37
C GLY D 152 -44.64 -7.82 -18.41
N VAL D 153 -44.54 -8.43 -17.25
CA VAL D 153 -45.49 -8.20 -16.20
C VAL D 153 -45.29 -6.80 -15.62
N LEU D 154 -46.42 -6.10 -15.39
CA LEU D 154 -46.45 -4.73 -15.01
C LEU D 154 -47.18 -4.54 -13.65
N VAL D 155 -46.86 -3.44 -13.02
CA VAL D 155 -47.53 -2.96 -11.82
C VAL D 155 -48.01 -1.55 -12.16
N VAL D 156 -49.29 -1.24 -11.91
CA VAL D 156 -49.81 0.11 -12.14
C VAL D 156 -50.28 0.64 -10.82
N MET D 157 -49.69 1.74 -10.37
CA MET D 157 -50.03 2.42 -9.12
C MET D 157 -49.73 3.87 -9.31
N ASN D 158 -50.59 4.70 -8.77
CA ASN D 158 -50.45 6.13 -8.84
C ASN D 158 -50.11 6.67 -10.24
N ASP D 159 -50.96 6.32 -11.19
CA ASP D 159 -50.99 6.83 -12.53
C ASP D 159 -49.75 6.51 -13.31
N THR D 160 -49.03 5.44 -12.91
CA THR D 160 -47.72 5.11 -13.43
C THR D 160 -47.64 3.62 -13.74
N VAL D 161 -47.08 3.30 -14.91
CA VAL D 161 -46.84 1.91 -15.38
C VAL D 161 -45.41 1.56 -15.10
N LEU D 162 -45.22 0.56 -14.24
CA LEU D 162 -43.90 0.06 -13.78
C LEU D 162 -43.64 -1.42 -14.15
N ASP D 163 -42.42 -1.73 -14.59
CA ASP D 163 -42.06 -3.04 -14.95
C ASP D 163 -41.81 -3.87 -13.71
N GLY D 164 -42.16 -5.13 -13.81
CA GLY D 164 -42.14 -6.05 -12.65
C GLY D 164 -40.80 -6.38 -12.08
N ARG D 165 -39.74 -6.25 -12.89
CA ARG D 165 -38.39 -6.42 -12.43
C ARG D 165 -37.89 -5.29 -11.51
N ASP D 166 -37.93 -4.02 -11.95
CA ASP D 166 -37.38 -2.92 -11.17
C ASP D 166 -38.32 -2.37 -10.12
N VAL D 167 -39.64 -2.65 -10.20
CA VAL D 167 -40.57 -2.03 -9.29
C VAL D 167 -40.40 -2.45 -7.85
N THR D 168 -40.47 -1.48 -6.94
CA THR D 168 -40.43 -1.81 -5.52
C THR D 168 -41.24 -0.80 -4.74
N THR D 169 -41.65 -1.17 -3.52
CA THR D 169 -42.33 -0.26 -2.66
C THR D 169 -41.28 0.57 -1.88
N THR D 170 -41.34 1.89 -1.91
CA THR D 170 -40.30 2.72 -1.32
C THR D 170 -40.69 3.41 0.02
N ASN D 171 -41.99 3.43 0.37
CA ASN D 171 -42.39 4.08 1.63
C ASN D 171 -43.50 3.27 2.31
N THR D 172 -43.46 3.22 3.60
CA THR D 172 -44.42 2.39 4.32
C THR D 172 -45.92 2.78 4.17
N THR D 173 -46.22 4.08 3.93
CA THR D 173 -47.59 4.57 3.97
C THR D 173 -48.04 5.40 2.73
N ASP D 174 -47.11 5.84 1.89
CA ASP D 174 -47.37 6.86 0.88
C ASP D 174 -48.10 6.26 -0.31
N VAL D 175 -49.16 6.87 -0.76
CA VAL D 175 -49.84 6.31 -1.95
C VAL D 175 -48.92 6.27 -3.16
N ALA D 176 -47.86 7.12 -3.16
CA ALA D 176 -46.88 7.18 -4.28
C ALA D 176 -45.72 6.21 -4.13
N THR D 177 -45.85 5.24 -3.21
CA THR D 177 -44.74 4.38 -2.90
C THR D 177 -44.05 3.63 -4.06
N PHE D 178 -44.82 3.05 -4.97
CA PHE D 178 -44.26 2.20 -6.01
C PHE D 178 -43.47 2.96 -7.04
N LYS D 179 -42.16 2.64 -7.09
CA LYS D 179 -41.21 3.27 -8.03
C LYS D 179 -40.28 2.21 -8.62
N SER D 180 -39.88 2.42 -9.86
CA SER D 180 -38.81 1.63 -10.46
C SER D 180 -37.51 2.38 -10.21
N VAL D 181 -36.88 2.08 -9.08
CA VAL D 181 -35.94 3.00 -8.46
C VAL D 181 -34.60 3.10 -9.19
N ASN D 182 -34.27 2.14 -10.09
CA ASN D 182 -32.98 2.14 -10.78
C ASN D 182 -33.15 2.62 -12.22
N TYR D 183 -34.17 2.10 -12.93
CA TYR D 183 -34.35 2.43 -14.36
C TYR D 183 -35.57 3.26 -14.79
N GLY D 184 -36.46 3.55 -13.85
CA GLY D 184 -37.59 4.38 -14.08
C GLY D 184 -38.81 3.68 -14.61
N PRO D 185 -39.92 4.42 -14.75
CA PRO D 185 -41.17 3.84 -15.22
C PRO D 185 -41.24 3.64 -16.70
N LEU D 186 -42.22 2.84 -17.14
CA LEU D 186 -42.41 2.61 -18.58
C LEU D 186 -43.23 3.71 -19.23
N GLY D 187 -44.13 4.27 -18.44
CA GLY D 187 -45.12 5.27 -18.97
C GLY D 187 -46.01 5.79 -17.90
N TYR D 188 -46.65 6.91 -18.17
CA TYR D 188 -47.58 7.56 -17.30
C TYR D 188 -48.95 7.56 -17.93
N ILE D 189 -49.94 7.49 -17.05
CA ILE D 189 -51.33 7.40 -17.45
C ILE D 189 -51.97 8.74 -17.17
N HIS D 190 -52.58 9.29 -18.20
CA HIS D 190 -53.33 10.54 -18.03
C HIS D 190 -54.57 10.49 -18.87
N ASN D 191 -55.72 10.75 -18.25
CA ASN D 191 -56.97 10.81 -18.96
C ASN D 191 -57.20 9.49 -19.74
N GLY D 192 -56.79 8.38 -19.16
CA GLY D 192 -57.10 7.07 -19.71
C GLY D 192 -56.23 6.64 -20.91
N LYS D 193 -55.11 7.35 -21.09
CA LYS D 193 -54.13 7.05 -22.15
C LYS D 193 -52.73 7.00 -21.60
N ILE D 194 -51.90 6.16 -22.17
CA ILE D 194 -50.58 5.93 -21.71
C ILE D 194 -49.57 6.38 -22.78
N ASP D 195 -48.61 7.19 -22.40
CA ASP D 195 -47.45 7.51 -23.36
C ASP D 195 -46.28 6.63 -22.94
N TYR D 196 -46.15 5.47 -23.59
CA TYR D 196 -45.04 4.58 -23.19
C TYR D 196 -43.72 5.10 -23.80
N GLN D 197 -42.70 5.33 -23.01
CA GLN D 197 -41.39 5.73 -23.59
C GLN D 197 -40.20 4.75 -23.34
N ARG D 198 -40.48 3.57 -22.72
CA ARG D 198 -39.47 2.67 -22.25
C ARG D 198 -40.05 1.27 -22.21
N THR D 199 -39.19 0.29 -22.37
CA THR D 199 -39.57 -1.10 -22.17
C THR D 199 -38.34 -1.83 -21.55
N PRO D 200 -38.57 -2.87 -20.75
CA PRO D 200 -37.44 -3.52 -20.10
C PRO D 200 -36.57 -4.30 -21.04
N ALA D 201 -35.26 -4.06 -21.04
CA ALA D 201 -34.38 -4.85 -21.90
C ALA D 201 -34.14 -6.26 -21.32
N ARG D 202 -34.30 -6.47 -20.02
CA ARG D 202 -34.00 -7.79 -19.45
C ARG D 202 -35.03 -8.75 -19.98
N LYS D 203 -34.64 -10.00 -20.22
CA LYS D 203 -35.60 -10.98 -20.78
C LYS D 203 -36.69 -11.36 -19.82
N HIS D 204 -37.90 -11.44 -20.33
CA HIS D 204 -39.07 -11.70 -19.50
C HIS D 204 -39.96 -12.67 -20.21
N THR D 205 -40.94 -13.20 -19.45
CA THR D 205 -42.07 -14.00 -20.02
C THR D 205 -41.63 -15.07 -20.97
N SER D 206 -42.05 -15.02 -22.21
CA SER D 206 -41.72 -16.06 -23.21
C SER D 206 -40.24 -16.08 -23.67
N ASP D 207 -39.40 -15.10 -23.24
CA ASP D 207 -38.00 -15.11 -23.56
C ASP D 207 -37.17 -15.73 -22.43
N THR D 208 -37.82 -16.24 -21.37
CA THR D 208 -37.11 -16.99 -20.35
C THR D 208 -37.33 -18.50 -20.50
N PRO D 209 -36.39 -19.32 -19.98
CA PRO D 209 -36.56 -20.77 -19.95
C PRO D 209 -37.35 -21.30 -18.78
N PHE D 210 -37.84 -20.42 -17.90
CA PHE D 210 -38.47 -20.89 -16.69
C PHE D 210 -39.89 -21.37 -17.04
N ASP D 211 -40.14 -22.63 -16.72
CA ASP D 211 -41.41 -23.24 -17.03
C ASP D 211 -41.89 -23.92 -15.76
N VAL D 212 -42.92 -23.36 -15.13
CA VAL D 212 -43.40 -23.92 -13.86
C VAL D 212 -44.65 -24.75 -14.04
N SER D 213 -45.05 -25.01 -15.29
CA SER D 213 -46.34 -25.63 -15.58
C SER D 213 -46.54 -26.94 -14.80
N LYS D 214 -45.47 -27.70 -14.59
CA LYS D 214 -45.59 -29.01 -13.92
C LYS D 214 -45.06 -29.08 -12.49
N LEU D 215 -44.66 -27.93 -11.94
CA LEU D 215 -44.03 -27.90 -10.63
C LEU D 215 -45.08 -27.69 -9.56
N ASN D 216 -45.00 -28.46 -8.49
CA ASN D 216 -45.84 -28.19 -7.34
C ASN D 216 -45.11 -27.61 -6.17
N GLU D 217 -43.82 -27.44 -6.29
CA GLU D 217 -43.01 -26.71 -5.28
C GLU D 217 -41.84 -26.09 -5.97
N LEU D 218 -41.22 -25.16 -5.26
CA LEU D 218 -40.01 -24.46 -5.70
C LEU D 218 -38.84 -24.70 -4.74
N PRO D 219 -37.61 -24.67 -5.27
CA PRO D 219 -36.45 -24.72 -4.43
C PRO D 219 -36.52 -23.77 -3.19
N LYS D 220 -36.04 -24.25 -2.06
CA LYS D 220 -36.02 -23.44 -0.83
C LYS D 220 -34.88 -22.45 -0.85
N VAL D 221 -35.22 -21.14 -0.77
CA VAL D 221 -34.27 -20.07 -0.75
C VAL D 221 -34.64 -19.12 0.43
N GLY D 222 -33.69 -18.86 1.33
CA GLY D 222 -33.95 -17.95 2.46
C GLY D 222 -33.14 -16.70 2.34
N ILE D 223 -33.42 -15.72 3.18
CA ILE D 223 -32.71 -14.47 3.14
C ILE D 223 -32.13 -14.15 4.52
N VAL D 224 -30.86 -13.77 4.52
CA VAL D 224 -30.15 -13.32 5.71
C VAL D 224 -29.70 -11.89 5.65
N TYR D 225 -29.77 -11.19 6.78
CA TYR D 225 -29.55 -9.71 6.81
C TYR D 225 -28.19 -9.53 7.42
N ASN D 226 -27.48 -8.51 6.95
CA ASN D 226 -26.18 -8.16 7.41
C ASN D 226 -26.24 -6.78 8.05
N TYR D 227 -25.45 -6.59 9.10
CA TYR D 227 -25.45 -5.38 9.90
C TYR D 227 -24.25 -5.54 10.80
N ALA D 228 -23.89 -4.55 11.58
CA ALA D 228 -22.77 -4.65 12.51
C ALA D 228 -23.02 -5.73 13.52
N ASN D 229 -21.99 -6.52 13.80
CA ASN D 229 -22.03 -7.55 14.79
C ASN D 229 -23.08 -8.65 14.43
N ALA D 230 -23.35 -8.88 13.14
CA ALA D 230 -24.42 -9.78 12.75
C ALA D 230 -24.14 -11.19 13.18
N SER D 231 -25.16 -11.84 13.75
CA SER D 231 -25.09 -13.27 14.10
C SER D 231 -25.01 -14.13 12.84
N ASP D 232 -24.19 -15.17 12.90
CA ASP D 232 -24.20 -16.24 11.90
C ASP D 232 -25.36 -17.26 12.07
N LEU D 233 -26.19 -17.12 13.12
CA LEU D 233 -27.15 -18.12 13.44
C LEU D 233 -28.26 -18.27 12.45
N PRO D 234 -28.80 -17.19 11.89
CA PRO D 234 -29.73 -17.34 10.77
C PRO D 234 -29.21 -18.09 9.59
N ALA D 235 -28.01 -17.74 9.13
CA ALA D 235 -27.38 -18.42 8.01
C ALA D 235 -27.20 -19.91 8.36
N LYS D 236 -26.64 -20.17 9.53
CA LYS D 236 -26.49 -21.52 9.99
C LYS D 236 -27.77 -22.31 10.01
N ALA D 237 -28.91 -21.69 10.39
CA ALA D 237 -30.17 -22.44 10.46
C ALA D 237 -30.64 -22.82 9.07
N LEU D 238 -30.42 -21.96 8.09
CA LEU D 238 -30.87 -22.33 6.74
C LEU D 238 -30.00 -23.47 6.17
N VAL D 239 -28.72 -23.36 6.39
CA VAL D 239 -27.80 -24.46 6.00
C VAL D 239 -28.18 -25.77 6.70
N ASP D 240 -28.41 -25.73 8.02
CA ASP D 240 -28.79 -26.93 8.79
C ASP D 240 -30.05 -27.57 8.23
N ALA D 241 -30.97 -26.79 7.69
CA ALA D 241 -32.20 -27.32 7.15
C ALA D 241 -32.05 -27.82 5.69
N GLY D 242 -30.84 -27.75 5.10
CA GLY D 242 -30.62 -28.15 3.72
C GLY D 242 -31.20 -27.21 2.68
N TYR D 243 -31.32 -25.91 2.97
CA TYR D 243 -31.85 -24.94 2.00
C TYR D 243 -31.05 -25.02 0.66
N ASP D 244 -31.77 -24.88 -0.46
CA ASP D 244 -31.14 -25.00 -1.80
C ASP D 244 -30.32 -23.76 -2.08
N GLY D 245 -30.81 -22.67 -1.57
CA GLY D 245 -30.08 -21.41 -1.76
C GLY D 245 -30.27 -20.39 -0.65
N ILE D 246 -29.30 -19.48 -0.56
CA ILE D 246 -29.39 -18.38 0.40
C ILE D 246 -29.02 -17.07 -0.30
N VAL D 247 -29.82 -16.04 -0.09
CA VAL D 247 -29.55 -14.68 -0.54
C VAL D 247 -29.18 -13.90 0.70
N SER D 248 -28.08 -13.19 0.62
CA SER D 248 -27.59 -12.24 1.59
C SER D 248 -27.99 -10.85 1.28
N ALA D 249 -28.67 -10.22 2.22
CA ALA D 249 -28.98 -8.79 2.14
C ALA D 249 -27.76 -8.09 2.74
N GLY D 250 -26.78 -7.84 1.90
CA GLY D 250 -25.47 -7.36 2.35
C GLY D 250 -25.50 -5.87 2.68
N VAL D 251 -24.38 -5.38 3.17
CA VAL D 251 -24.26 -3.99 3.55
C VAL D 251 -23.46 -3.34 2.40
N GLY D 252 -23.81 -2.11 2.07
CA GLY D 252 -23.11 -1.40 1.02
C GLY D 252 -23.27 -2.21 -0.24
N ASN D 253 -22.17 -2.37 -0.95
CA ASN D 253 -22.13 -3.12 -2.24
C ASN D 253 -22.05 -4.63 -1.92
N GLY D 254 -23.11 -5.12 -1.30
CA GLY D 254 -23.33 -6.57 -1.04
C GLY D 254 -22.32 -7.21 -0.17
N ASN D 255 -21.74 -6.45 0.75
CA ASN D 255 -20.71 -7.00 1.63
C ASN D 255 -21.31 -7.78 2.80
N LEU D 256 -20.50 -8.65 3.40
CA LEU D 256 -20.96 -9.60 4.42
C LEU D 256 -20.21 -9.39 5.71
N TYR D 257 -20.91 -9.40 6.84
CA TYR D 257 -20.23 -9.39 8.14
C TYR D 257 -19.41 -10.68 8.21
N LYS D 258 -18.19 -10.58 8.72
CA LYS D 258 -17.27 -11.74 8.71
C LYS D 258 -17.86 -13.09 9.14
N SER D 259 -18.64 -13.16 10.23
CA SER D 259 -19.13 -14.46 10.65
CA SER D 259 -19.18 -14.43 10.67
C SER D 259 -20.16 -14.99 9.66
N VAL D 260 -20.91 -14.09 9.00
CA VAL D 260 -21.83 -14.46 7.96
C VAL D 260 -21.08 -14.95 6.70
N PHE D 261 -20.07 -14.21 6.36
CA PHE D 261 -19.19 -14.56 5.23
C PHE D 261 -18.64 -15.95 5.48
N ASP D 262 -18.16 -16.21 6.71
CA ASP D 262 -17.57 -17.55 6.94
C ASP D 262 -18.54 -18.68 6.69
N THR D 263 -19.76 -18.52 7.19
CA THR D 263 -20.80 -19.54 7.02
C THR D 263 -21.23 -19.74 5.56
N LEU D 264 -21.45 -18.64 4.83
CA LEU D 264 -21.82 -18.70 3.45
C LEU D 264 -20.68 -19.21 2.54
N ALA D 265 -19.44 -18.87 2.87
CA ALA D 265 -18.30 -19.48 2.13
C ALA D 265 -18.28 -21.02 2.21
N THR D 266 -18.55 -21.56 3.42
CA THR D 266 -18.71 -22.98 3.57
C THR D 266 -19.87 -23.47 2.78
N ALA D 267 -21.00 -22.86 2.94
CA ALA D 267 -22.22 -23.32 2.24
C ALA D 267 -22.09 -23.35 0.70
N ALA D 268 -21.49 -22.33 0.13
CA ALA D 268 -21.31 -22.31 -1.32
C ALA D 268 -20.42 -23.45 -1.84
N LYS D 269 -19.53 -24.02 -1.03
CA LYS D 269 -18.70 -25.13 -1.49
C LYS D 269 -19.29 -26.44 -0.99
N THR D 270 -20.47 -26.39 -0.36
CA THR D 270 -21.06 -27.58 0.26
C THR D 270 -22.54 -27.75 -0.19
N GLY D 271 -22.79 -27.48 -1.49
CA GLY D 271 -24.12 -27.65 -2.07
C GLY D 271 -25.20 -26.56 -1.97
N THR D 272 -24.89 -25.36 -1.49
CA THR D 272 -25.91 -24.32 -1.38
C THR D 272 -25.52 -23.23 -2.38
N ALA D 273 -26.46 -22.72 -3.16
CA ALA D 273 -26.20 -21.55 -4.00
C ALA D 273 -26.25 -20.31 -3.11
N VAL D 274 -25.30 -19.40 -3.27
CA VAL D 274 -25.24 -18.21 -2.44
C VAL D 274 -25.22 -16.99 -3.37
N VAL D 275 -26.22 -16.13 -3.21
CA VAL D 275 -26.30 -14.88 -4.00
C VAL D 275 -26.05 -13.71 -3.05
N ARG D 276 -25.09 -12.83 -3.39
CA ARG D 276 -24.94 -11.59 -2.68
C ARG D 276 -25.87 -10.52 -3.34
N SER D 277 -26.76 -9.98 -2.54
CA SER D 277 -27.55 -8.81 -2.83
C SER D 277 -27.21 -7.76 -1.75
N SER D 278 -28.04 -6.74 -1.66
CA SER D 278 -27.80 -5.63 -0.78
C SER D 278 -29.07 -5.16 -0.07
N ARG D 279 -28.96 -4.83 1.26
CA ARG D 279 -30.03 -4.11 1.93
C ARG D 279 -30.24 -2.66 1.45
N VAL D 280 -29.27 -2.12 0.69
CA VAL D 280 -29.27 -0.77 0.27
C VAL D 280 -30.29 -0.67 -0.88
N PRO D 281 -31.12 0.36 -0.87
CA PRO D 281 -32.37 0.27 -1.64
C PRO D 281 -32.27 0.45 -3.14
N THR D 282 -31.20 1.06 -3.63
CA THR D 282 -30.99 1.25 -5.02
C THR D 282 -29.56 0.90 -5.34
N GLY D 283 -29.36 0.60 -6.61
CA GLY D 283 -28.01 0.35 -7.14
C GLY D 283 -27.71 -1.16 -7.16
N ALA D 284 -26.75 -1.52 -8.01
CA ALA D 284 -26.35 -2.93 -8.20
C ALA D 284 -25.41 -3.44 -7.11
N THR D 285 -25.59 -4.70 -6.70
CA THR D 285 -24.47 -5.46 -6.16
C THR D 285 -23.59 -6.00 -7.25
N THR D 286 -22.35 -5.51 -7.30
CA THR D 286 -21.50 -5.73 -8.48
C THR D 286 -20.44 -6.77 -8.18
N GLN D 287 -19.88 -7.28 -9.25
CA GLN D 287 -18.63 -8.02 -9.14
C GLN D 287 -17.52 -7.00 -9.07
N ASP D 288 -16.29 -7.45 -8.88
CA ASP D 288 -15.09 -6.60 -8.96
C ASP D 288 -15.05 -5.42 -8.00
N ALA D 289 -15.61 -5.64 -6.80
CA ALA D 289 -15.45 -4.64 -5.75
C ALA D 289 -14.56 -5.23 -4.68
N GLU D 290 -15.08 -5.59 -3.54
CA GLU D 290 -14.26 -6.18 -2.48
C GLU D 290 -14.39 -7.74 -2.35
N VAL D 291 -15.37 -8.37 -2.98
CA VAL D 291 -15.56 -9.80 -2.89
C VAL D 291 -15.26 -10.47 -4.21
N ASP D 292 -14.34 -11.44 -4.14
CA ASP D 292 -14.03 -12.26 -5.31
C ASP D 292 -15.05 -13.40 -5.41
N ASP D 293 -16.13 -13.15 -6.13
CA ASP D 293 -17.23 -14.11 -6.20
C ASP D 293 -16.83 -15.47 -6.78
N ALA D 294 -16.00 -15.48 -7.84
CA ALA D 294 -15.52 -16.74 -8.48
C ALA D 294 -14.74 -17.57 -7.46
N LYS D 295 -13.86 -16.93 -6.67
CA LYS D 295 -13.12 -17.61 -5.60
C LYS D 295 -14.04 -18.28 -4.56
N TYR D 296 -15.05 -17.58 -4.11
CA TYR D 296 -16.02 -18.19 -3.19
C TYR D 296 -17.18 -18.99 -3.76
N GLY D 297 -17.39 -18.99 -5.05
CA GLY D 297 -18.51 -19.67 -5.66
C GLY D 297 -19.81 -18.93 -5.44
N PHE D 298 -19.76 -17.60 -5.31
CA PHE D 298 -20.94 -16.80 -5.06
C PHE D 298 -21.48 -16.23 -6.38
N VAL D 299 -22.72 -15.76 -6.35
CA VAL D 299 -23.31 -15.01 -7.47
C VAL D 299 -23.63 -13.60 -6.99
N ALA D 300 -23.31 -12.57 -7.80
CA ALA D 300 -23.69 -11.18 -7.54
C ALA D 300 -25.10 -10.90 -8.14
N SER D 301 -25.97 -10.24 -7.38
CA SER D 301 -27.32 -10.09 -7.78
C SER D 301 -27.62 -8.93 -8.77
N GLY D 302 -26.66 -8.07 -9.02
CA GLY D 302 -26.95 -6.89 -9.79
C GLY D 302 -27.94 -5.98 -9.03
N THR D 303 -28.86 -5.38 -9.77
CA THR D 303 -29.88 -4.52 -9.20
C THR D 303 -31.01 -5.23 -8.47
N LEU D 304 -31.06 -6.56 -8.55
CA LEU D 304 -32.08 -7.30 -7.80
C LEU D 304 -31.85 -7.18 -6.32
N ASN D 305 -32.83 -6.61 -5.63
CA ASN D 305 -32.82 -6.56 -4.18
C ASN D 305 -33.01 -7.98 -3.58
N PRO D 306 -32.88 -8.13 -2.25
CA PRO D 306 -32.80 -9.48 -1.73
C PRO D 306 -34.03 -10.37 -2.03
N GLN D 307 -35.23 -9.81 -1.90
CA GLN D 307 -36.44 -10.54 -2.16
C GLN D 307 -36.65 -10.82 -3.69
N LYS D 308 -36.20 -9.91 -4.56
CA LYS D 308 -36.20 -10.18 -5.99
C LYS D 308 -35.12 -11.21 -6.38
N ALA D 309 -33.99 -11.11 -5.72
CA ALA D 309 -32.94 -12.07 -5.94
C ALA D 309 -33.36 -13.46 -5.54
N ARG D 310 -34.16 -13.60 -4.49
CA ARG D 310 -34.67 -14.88 -4.09
C ARG D 310 -35.54 -15.49 -5.22
N VAL D 311 -36.43 -14.68 -5.80
CA VAL D 311 -37.31 -15.08 -6.89
C VAL D 311 -36.48 -15.76 -7.99
N LEU D 312 -35.46 -15.03 -8.42
CA LEU D 312 -34.66 -15.47 -9.53
C LEU D 312 -33.78 -16.66 -9.16
N LEU D 313 -33.22 -16.69 -7.96
CA LEU D 313 -32.49 -17.86 -7.54
C LEU D 313 -33.35 -19.14 -7.45
N GLN D 314 -34.56 -19.04 -6.93
CA GLN D 314 -35.42 -20.21 -6.84
C GLN D 314 -35.60 -20.76 -8.28
N LEU D 315 -35.85 -19.86 -9.21
CA LEU D 315 -36.10 -20.29 -10.60
C LEU D 315 -34.83 -20.77 -11.25
N ALA D 316 -33.72 -20.10 -11.01
CA ALA D 316 -32.43 -20.63 -11.54
C ALA D 316 -32.20 -22.07 -11.08
N LEU D 317 -32.54 -22.32 -9.81
CA LEU D 317 -32.34 -23.65 -9.19
C LEU D 317 -33.25 -24.72 -9.72
N THR D 318 -34.31 -24.36 -10.45
CA THR D 318 -35.07 -25.39 -11.18
C THR D 318 -34.33 -25.85 -12.43
N GLN D 319 -33.36 -25.04 -12.91
CA GLN D 319 -32.64 -25.32 -14.13
C GLN D 319 -31.23 -25.87 -13.86
N THR D 320 -30.52 -25.34 -12.85
CA THR D 320 -29.09 -25.63 -12.65
C THR D 320 -28.68 -25.33 -11.21
N LYS D 321 -27.65 -26.04 -10.74
CA LYS D 321 -27.00 -25.78 -9.45
C LYS D 321 -25.60 -25.21 -9.64
N ASP D 322 -25.15 -25.00 -10.88
CA ASP D 322 -23.79 -24.59 -11.16
C ASP D 322 -23.67 -23.08 -10.96
N PRO D 323 -22.80 -22.61 -10.09
CA PRO D 323 -22.79 -21.22 -9.84
C PRO D 323 -22.42 -20.33 -11.03
N GLN D 324 -21.60 -20.82 -11.95
CA GLN D 324 -21.33 -20.06 -13.18
C GLN D 324 -22.60 -19.88 -13.99
N GLN D 325 -23.41 -20.94 -14.06
CA GLN D 325 -24.63 -20.89 -14.86
C GLN D 325 -25.67 -20.00 -14.18
N ILE D 326 -25.66 -19.99 -12.85
CA ILE D 326 -26.56 -19.13 -12.11
C ILE D 326 -26.16 -17.65 -12.33
N GLN D 327 -24.86 -17.34 -12.32
CA GLN D 327 -24.42 -15.97 -12.57
C GLN D 327 -24.86 -15.45 -13.94
N GLN D 328 -24.75 -16.29 -14.95
CA GLN D 328 -25.27 -16.01 -16.31
C GLN D 328 -26.78 -15.71 -16.30
N ILE D 329 -27.54 -16.49 -15.56
CA ILE D 329 -28.92 -16.24 -15.35
C ILE D 329 -29.16 -14.84 -14.75
N PHE D 330 -28.37 -14.53 -13.76
CA PHE D 330 -28.45 -13.22 -13.08
C PHE D 330 -27.95 -12.06 -13.95
N ASN D 331 -27.26 -12.36 -15.02
CA ASN D 331 -26.86 -11.35 -15.97
C ASN D 331 -27.87 -11.20 -17.12
N GLN D 332 -28.89 -12.08 -17.23
CA GLN D 332 -29.79 -12.06 -18.42
C GLN D 332 -31.25 -11.74 -18.10
N TYR D 333 -31.69 -12.00 -16.89
CA TYR D 333 -33.09 -11.94 -16.49
C TYR D 333 -33.21 -10.98 -15.31
N1 IMD E . 4.07 -2.65 -27.27
C2 IMD E . 5.15 -2.70 -26.46
N3 IMD E . 5.81 -3.86 -26.67
C4 IMD E . 5.13 -4.58 -27.61
C5 IMD E . 4.03 -3.81 -27.98
C1 GOL F . 60.98 5.29 4.82
O1 GOL F . 61.34 5.66 6.14
C2 GOL F . 60.39 3.87 4.82
O2 GOL F . 59.52 3.76 5.95
C3 GOL F . 59.70 3.59 3.49
O3 GOL F . 58.93 2.39 3.40
C1 GOL G . -46.43 0.06 24.32
O1 GOL G . -47.27 0.85 25.15
C2 GOL G . -46.95 -1.36 24.20
O2 GOL G . -47.70 -1.41 22.98
C3 GOL G . -45.79 -2.36 24.18
O3 GOL G . -46.15 -3.63 23.62
C1 GOL H . -15.53 -6.07 34.70
C1 GOL H . -13.75 -14.03 4.84
O1 GOL H . -15.75 -4.72 34.30
O1 GOL H . -13.31 -12.97 3.97
C2 GOL H . -16.67 -6.60 35.54
C2 GOL H . -13.62 -15.36 4.11
O2 GOL H . -17.54 -7.38 34.73
O2 GOL H . -12.38 -15.88 4.54
C3 GOL H . -16.09 -7.48 36.65
C3 GOL H . -14.77 -16.29 4.47
O3 GOL H . -17.12 -8.00 37.52
O3 GOL H . -14.33 -17.34 5.34
C1 GOL I . -38.92 -25.79 7.96
O1 GOL I . -39.66 -26.32 9.06
C2 GOL I . -39.80 -24.88 7.11
O2 GOL I . -41.13 -24.79 7.64
C3 GOL I . -39.18 -23.47 7.02
O3 GOL I . -37.96 -23.51 6.29
C1 GOL J . -38.28 8.47 -11.44
O1 GOL J . -39.60 8.86 -11.78
C2 GOL J . -38.09 6.95 -11.22
O2 GOL J . -36.74 6.57 -11.64
C3 GOL J . -38.24 6.49 -9.78
C1 GOL K . -59.52 -9.25 -0.51
O1 GOL K . -58.64 -8.16 -0.23
C2 GOL K . -59.64 -9.60 -2.02
O2 GOL K . -59.17 -10.93 -2.24
C3 GOL K . -61.06 -9.49 -2.59
O3 GOL K . -61.15 -9.28 -4.01
C1 GOL L . -19.81 -17.15 -11.74
O1 GOL L . -18.83 -17.71 -12.61
C2 GOL L . -19.25 -16.81 -10.38
O2 GOL L . -19.82 -15.47 -10.04
C3 GOL L . -19.51 -17.98 -9.41
N1 IMD M . -64.51 -11.19 -20.15
C2 IMD M . -63.39 -11.04 -19.42
N3 IMD M . -62.56 -12.09 -19.64
C4 IMD M . -63.19 -12.93 -20.52
C5 IMD M . -64.42 -12.36 -20.84
#